data_2ZRX
#
_entry.id   2ZRX
#
_cell.length_a   101.071
_cell.length_b   101.071
_cell.length_c   333.430
_cell.angle_alpha   90.00
_cell.angle_beta   90.00
_cell.angle_gamma   90.00
#
_symmetry.space_group_name_H-M   'P 43 21 2'
#
loop_
_entity.id
_entity.type
_entity.pdbx_description
1 polymer 'Isopentenyl-diphosphate delta-isomerase'
2 non-polymer 'FLAVIN MONONUCLEOTIDE'
3 non-polymer 'DIMETHYLALLYL DIPHOSPHATE'
4 non-polymer 'MAGNESIUM ION'
5 water water
#
_entity_poly.entity_id   1
_entity_poly.type   'polypeptide(L)'
_entity_poly.pdbx_seq_one_letter_code
;MPDIVNRKVEHVEIAAFENVDGLSSSTFLNDVILVHQGFPGISFSEINTKTKFFRKEISVPVMVTGMTGGRNELGRINKI
IAEVAEKFGIPMGVGSQRVAIEKAEARESFAIVRKVAPTIPIIANLGMPQLVKGYGLKEFQDAIQMIEADAIAVHLNPAQ
EVFQPEGEPEYQIYALEKLRDISKELSVPIIVKESGNGISMETAKLLYSYGIKNFDTSGQGGTNWIAIEMIRDIRRGNWK
AESAKNFLDWGVPTAASIMEVRYSVPDSFLVGSGGIRSGLDAAKAIALGADIAGMALPVLKSAIEGKESLEQFFRKIIFE
LKAAMMLTGSKDVDALKKTSIVILGKLKEWAEYRGINLSIYEKVRKRE
;
_entity_poly.pdbx_strand_id   A,B,C,D
#
loop_
_chem_comp.id
_chem_comp.type
_chem_comp.name
_chem_comp.formula
DMA non-polymer 'DIMETHYLALLYL DIPHOSPHATE' 'C5 H12 O7 P2'
FMN non-polymer 'FLAVIN MONONUCLEOTIDE' 'C17 H21 N4 O9 P'
MG non-polymer 'MAGNESIUM ION' 'Mg 2'
#
# COMPACT_ATOMS: atom_id res chain seq x y z
N ASP A 3 -14.03 -6.50 -45.85
CA ASP A 3 -14.25 -6.72 -44.38
C ASP A 3 -12.97 -6.52 -43.51
N ILE A 4 -11.98 -5.84 -44.07
CA ILE A 4 -11.07 -5.06 -43.24
C ILE A 4 -11.90 -3.85 -42.75
N VAL A 5 -12.95 -3.52 -43.53
CA VAL A 5 -13.98 -2.55 -43.12
C VAL A 5 -14.93 -3.12 -42.04
N ASN A 6 -15.08 -4.44 -42.00
CA ASN A 6 -15.84 -5.09 -40.94
C ASN A 6 -15.13 -4.95 -39.59
N ARG A 7 -13.81 -5.13 -39.59
CA ARG A 7 -12.99 -4.88 -38.41
C ARG A 7 -13.16 -3.42 -37.94
N LYS A 8 -13.20 -2.48 -38.88
CA LYS A 8 -13.47 -1.07 -38.59
C LYS A 8 -14.79 -0.85 -37.86
N VAL A 9 -15.89 -1.47 -38.33
CA VAL A 9 -17.14 -1.31 -37.57
C VAL A 9 -17.09 -2.05 -36.22
N GLU A 10 -16.52 -3.25 -36.19
CA GLU A 10 -16.37 -4.01 -34.94
C GLU A 10 -15.57 -3.28 -33.88
N HIS A 11 -14.50 -2.58 -34.28
CA HIS A 11 -13.73 -1.76 -33.36
C HIS A 11 -14.61 -0.69 -32.72
N VAL A 12 -15.32 0.08 -33.54
CA VAL A 12 -16.20 1.11 -33.01
C VAL A 12 -17.27 0.53 -32.10
N GLU A 13 -17.88 -0.56 -32.57
CA GLU A 13 -18.99 -1.20 -31.90
C GLU A 13 -18.65 -1.78 -30.52
N ILE A 14 -17.47 -2.40 -30.40
CA ILE A 14 -16.97 -2.88 -29.12
C ILE A 14 -16.51 -1.73 -28.23
N ALA A 15 -15.63 -0.87 -28.76
CA ALA A 15 -15.11 0.27 -28.00
C ALA A 15 -16.24 1.07 -27.40
N ALA A 16 -17.25 1.38 -28.21
CA ALA A 16 -18.35 2.23 -27.78
C ALA A 16 -19.31 1.57 -26.80
N PHE A 17 -19.61 0.29 -27.03
CA PHE A 17 -20.70 -0.35 -26.31
C PHE A 17 -20.29 -1.49 -25.40
N GLU A 18 -19.01 -1.86 -25.40
CA GLU A 18 -18.57 -2.94 -24.52
C GLU A 18 -17.58 -2.52 -23.45
N ASN A 19 -17.33 -3.42 -22.50
CA ASN A 19 -16.58 -3.02 -21.34
C ASN A 19 -15.07 -3.11 -21.54
N VAL A 20 -14.48 -2.08 -22.15
CA VAL A 20 -13.04 -2.09 -22.47
C VAL A 20 -12.24 -0.85 -22.01
N ASP A 21 -12.93 0.16 -21.47
CA ASP A 21 -12.29 1.39 -21.00
C ASP A 21 -11.59 1.17 -19.67
N GLY A 22 -10.26 1.07 -19.70
CA GLY A 22 -9.48 0.83 -18.49
C GLY A 22 -9.58 -0.55 -17.84
N LEU A 23 -10.07 -1.53 -18.60
CA LEU A 23 -10.25 -2.91 -18.17
C LEU A 23 -8.96 -3.55 -17.69
N SER A 24 -8.85 -3.76 -16.37
CA SER A 24 -7.63 -4.29 -15.75
C SER A 24 -6.37 -3.47 -16.03
N SER A 25 -6.54 -2.24 -16.46
CA SER A 25 -5.42 -1.37 -16.73
C SER A 25 -5.50 -0.14 -15.86
N SER A 26 -4.44 0.66 -15.85
CA SER A 26 -4.41 1.85 -15.05
C SER A 26 -3.55 2.95 -15.68
N THR A 27 -4.01 4.19 -15.60
CA THR A 27 -3.25 5.31 -16.11
C THR A 27 -2.10 5.72 -15.19
N PHE A 28 -2.20 5.36 -13.91
CA PHE A 28 -1.29 5.82 -12.85
C PHE A 28 -1.49 7.30 -12.56
N LEU A 29 -2.52 7.92 -13.17
CA LEU A 29 -2.78 9.36 -13.00
C LEU A 29 -3.27 9.67 -11.59
N ASN A 30 -3.92 8.67 -11.01
CA ASN A 30 -4.09 8.56 -9.59
C ASN A 30 -2.94 9.01 -8.72
N ASP A 31 -1.72 8.69 -9.13
CA ASP A 31 -0.54 8.96 -8.35
C ASP A 31 0.00 10.35 -8.62
N VAL A 32 -0.73 11.13 -9.41
CA VAL A 32 -0.32 12.49 -9.71
C VAL A 32 -1.29 13.43 -9.03
N ILE A 33 -0.74 14.35 -8.25
CA ILE A 33 -1.54 15.34 -7.55
C ILE A 33 -1.09 16.77 -7.85
N LEU A 34 -2.02 17.57 -8.37
CA LEU A 34 -1.78 18.97 -8.58
C LEU A 34 -1.97 19.69 -7.23
N VAL A 35 -0.95 20.45 -6.83
CA VAL A 35 -0.98 21.12 -5.55
C VAL A 35 -1.94 22.32 -5.59
N HIS A 36 -2.95 22.28 -4.74
CA HIS A 36 -3.93 23.35 -4.66
C HIS A 36 -3.31 24.67 -4.20
N GLN A 37 -3.70 25.78 -4.84
CA GLN A 37 -3.28 27.11 -4.39
C GLN A 37 -4.45 27.95 -3.89
N GLY A 38 -4.62 28.04 -2.58
CA GLY A 38 -5.73 28.76 -1.96
C GLY A 38 -5.80 30.20 -2.37
N PHE A 39 -4.65 30.80 -2.65
CA PHE A 39 -4.58 32.09 -3.34
C PHE A 39 -3.97 31.95 -4.73
N PRO A 40 -4.82 31.74 -5.75
CA PRO A 40 -4.38 31.54 -7.14
C PRO A 40 -3.59 32.70 -7.75
N GLY A 41 -4.02 33.94 -7.53
CA GLY A 41 -3.28 35.09 -8.04
C GLY A 41 -3.78 35.55 -9.38
N ILE A 42 -4.88 34.94 -9.81
CA ILE A 42 -5.51 35.22 -11.10
C ILE A 42 -7.02 35.17 -10.94
N SER A 43 -7.72 35.71 -11.91
CA SER A 43 -9.18 35.62 -11.99
C SER A 43 -9.53 34.52 -13.00
N PHE A 44 -10.65 33.82 -12.80
CA PHE A 44 -11.03 32.70 -13.70
C PHE A 44 -11.17 33.13 -15.17
N SER A 45 -11.70 34.34 -15.35
CA SER A 45 -11.99 34.88 -16.66
C SER A 45 -10.74 35.30 -17.44
N GLU A 46 -9.65 35.61 -16.75
CA GLU A 46 -8.42 35.91 -17.47
C GLU A 46 -7.54 34.69 -17.82
N ILE A 47 -7.99 33.47 -17.50
CA ILE A 47 -7.23 32.27 -17.85
C ILE A 47 -7.23 32.08 -19.38
N ASN A 48 -6.04 31.90 -19.94
CA ASN A 48 -5.87 31.73 -21.38
C ASN A 48 -5.44 30.31 -21.80
N THR A 49 -6.33 29.57 -22.44
CA THR A 49 -6.07 28.16 -22.71
C THR A 49 -5.42 27.94 -24.07
N LYS A 50 -5.06 29.02 -24.75
CA LYS A 50 -4.48 28.92 -26.10
C LYS A 50 -3.11 28.25 -26.08
N THR A 51 -2.78 27.53 -27.14
CA THR A 51 -1.46 26.95 -27.30
C THR A 51 -1.17 26.64 -28.76
N LYS A 52 0.09 26.46 -29.13
CA LYS A 52 0.44 26.15 -30.53
C LYS A 52 0.43 24.65 -30.83
N PHE A 53 0.02 24.32 -32.06
CA PHE A 53 0.01 22.95 -32.57
C PHE A 53 0.67 22.95 -33.94
N PHE A 54 1.96 22.66 -33.95
CA PHE A 54 2.80 22.91 -35.12
C PHE A 54 2.63 24.34 -35.64
N ARG A 55 2.16 24.50 -36.87
CA ARG A 55 2.11 25.83 -37.48
C ARG A 55 0.87 26.62 -37.12
N LYS A 56 -0.16 25.95 -36.63
CA LYS A 56 -1.43 26.61 -36.26
C LYS A 56 -1.49 26.95 -34.76
N GLU A 57 -2.51 27.69 -34.35
CA GLU A 57 -2.79 27.90 -32.95
C GLU A 57 -4.13 27.25 -32.62
N ILE A 58 -4.21 26.60 -31.46
CA ILE A 58 -5.46 25.94 -31.08
C ILE A 58 -6.03 26.58 -29.81
N SER A 59 -7.35 26.45 -29.63
CA SER A 59 -8.06 27.09 -28.52
C SER A 59 -7.74 26.48 -27.17
N VAL A 60 -7.53 25.16 -27.17
CA VAL A 60 -7.42 24.37 -25.94
C VAL A 60 -6.22 23.39 -26.10
N PRO A 61 -5.47 23.08 -25.02
CA PRO A 61 -4.36 22.15 -25.21
C PRO A 61 -4.83 20.72 -25.20
N VAL A 62 -5.86 20.44 -25.99
CA VAL A 62 -6.48 19.13 -26.08
C VAL A 62 -6.64 18.74 -27.54
N MET A 63 -6.33 17.49 -27.91
CA MET A 63 -6.72 16.99 -29.22
C MET A 63 -7.60 15.74 -29.15
N VAL A 64 -8.49 15.58 -30.14
CA VAL A 64 -9.14 14.28 -30.42
C VAL A 64 -8.17 13.44 -31.25
N THR A 65 -7.77 12.27 -30.76
CA THR A 65 -6.83 11.42 -31.49
C THR A 65 -7.60 10.50 -32.41
N GLY A 66 -6.87 9.89 -33.34
CA GLY A 66 -7.47 9.14 -34.43
C GLY A 66 -8.36 8.01 -33.98
N MET A 67 -9.43 7.79 -34.72
CA MET A 67 -10.37 6.74 -34.35
C MET A 67 -10.92 5.90 -35.49
N THR A 68 -11.57 6.53 -36.46
CA THR A 68 -12.32 5.72 -37.42
C THR A 68 -12.50 6.32 -38.82
N GLY A 69 -13.23 5.60 -39.66
CA GLY A 69 -13.43 5.91 -41.08
C GLY A 69 -13.39 4.60 -41.86
N GLY A 70 -13.82 4.64 -43.11
CA GLY A 70 -13.88 3.45 -43.97
C GLY A 70 -15.27 2.98 -44.39
N ARG A 71 -16.30 3.73 -43.99
CA ARG A 71 -17.71 3.42 -44.28
C ARG A 71 -18.63 4.59 -43.92
N ASN A 72 -19.90 4.47 -44.28
CA ASN A 72 -20.87 5.56 -44.08
C ASN A 72 -21.10 5.98 -42.65
N GLU A 73 -21.63 5.08 -41.82
CA GLU A 73 -21.92 5.43 -40.44
C GLU A 73 -20.63 5.81 -39.71
N LEU A 74 -19.50 5.34 -40.23
CA LEU A 74 -18.19 5.70 -39.71
C LEU A 74 -17.80 7.15 -40.08
N GLY A 75 -18.00 7.50 -41.34
CA GLY A 75 -17.84 8.87 -41.80
C GLY A 75 -18.79 9.91 -41.18
N ARG A 76 -20.03 9.55 -40.90
CA ARG A 76 -20.96 10.52 -40.33
C ARG A 76 -20.62 10.77 -38.86
N ILE A 77 -19.92 9.81 -38.22
CA ILE A 77 -19.29 10.06 -36.92
C ILE A 77 -18.15 11.06 -37.10
N ASN A 78 -17.21 10.77 -37.99
CA ASN A 78 -16.11 11.69 -38.28
C ASN A 78 -16.59 13.10 -38.59
N LYS A 79 -17.75 13.21 -39.20
CA LYS A 79 -18.36 14.49 -39.55
C LYS A 79 -18.74 15.23 -38.27
N ILE A 80 -19.50 14.55 -37.39
CA ILE A 80 -19.93 15.14 -36.12
C ILE A 80 -18.71 15.62 -35.31
N ILE A 81 -17.71 14.74 -35.16
CA ILE A 81 -16.49 15.08 -34.42
C ILE A 81 -15.83 16.31 -35.03
N ALA A 82 -15.53 16.23 -36.33
CA ALA A 82 -14.84 17.31 -37.01
C ALA A 82 -15.58 18.63 -36.92
N GLU A 83 -16.89 18.63 -37.12
CA GLU A 83 -17.59 19.91 -37.12
C GLU A 83 -17.60 20.53 -35.73
N VAL A 84 -17.69 19.68 -34.69
CA VAL A 84 -17.55 20.16 -33.33
C VAL A 84 -16.11 20.56 -32.99
N ALA A 85 -15.15 19.76 -33.39
CA ALA A 85 -13.74 20.09 -33.18
C ALA A 85 -13.45 21.47 -33.74
N GLU A 86 -13.97 21.74 -34.93
CA GLU A 86 -13.81 23.01 -35.64
C GLU A 86 -14.33 24.14 -34.78
N LYS A 87 -15.58 24.01 -34.38
CA LYS A 87 -16.26 24.97 -33.53
C LYS A 87 -15.46 25.32 -32.27
N PHE A 88 -14.78 24.35 -31.68
CA PHE A 88 -14.01 24.55 -30.44
C PHE A 88 -12.52 24.87 -30.66
N GLY A 89 -12.10 24.87 -31.92
CA GLY A 89 -10.71 25.17 -32.26
C GLY A 89 -9.74 24.14 -31.71
N ILE A 90 -10.15 22.87 -31.68
CA ILE A 90 -9.28 21.78 -31.21
C ILE A 90 -8.92 20.77 -32.31
N PRO A 91 -7.65 20.37 -32.37
CA PRO A 91 -7.20 19.52 -33.48
C PRO A 91 -7.79 18.11 -33.45
N MET A 92 -7.90 17.50 -34.62
CA MET A 92 -8.49 16.17 -34.76
C MET A 92 -7.64 15.27 -35.68
N GLY A 93 -7.33 14.08 -35.17
CA GLY A 93 -6.73 13.02 -35.96
C GLY A 93 -7.85 12.18 -36.50
N VAL A 94 -7.59 11.47 -37.59
CA VAL A 94 -8.57 10.55 -38.15
C VAL A 94 -8.07 9.14 -37.89
N GLY A 95 -8.97 8.17 -38.02
CA GLY A 95 -8.63 6.75 -37.95
C GLY A 95 -7.64 6.34 -39.04
N SER A 96 -7.17 5.11 -38.98
CA SER A 96 -6.25 4.61 -40.00
C SER A 96 -6.80 4.77 -41.40
N GLN A 97 -5.99 5.34 -42.28
CA GLN A 97 -6.40 5.54 -43.66
C GLN A 97 -6.06 4.38 -44.60
N ARG A 98 -5.54 3.29 -44.05
CA ARG A 98 -5.27 2.07 -44.81
C ARG A 98 -6.48 1.72 -45.68
N VAL A 99 -7.62 1.53 -45.04
CA VAL A 99 -8.88 1.16 -45.70
C VAL A 99 -9.27 2.06 -46.91
N ALA A 100 -8.88 3.32 -46.84
CA ALA A 100 -9.14 4.28 -47.91
C ALA A 100 -8.11 4.17 -49.02
N ILE A 101 -6.91 3.69 -48.69
CA ILE A 101 -5.88 3.43 -49.69
C ILE A 101 -6.28 2.18 -50.52
N GLU A 102 -6.79 1.15 -49.81
CA GLU A 102 -7.24 -0.11 -50.40
C GLU A 102 -8.57 -0.06 -51.18
N LYS A 103 -9.48 0.81 -50.76
CA LYS A 103 -10.82 0.88 -51.39
C LYS A 103 -11.22 2.33 -51.56
N ALA A 104 -11.46 2.76 -52.80
CA ALA A 104 -11.85 4.14 -53.09
C ALA A 104 -13.21 4.61 -52.51
N GLU A 105 -14.13 3.68 -52.21
CA GLU A 105 -15.44 4.03 -51.58
C GLU A 105 -15.29 4.60 -50.17
N ALA A 106 -14.29 4.13 -49.44
CA ALA A 106 -13.99 4.60 -48.08
C ALA A 106 -13.34 5.99 -48.03
N ARG A 107 -12.81 6.47 -49.16
CA ARG A 107 -12.14 7.78 -49.24
C ARG A 107 -13.04 8.94 -48.81
N GLU A 108 -14.34 8.83 -49.03
CA GLU A 108 -15.28 9.88 -48.66
C GLU A 108 -15.38 10.07 -47.13
N SER A 109 -15.52 8.97 -46.39
CA SER A 109 -15.59 9.02 -44.92
C SER A 109 -14.38 9.71 -44.23
N PHE A 110 -13.29 9.93 -44.97
CA PHE A 110 -12.17 10.71 -44.45
C PHE A 110 -12.18 12.11 -45.02
N ALA A 111 -12.45 12.26 -46.32
CA ALA A 111 -12.43 13.58 -46.97
C ALA A 111 -13.45 14.58 -46.40
N ILE A 112 -14.54 14.06 -45.81
CA ILE A 112 -15.60 14.88 -45.18
C ILE A 112 -15.06 15.80 -44.08
N VAL A 113 -14.11 15.28 -43.32
CA VAL A 113 -13.46 15.97 -42.22
C VAL A 113 -12.95 17.37 -42.63
N ARG A 114 -12.19 17.48 -43.70
CA ARG A 114 -11.67 18.79 -44.12
C ARG A 114 -12.78 19.70 -44.70
N LYS A 115 -13.81 19.07 -45.28
CA LYS A 115 -14.97 19.80 -45.79
C LYS A 115 -15.57 20.63 -44.65
N VAL A 116 -15.85 19.94 -43.54
CA VAL A 116 -16.61 20.51 -42.44
C VAL A 116 -15.72 21.17 -41.36
N ALA A 117 -14.41 20.95 -41.46
CA ALA A 117 -13.45 21.55 -40.54
C ALA A 117 -12.29 22.18 -41.30
N PRO A 118 -12.53 23.35 -41.91
CA PRO A 118 -11.51 23.98 -42.76
C PRO A 118 -10.29 24.58 -42.05
N THR A 119 -10.41 24.95 -40.79
CA THR A 119 -9.32 25.74 -40.18
C THR A 119 -8.43 25.04 -39.17
N ILE A 120 -8.97 24.08 -38.41
CA ILE A 120 -8.23 23.36 -37.34
C ILE A 120 -7.17 22.41 -37.90
N PRO A 121 -6.12 22.09 -37.10
CA PRO A 121 -5.18 21.05 -37.55
C PRO A 121 -5.87 19.69 -37.68
N ILE A 122 -5.73 19.06 -38.84
CA ILE A 122 -6.24 17.70 -39.03
C ILE A 122 -5.02 16.80 -39.21
N ILE A 123 -5.06 15.62 -38.58
CA ILE A 123 -3.91 14.75 -38.56
C ILE A 123 -4.23 13.40 -39.21
N ALA A 124 -3.45 13.07 -40.24
CA ALA A 124 -3.56 11.78 -40.92
C ALA A 124 -3.07 10.62 -40.05
N ASN A 125 -3.31 9.40 -40.52
CA ASN A 125 -3.07 8.19 -39.74
C ASN A 125 -2.80 6.98 -40.65
N LEU A 126 -1.62 6.41 -40.52
CA LEU A 126 -1.32 5.13 -41.13
C LEU A 126 -0.62 4.25 -40.11
N GLY A 127 -0.70 2.94 -40.31
CA GLY A 127 -0.09 2.02 -39.38
C GLY A 127 1.33 1.68 -39.74
N MET A 128 2.20 1.68 -38.72
CA MET A 128 3.57 1.20 -38.85
C MET A 128 3.76 -0.15 -39.60
N PRO A 129 2.87 -1.16 -39.37
CA PRO A 129 3.11 -2.43 -40.09
C PRO A 129 3.12 -2.23 -41.60
N GLN A 130 2.28 -1.31 -42.10
CA GLN A 130 2.16 -1.04 -43.53
C GLN A 130 3.47 -0.55 -44.13
N LEU A 131 4.35 0.04 -43.31
CA LEU A 131 5.68 0.44 -43.77
C LEU A 131 6.59 -0.73 -44.11
N VAL A 132 6.36 -1.88 -43.48
CA VAL A 132 7.12 -3.09 -43.83
C VAL A 132 6.44 -3.80 -45.00
N LYS A 133 5.15 -3.54 -45.21
CA LYS A 133 4.34 -4.20 -46.24
C LYS A 133 4.11 -3.32 -47.47
N GLY A 134 5.15 -2.56 -47.84
CA GLY A 134 5.18 -1.82 -49.09
C GLY A 134 4.46 -0.49 -49.21
N TYR A 135 4.25 0.22 -48.12
CA TYR A 135 3.78 1.59 -48.21
C TYR A 135 5.00 2.50 -48.24
N GLY A 136 4.84 3.70 -48.80
CA GLY A 136 5.96 4.64 -48.92
C GLY A 136 5.52 6.05 -49.14
N LEU A 137 6.45 6.86 -49.63
CA LEU A 137 6.19 8.25 -49.89
C LEU A 137 4.80 8.53 -50.45
N LYS A 138 4.35 7.74 -51.42
CA LYS A 138 3.12 8.13 -52.13
C LYS A 138 1.87 7.83 -51.32
N GLU A 139 1.84 6.70 -50.65
CA GLU A 139 0.71 6.41 -49.79
C GLU A 139 0.62 7.46 -48.66
N PHE A 140 1.75 7.89 -48.13
CA PHE A 140 1.75 8.91 -47.10
C PHE A 140 1.15 10.19 -47.66
N GLN A 141 1.67 10.67 -48.79
CA GLN A 141 1.14 11.89 -49.43
C GLN A 141 -0.33 11.77 -49.77
N ASP A 142 -0.77 10.55 -50.06
CA ASP A 142 -2.17 10.26 -50.33
C ASP A 142 -3.03 10.57 -49.13
N ALA A 143 -2.72 9.89 -48.04
CA ALA A 143 -3.36 10.09 -46.76
C ALA A 143 -3.37 11.55 -46.38
N ILE A 144 -2.21 12.20 -46.52
CA ILE A 144 -2.10 13.63 -46.21
C ILE A 144 -3.04 14.47 -47.08
N GLN A 145 -2.85 14.46 -48.40
CA GLN A 145 -3.60 15.40 -49.24
C GLN A 145 -5.09 15.04 -49.30
N MET A 146 -5.42 13.80 -48.96
CA MET A 146 -6.81 13.34 -48.93
C MET A 146 -7.71 14.11 -47.95
N ILE A 147 -7.10 14.66 -46.91
CA ILE A 147 -7.81 15.46 -45.88
C ILE A 147 -7.08 16.78 -45.61
N GLU A 148 -6.10 17.11 -46.46
CA GLU A 148 -5.27 18.30 -46.32
C GLU A 148 -4.75 18.37 -44.89
N ALA A 149 -4.14 17.27 -44.48
CA ALA A 149 -3.61 17.13 -43.15
C ALA A 149 -2.48 18.11 -42.86
N ASP A 150 -2.40 18.54 -41.61
CA ASP A 150 -1.31 19.40 -41.13
C ASP A 150 -0.16 18.58 -40.56
N ALA A 151 -0.40 17.28 -40.36
CA ALA A 151 0.61 16.34 -39.88
C ALA A 151 0.07 14.94 -40.11
N ILE A 152 0.96 13.94 -40.05
CA ILE A 152 0.52 12.54 -40.14
C ILE A 152 1.01 11.77 -38.93
N ALA A 153 0.11 10.94 -38.38
CA ALA A 153 0.42 10.10 -37.24
C ALA A 153 0.64 8.69 -37.75
N VAL A 154 1.80 8.12 -37.44
CA VAL A 154 2.04 6.72 -37.72
C VAL A 154 1.85 5.99 -36.40
N HIS A 155 0.99 4.97 -36.37
CA HIS A 155 0.66 4.29 -35.12
C HIS A 155 1.49 3.02 -34.79
N LEU A 156 1.87 2.91 -33.53
CA LEU A 156 2.48 1.68 -33.03
C LEU A 156 1.37 0.85 -32.39
N ASN A 157 1.17 -0.37 -32.87
CA ASN A 157 0.22 -1.27 -32.20
C ASN A 157 0.65 -2.73 -32.21
N PRO A 158 1.86 -3.02 -31.74
CA PRO A 158 2.30 -4.42 -31.86
C PRO A 158 1.47 -5.34 -30.94
N ALA A 159 1.19 -4.85 -29.73
CA ALA A 159 0.28 -5.50 -28.80
C ALA A 159 -0.97 -5.92 -29.51
N GLN A 160 -1.69 -4.95 -30.07
CA GLN A 160 -2.93 -5.21 -30.78
C GLN A 160 -2.76 -6.25 -31.91
N GLU A 161 -1.78 -6.03 -32.79
CA GLU A 161 -1.52 -6.90 -33.93
C GLU A 161 -1.31 -8.32 -33.46
N VAL A 162 -0.58 -8.49 -32.37
CA VAL A 162 -0.34 -9.82 -31.79
C VAL A 162 -1.61 -10.59 -31.46
N PHE A 163 -2.60 -9.94 -30.85
CA PHE A 163 -3.80 -10.65 -30.43
C PHE A 163 -4.95 -10.52 -31.43
N GLN A 164 -4.86 -9.54 -32.33
CA GLN A 164 -5.79 -9.44 -33.44
C GLN A 164 -5.91 -10.82 -34.12
N PRO A 165 -7.15 -11.25 -34.46
CA PRO A 165 -7.26 -12.52 -35.21
C PRO A 165 -6.59 -12.45 -36.61
N GLU A 166 -6.84 -11.37 -37.36
CA GLU A 166 -6.14 -11.14 -38.65
C GLU A 166 -4.87 -10.24 -38.55
N GLY A 167 -4.26 -10.21 -37.36
CA GLY A 167 -3.19 -9.26 -37.00
C GLY A 167 -1.89 -9.49 -37.76
N GLU A 168 -1.16 -8.38 -37.95
CA GLU A 168 0.14 -8.38 -38.65
C GLU A 168 1.25 -7.82 -37.74
N PRO A 169 1.84 -8.69 -36.91
CA PRO A 169 2.80 -8.25 -35.89
C PRO A 169 4.21 -8.23 -36.49
N GLU A 170 4.43 -7.33 -37.44
CA GLU A 170 5.73 -7.19 -38.09
C GLU A 170 6.27 -5.79 -37.93
N TYR A 171 7.36 -5.68 -37.16
CA TYR A 171 7.97 -4.39 -36.80
C TYR A 171 9.48 -4.39 -36.99
N GLN A 172 9.92 -4.82 -38.16
CA GLN A 172 11.35 -4.84 -38.50
C GLN A 172 11.92 -3.44 -38.46
N ILE A 173 13.20 -3.35 -38.10
CA ILE A 173 13.91 -2.06 -38.02
C ILE A 173 13.92 -1.31 -39.36
N TYR A 174 13.95 -2.06 -40.46
CA TYR A 174 13.78 -1.53 -41.82
C TYR A 174 12.70 -0.44 -41.93
N ALA A 175 11.58 -0.64 -41.23
CA ALA A 175 10.46 0.28 -41.32
C ALA A 175 10.82 1.69 -40.84
N LEU A 176 11.74 1.79 -39.89
CA LEU A 176 12.18 3.09 -39.41
C LEU A 176 13.09 3.78 -40.41
N GLU A 177 14.02 3.04 -41.04
CA GLU A 177 14.81 3.58 -42.15
C GLU A 177 13.90 4.19 -43.23
N LYS A 178 12.84 3.47 -43.57
CA LYS A 178 11.84 3.94 -44.51
C LYS A 178 11.10 5.18 -44.01
N LEU A 179 10.60 5.13 -42.78
CA LEU A 179 9.91 6.28 -42.18
C LEU A 179 10.77 7.53 -42.24
N ARG A 180 12.06 7.38 -41.94
CA ARG A 180 12.97 8.50 -41.86
C ARG A 180 13.18 9.15 -43.22
N ASP A 181 13.33 8.32 -44.24
CA ASP A 181 13.34 8.78 -45.65
C ASP A 181 12.05 9.45 -46.06
N ILE A 182 10.91 8.88 -45.72
CA ILE A 182 9.63 9.48 -46.07
C ILE A 182 9.47 10.87 -45.43
N SER A 183 10.07 11.09 -44.26
CA SER A 183 10.03 12.38 -43.58
C SER A 183 10.80 13.43 -44.37
N LYS A 184 11.85 13.00 -45.08
CA LYS A 184 12.63 13.87 -46.00
C LYS A 184 11.72 14.60 -46.98
N GLU A 185 10.79 13.87 -47.55
CA GLU A 185 10.05 14.32 -48.69
C GLU A 185 8.68 14.89 -48.32
N LEU A 186 8.28 14.73 -47.06
CA LEU A 186 6.91 15.03 -46.66
C LEU A 186 6.80 16.52 -46.34
N SER A 187 5.68 17.11 -46.72
CA SER A 187 5.43 18.55 -46.48
C SER A 187 5.02 18.85 -45.01
N VAL A 188 4.58 17.83 -44.28
CA VAL A 188 4.06 17.98 -42.91
C VAL A 188 4.86 17.13 -41.91
N PRO A 189 4.80 17.44 -40.60
CA PRO A 189 5.58 16.61 -39.67
C PRO A 189 4.89 15.29 -39.33
N ILE A 190 5.68 14.33 -38.83
CA ILE A 190 5.18 13.03 -38.40
C ILE A 190 5.04 12.94 -36.87
N ILE A 191 3.89 12.44 -36.41
CA ILE A 191 3.77 12.00 -35.02
C ILE A 191 3.79 10.47 -34.93
N VAL A 192 4.57 9.93 -34.02
CA VAL A 192 4.45 8.51 -33.69
C VAL A 192 3.64 8.33 -32.39
N LYS A 193 2.57 7.53 -32.45
CA LYS A 193 1.65 7.33 -31.34
C LYS A 193 1.47 5.86 -31.08
N GLU A 194 1.19 5.50 -29.83
CA GLU A 194 0.90 4.12 -29.50
C GLU A 194 -0.62 3.96 -29.57
N SER A 195 -1.15 2.86 -29.03
CA SER A 195 -2.58 2.57 -29.16
C SER A 195 -3.09 1.83 -27.92
N GLY A 196 -2.87 2.46 -26.77
CA GLY A 196 -3.33 1.94 -25.50
C GLY A 196 -2.25 1.19 -24.74
N ASN A 197 -1.04 1.07 -25.31
CA ASN A 197 0.02 0.38 -24.57
C ASN A 197 1.28 1.17 -24.19
N GLY A 198 1.37 2.42 -24.65
CA GLY A 198 2.39 3.35 -24.17
C GLY A 198 3.76 3.31 -24.83
N ILE A 199 4.43 4.47 -24.75
CA ILE A 199 5.77 4.63 -25.27
C ILE A 199 6.77 4.61 -24.12
N SER A 200 7.68 3.64 -24.18
CA SER A 200 8.77 3.51 -23.20
C SER A 200 9.87 4.47 -23.57
N MET A 201 10.81 4.70 -22.67
CA MET A 201 11.93 5.55 -23.02
C MET A 201 12.89 4.88 -24.04
N GLU A 202 12.96 3.54 -24.06
CA GLU A 202 13.77 2.86 -25.09
C GLU A 202 13.19 3.11 -26.49
N THR A 203 11.88 2.88 -26.65
CA THR A 203 11.18 3.13 -27.90
C THR A 203 11.27 4.60 -28.31
N ALA A 204 11.10 5.51 -27.35
CA ALA A 204 11.20 6.94 -27.66
C ALA A 204 12.57 7.28 -28.21
N LYS A 205 13.62 6.88 -27.47
CA LYS A 205 14.99 7.13 -27.88
C LYS A 205 15.32 6.56 -29.27
N LEU A 206 14.85 5.35 -29.55
CA LEU A 206 15.04 4.73 -30.86
C LEU A 206 14.36 5.57 -31.94
N LEU A 207 13.08 5.87 -31.75
CA LEU A 207 12.36 6.69 -32.71
C LEU A 207 13.06 8.01 -32.94
N TYR A 208 13.57 8.60 -31.86
CA TYR A 208 14.24 9.90 -31.90
C TYR A 208 15.53 9.81 -32.69
N SER A 209 16.24 8.69 -32.53
CA SER A 209 17.45 8.44 -33.30
C SER A 209 17.17 8.33 -34.80
N TYR A 210 15.91 8.15 -35.18
CA TYR A 210 15.54 8.16 -36.59
C TYR A 210 14.85 9.47 -37.00
N GLY A 211 15.00 10.49 -36.16
CA GLY A 211 14.52 11.85 -36.45
C GLY A 211 13.09 12.13 -36.02
N ILE A 212 12.47 11.23 -35.25
CA ILE A 212 11.11 11.47 -34.79
C ILE A 212 11.12 12.36 -33.56
N LYS A 213 10.35 13.45 -33.62
CA LYS A 213 10.37 14.49 -32.56
C LYS A 213 9.01 14.69 -31.89
N ASN A 214 7.97 14.08 -32.47
CA ASN A 214 6.60 14.23 -31.96
C ASN A 214 6.00 12.90 -31.55
N PHE A 215 5.60 12.83 -30.28
CA PHE A 215 5.13 11.58 -29.72
C PHE A 215 3.76 11.74 -29.07
N ASP A 216 2.98 10.68 -29.18
CA ASP A 216 1.68 10.61 -28.53
C ASP A 216 1.70 9.33 -27.68
N THR A 217 1.73 9.50 -26.36
CA THR A 217 1.97 8.38 -25.43
C THR A 217 1.02 7.21 -25.61
N SER A 218 -0.28 7.50 -25.66
CA SER A 218 -1.30 6.48 -25.69
C SER A 218 -0.97 5.30 -24.76
N GLY A 219 -0.91 5.57 -23.46
CA GLY A 219 -0.59 4.52 -22.48
C GLY A 219 -1.75 3.62 -22.10
N GLN A 220 -1.50 2.64 -21.23
CA GLN A 220 -2.59 1.85 -20.71
C GLN A 220 -3.45 2.62 -19.70
N GLY A 221 -4.69 2.16 -19.50
CA GLY A 221 -5.56 2.76 -18.49
C GLY A 221 -6.76 3.43 -19.10
N GLY A 222 -6.70 3.56 -20.43
CA GLY A 222 -7.85 3.99 -21.22
C GLY A 222 -8.34 2.80 -22.03
N THR A 223 -8.72 3.07 -23.28
CA THR A 223 -9.14 2.04 -24.19
C THR A 223 -8.14 0.89 -24.19
N ASN A 224 -8.62 -0.29 -23.83
CA ASN A 224 -7.77 -1.45 -23.78
C ASN A 224 -7.87 -2.21 -25.10
N TRP A 225 -6.88 -1.99 -25.97
CA TRP A 225 -6.87 -2.59 -27.28
C TRP A 225 -6.60 -4.08 -27.31
N ILE A 226 -5.84 -4.58 -26.34
CA ILE A 226 -5.72 -6.00 -26.12
C ILE A 226 -7.11 -6.55 -25.78
N ALA A 227 -7.83 -5.87 -24.89
CA ALA A 227 -9.18 -6.30 -24.53
C ALA A 227 -10.12 -6.35 -25.75
N ILE A 228 -10.02 -5.37 -26.64
CA ILE A 228 -10.92 -5.29 -27.79
C ILE A 228 -10.68 -6.48 -28.70
N GLU A 229 -9.42 -6.80 -28.97
CA GLU A 229 -9.08 -7.95 -29.80
C GLU A 229 -9.46 -9.25 -29.10
N MET A 230 -9.27 -9.30 -27.80
CA MET A 230 -9.75 -10.45 -27.02
C MET A 230 -11.23 -10.67 -27.29
N ILE A 231 -12.02 -9.60 -27.26
CA ILE A 231 -13.46 -9.73 -27.48
C ILE A 231 -13.72 -10.25 -28.90
N ARG A 232 -12.96 -9.75 -29.88
CA ARG A 232 -13.11 -10.22 -31.26
C ARG A 232 -12.73 -11.68 -31.35
N ASP A 233 -11.71 -12.06 -30.59
CA ASP A 233 -11.27 -13.45 -30.49
C ASP A 233 -12.31 -14.35 -29.84
N ILE A 234 -12.89 -13.93 -28.71
CA ILE A 234 -13.94 -14.72 -28.06
C ILE A 234 -15.02 -15.01 -29.08
N ARG A 235 -15.33 -13.97 -29.87
CA ARG A 235 -16.46 -13.95 -30.80
C ARG A 235 -16.27 -14.90 -31.97
N ARG A 236 -15.02 -15.09 -32.38
CA ARG A 236 -14.68 -16.02 -33.44
C ARG A 236 -14.29 -17.39 -32.88
N GLY A 237 -14.54 -17.61 -31.59
CA GLY A 237 -14.02 -18.76 -30.87
C GLY A 237 -12.53 -19.03 -31.15
N ASN A 238 -11.76 -17.97 -31.45
CA ASN A 238 -10.31 -18.06 -31.59
C ASN A 238 -9.68 -18.28 -30.21
N TRP A 239 -8.77 -19.26 -30.13
CA TRP A 239 -8.12 -19.69 -28.87
C TRP A 239 -7.25 -18.59 -28.21
N LYS A 240 -6.75 -17.67 -29.02
CA LYS A 240 -5.97 -16.51 -28.56
C LYS A 240 -6.66 -15.70 -27.46
N ALA A 241 -7.98 -15.80 -27.41
CA ALA A 241 -8.79 -15.09 -26.41
C ALA A 241 -8.25 -15.20 -25.00
N GLU A 242 -7.88 -16.41 -24.59
CA GLU A 242 -7.45 -16.59 -23.20
C GLU A 242 -6.07 -16.07 -22.96
N SER A 243 -5.21 -16.20 -23.96
CA SER A 243 -3.87 -15.64 -23.88
C SER A 243 -3.95 -14.13 -23.71
N ALA A 244 -4.78 -13.49 -24.54
CA ALA A 244 -5.05 -12.06 -24.45
C ALA A 244 -5.44 -11.68 -23.02
N LYS A 245 -6.37 -12.44 -22.44
CA LYS A 245 -6.79 -12.19 -21.07
C LYS A 245 -5.60 -11.97 -20.11
N ASN A 246 -4.52 -12.71 -20.32
CA ASN A 246 -3.30 -12.60 -19.49
C ASN A 246 -2.51 -11.33 -19.70
N PHE A 247 -2.82 -10.62 -20.78
CA PHE A 247 -2.07 -9.43 -21.13
C PHE A 247 -2.88 -8.15 -20.94
N LEU A 248 -4.04 -8.27 -20.28
CA LEU A 248 -4.96 -7.14 -20.18
C LEU A 248 -4.34 -5.89 -19.55
N ASP A 249 -3.32 -6.10 -18.73
CA ASP A 249 -2.64 -5.01 -18.06
C ASP A 249 -1.21 -4.85 -18.56
N TRP A 250 -0.93 -5.38 -19.75
CA TRP A 250 0.34 -5.16 -20.39
C TRP A 250 0.41 -3.70 -20.83
N GLY A 251 1.59 -3.09 -20.68
CA GLY A 251 1.84 -1.75 -21.24
C GLY A 251 2.40 -0.74 -20.28
N VAL A 252 2.75 0.44 -20.76
CA VAL A 252 3.20 1.50 -19.89
C VAL A 252 1.95 2.31 -19.52
N PRO A 253 1.69 2.52 -18.22
CA PRO A 253 0.57 3.40 -17.89
C PRO A 253 0.84 4.80 -18.41
N THR A 254 -0.21 5.50 -18.82
CA THR A 254 -0.07 6.80 -19.45
C THR A 254 0.88 7.74 -18.73
N ALA A 255 0.59 8.00 -17.46
CA ALA A 255 1.40 8.88 -16.63
C ALA A 255 2.89 8.51 -16.69
N ALA A 256 3.19 7.22 -16.55
CA ALA A 256 4.54 6.74 -16.61
C ALA A 256 5.13 7.04 -17.97
N SER A 257 4.34 6.82 -19.02
CA SER A 257 4.82 7.02 -20.38
C SER A 257 5.18 8.49 -20.63
N ILE A 258 4.29 9.39 -20.22
CA ILE A 258 4.54 10.85 -20.26
C ILE A 258 5.90 11.17 -19.65
N MET A 259 6.13 10.66 -18.44
CA MET A 259 7.38 10.91 -17.77
C MET A 259 8.49 10.36 -18.62
N GLU A 260 8.33 9.11 -19.05
CA GLU A 260 9.42 8.44 -19.74
C GLU A 260 9.84 9.21 -21.01
N VAL A 261 8.85 9.62 -21.80
CA VAL A 261 9.13 10.32 -23.04
C VAL A 261 9.78 11.65 -22.73
N ARG A 262 9.15 12.44 -21.86
CA ARG A 262 9.62 13.79 -21.57
C ARG A 262 11.04 13.77 -21.06
N TYR A 263 11.34 12.75 -20.28
CA TYR A 263 12.65 12.59 -19.70
C TYR A 263 13.69 12.15 -20.72
N SER A 264 13.36 11.16 -21.53
CA SER A 264 14.36 10.61 -22.43
C SER A 264 14.57 11.50 -23.64
N VAL A 265 13.57 12.28 -24.00
CA VAL A 265 13.72 13.22 -25.10
C VAL A 265 13.03 14.54 -24.74
N PRO A 266 13.79 15.39 -24.02
CA PRO A 266 13.28 16.61 -23.40
C PRO A 266 12.61 17.53 -24.41
N ASP A 267 13.31 17.84 -25.49
CA ASP A 267 12.83 18.77 -26.53
C ASP A 267 11.67 18.22 -27.42
N SER A 268 11.03 17.13 -27.02
CA SER A 268 9.98 16.54 -27.86
C SER A 268 8.69 17.34 -27.80
N PHE A 269 7.89 17.28 -28.86
CA PHE A 269 6.50 17.74 -28.76
C PHE A 269 5.73 16.50 -28.39
N LEU A 270 4.93 16.59 -27.34
CA LEU A 270 4.42 15.38 -26.70
C LEU A 270 2.95 15.44 -26.34
N VAL A 271 2.14 14.60 -27.00
CA VAL A 271 0.73 14.42 -26.63
C VAL A 271 0.61 13.38 -25.54
N GLY A 272 -0.08 13.73 -24.45
CA GLY A 272 -0.34 12.78 -23.38
C GLY A 272 -1.73 12.21 -23.51
N SER A 273 -1.83 10.95 -23.94
CA SER A 273 -3.14 10.33 -24.19
C SER A 273 -3.17 8.88 -23.68
N GLY A 274 -4.39 8.36 -23.52
CA GLY A 274 -4.56 7.02 -23.01
C GLY A 274 -5.32 7.16 -21.72
N GLY A 275 -6.64 7.11 -21.81
CA GLY A 275 -7.49 7.15 -20.64
C GLY A 275 -7.66 8.55 -20.06
N ILE A 276 -7.45 9.59 -20.87
CA ILE A 276 -7.79 10.95 -20.44
C ILE A 276 -9.33 11.09 -20.44
N ARG A 277 -9.93 11.20 -19.26
CA ARG A 277 -11.41 11.20 -19.17
C ARG A 277 -12.05 12.50 -18.69
N SER A 278 -11.26 13.38 -18.09
CA SER A 278 -11.76 14.66 -17.61
C SER A 278 -10.75 15.74 -17.89
N GLY A 279 -11.16 17.00 -17.76
CA GLY A 279 -10.25 18.13 -17.89
C GLY A 279 -9.19 18.12 -16.79
N LEU A 280 -9.50 17.42 -15.70
CA LEU A 280 -8.55 17.25 -14.62
C LEU A 280 -7.44 16.30 -15.08
N ASP A 281 -7.82 15.23 -15.77
CA ASP A 281 -6.86 14.30 -16.37
C ASP A 281 -5.97 15.01 -17.36
N ALA A 282 -6.59 15.83 -18.20
CA ALA A 282 -5.88 16.61 -19.19
C ALA A 282 -4.86 17.51 -18.48
N ALA A 283 -5.31 18.19 -17.44
CA ALA A 283 -4.46 19.07 -16.65
C ALA A 283 -3.27 18.31 -16.06
N LYS A 284 -3.53 17.16 -15.42
CA LYS A 284 -2.45 16.34 -14.85
C LYS A 284 -1.42 15.98 -15.92
N ALA A 285 -1.90 15.55 -17.08
CA ALA A 285 -1.04 15.07 -18.17
C ALA A 285 -0.11 16.18 -18.68
N ILE A 286 -0.68 17.36 -18.87
CA ILE A 286 0.09 18.55 -19.26
C ILE A 286 1.10 18.96 -18.17
N ALA A 287 0.61 19.11 -16.94
CA ALA A 287 1.43 19.42 -15.78
C ALA A 287 2.60 18.45 -15.66
N LEU A 288 2.31 17.17 -15.89
CA LEU A 288 3.27 16.08 -15.74
C LEU A 288 4.38 16.16 -16.76
N GLY A 289 4.08 16.67 -17.95
CA GLY A 289 5.11 16.81 -18.98
C GLY A 289 4.62 16.89 -20.41
N ALA A 290 3.34 16.58 -20.63
CA ALA A 290 2.75 16.63 -21.97
C ALA A 290 2.58 18.07 -22.43
N ASP A 291 2.63 18.26 -23.74
CA ASP A 291 2.44 19.56 -24.33
C ASP A 291 0.96 19.74 -24.55
N ILE A 292 0.32 18.67 -25.00
CA ILE A 292 -1.13 18.68 -25.13
C ILE A 292 -1.70 17.32 -24.71
N ALA A 293 -2.96 17.30 -24.32
CA ALA A 293 -3.59 16.07 -23.86
C ALA A 293 -4.43 15.47 -24.97
N GLY A 294 -4.43 14.16 -25.08
CA GLY A 294 -5.20 13.49 -26.13
C GLY A 294 -6.36 12.63 -25.65
N MET A 295 -7.45 12.66 -26.42
CA MET A 295 -8.67 11.89 -26.11
C MET A 295 -9.19 11.16 -27.33
N ALA A 296 -9.66 9.93 -27.11
CA ALA A 296 -10.36 9.21 -28.17
C ALA A 296 -11.73 8.70 -27.71
N LEU A 297 -11.77 7.60 -26.95
CA LEU A 297 -13.01 6.92 -26.57
C LEU A 297 -14.17 7.82 -26.12
N PRO A 298 -13.94 8.74 -25.15
CA PRO A 298 -15.11 9.52 -24.70
C PRO A 298 -15.68 10.41 -25.78
N VAL A 299 -14.84 10.83 -26.73
CA VAL A 299 -15.31 11.62 -27.87
C VAL A 299 -16.21 10.75 -28.78
N LEU A 300 -15.77 9.53 -29.05
CA LEU A 300 -16.55 8.56 -29.79
C LEU A 300 -17.92 8.41 -29.17
N LYS A 301 -17.95 8.11 -27.87
CA LYS A 301 -19.19 7.81 -27.18
C LYS A 301 -20.18 8.98 -27.28
N SER A 302 -19.66 10.21 -27.17
CA SER A 302 -20.50 11.40 -27.29
C SER A 302 -21.01 11.62 -28.70
N ALA A 303 -20.11 11.54 -29.68
CA ALA A 303 -20.47 11.73 -31.07
C ALA A 303 -21.55 10.73 -31.47
N ILE A 304 -21.48 9.53 -30.93
CA ILE A 304 -22.50 8.53 -31.22
C ILE A 304 -23.87 9.01 -30.76
N GLU A 305 -23.93 9.70 -29.62
CA GLU A 305 -25.18 10.26 -29.11
C GLU A 305 -25.66 11.52 -29.84
N GLY A 306 -24.82 12.10 -30.68
CA GLY A 306 -25.22 13.29 -31.42
C GLY A 306 -24.35 14.50 -31.19
N LYS A 307 -24.45 15.46 -32.10
CA LYS A 307 -23.65 16.69 -32.10
C LYS A 307 -23.61 17.44 -30.75
N GLU A 308 -24.78 17.86 -30.25
CA GLU A 308 -24.85 18.67 -29.00
C GLU A 308 -24.41 17.90 -27.76
N SER A 309 -24.68 16.60 -27.71
CA SER A 309 -24.09 15.74 -26.70
C SER A 309 -22.56 15.89 -26.62
N LEU A 310 -21.91 15.93 -27.77
CA LEU A 310 -20.47 16.11 -27.87
C LEU A 310 -20.04 17.56 -27.57
N GLU A 311 -20.88 18.53 -27.92
CA GLU A 311 -20.58 19.94 -27.63
C GLU A 311 -20.60 20.19 -26.12
N GLN A 312 -21.56 19.54 -25.45
CA GLN A 312 -21.63 19.55 -23.99
C GLN A 312 -20.39 18.88 -23.39
N PHE A 313 -19.92 17.82 -24.03
CA PHE A 313 -18.73 17.12 -23.58
C PHE A 313 -17.51 18.04 -23.61
N PHE A 314 -17.27 18.70 -24.73
CA PHE A 314 -16.13 19.61 -24.80
C PHE A 314 -16.25 20.80 -23.87
N ARG A 315 -17.47 21.26 -23.59
CA ARG A 315 -17.63 22.31 -22.60
C ARG A 315 -17.16 21.83 -21.21
N LYS A 316 -17.67 20.66 -20.82
CA LYS A 316 -17.31 20.00 -19.56
C LYS A 316 -15.78 19.85 -19.42
N ILE A 317 -15.14 19.30 -20.45
CA ILE A 317 -13.69 19.12 -20.47
C ILE A 317 -12.98 20.45 -20.30
N ILE A 318 -13.36 21.43 -21.10
CA ILE A 318 -12.72 22.72 -21.08
C ILE A 318 -12.84 23.36 -19.69
N PHE A 319 -14.06 23.38 -19.17
CA PHE A 319 -14.32 23.93 -17.85
C PHE A 319 -13.47 23.29 -16.77
N GLU A 320 -13.50 21.96 -16.75
CA GLU A 320 -12.67 21.17 -15.87
C GLU A 320 -11.21 21.57 -15.95
N LEU A 321 -10.67 21.64 -17.16
CA LEU A 321 -9.28 22.09 -17.35
C LEU A 321 -9.05 23.48 -16.76
N LYS A 322 -9.96 24.40 -17.01
CA LYS A 322 -9.77 25.76 -16.57
C LYS A 322 -9.80 25.83 -15.06
N ALA A 323 -10.64 24.96 -14.49
CA ALA A 323 -10.78 24.84 -13.05
C ALA A 323 -9.45 24.38 -12.46
N ALA A 324 -8.86 23.34 -13.02
CA ALA A 324 -7.56 22.87 -12.54
C ALA A 324 -6.52 23.97 -12.69
N MET A 325 -6.60 24.73 -13.78
CA MET A 325 -5.67 25.85 -14.00
C MET A 325 -5.86 26.95 -12.94
N MET A 326 -7.11 27.38 -12.78
CA MET A 326 -7.49 28.33 -11.74
C MET A 326 -6.91 27.90 -10.40
N LEU A 327 -7.20 26.66 -10.00
CA LEU A 327 -6.89 26.20 -8.65
C LEU A 327 -5.40 25.86 -8.43
N THR A 328 -4.60 26.02 -9.48
CA THR A 328 -3.16 25.93 -9.36
C THR A 328 -2.50 27.28 -9.64
N GLY A 329 -3.32 28.31 -9.88
CA GLY A 329 -2.79 29.62 -10.25
C GLY A 329 -2.01 29.61 -11.56
N SER A 330 -2.58 28.95 -12.56
CA SER A 330 -1.91 28.82 -13.84
C SER A 330 -2.66 29.67 -14.83
N LYS A 331 -2.07 30.81 -15.22
CA LYS A 331 -2.78 31.79 -16.07
C LYS A 331 -2.94 31.33 -17.51
N ASP A 332 -1.96 30.53 -17.96
CA ASP A 332 -1.93 30.02 -19.30
C ASP A 332 -1.32 28.63 -19.31
N VAL A 333 -1.30 27.99 -20.49
CA VAL A 333 -0.78 26.62 -20.63
C VAL A 333 0.67 26.47 -20.15
N ASP A 334 1.52 27.48 -20.38
CA ASP A 334 2.91 27.44 -19.90
C ASP A 334 3.05 27.37 -18.41
N ALA A 335 2.21 28.14 -17.70
CA ALA A 335 2.18 28.15 -16.24
C ALA A 335 1.74 26.81 -15.69
N LEU A 336 0.78 26.17 -16.36
CA LEU A 336 0.32 24.84 -15.98
C LEU A 336 1.44 23.81 -16.12
N LYS A 337 2.16 23.89 -17.24
CA LYS A 337 3.29 23.02 -17.49
C LYS A 337 4.35 23.06 -16.40
N LYS A 338 4.42 24.14 -15.62
CA LYS A 338 5.40 24.22 -14.53
C LYS A 338 4.82 24.40 -13.13
N THR A 339 3.52 24.16 -12.96
CA THR A 339 2.86 24.25 -11.65
C THR A 339 3.33 23.12 -10.74
N SER A 340 3.02 23.24 -9.46
CA SER A 340 3.51 22.27 -8.48
C SER A 340 2.70 20.97 -8.42
N ILE A 341 3.40 19.85 -8.45
CA ILE A 341 2.78 18.52 -8.37
C ILE A 341 3.37 17.65 -7.24
N VAL A 342 2.65 16.58 -6.91
CA VAL A 342 3.13 15.53 -6.03
C VAL A 342 3.01 14.24 -6.81
N ILE A 343 4.09 13.46 -6.79
CA ILE A 343 4.09 12.12 -7.36
C ILE A 343 4.24 11.05 -6.27
N LEU A 344 3.27 10.12 -6.23
CA LEU A 344 3.09 9.21 -5.12
C LEU A 344 3.23 7.79 -5.60
N GLY A 345 3.02 6.87 -4.66
CA GLY A 345 2.75 5.47 -4.92
C GLY A 345 3.55 4.77 -6.00
N LYS A 346 2.81 4.09 -6.88
CA LYS A 346 3.43 3.19 -7.86
C LYS A 346 4.13 3.94 -8.97
N LEU A 347 3.61 5.12 -9.31
CA LEU A 347 4.25 5.95 -10.32
C LEU A 347 5.63 6.37 -9.83
N LYS A 348 5.74 6.67 -8.53
CA LYS A 348 7.02 7.04 -7.94
C LYS A 348 7.99 5.88 -8.05
N GLU A 349 7.52 4.69 -7.67
CA GLU A 349 8.33 3.48 -7.66
C GLU A 349 8.79 3.15 -9.06
N TRP A 350 7.89 3.30 -10.02
CA TRP A 350 8.20 3.18 -11.43
C TRP A 350 9.34 4.09 -11.84
N ALA A 351 9.17 5.39 -11.60
CA ALA A 351 10.13 6.38 -12.06
C ALA A 351 11.50 6.13 -11.41
N GLU A 352 11.51 5.75 -10.13
CA GLU A 352 12.75 5.47 -9.42
C GLU A 352 13.50 4.29 -9.99
N TYR A 353 12.79 3.17 -10.14
CA TYR A 353 13.37 1.99 -10.77
C TYR A 353 13.90 2.22 -12.19
N ARG A 354 13.21 3.06 -12.96
CA ARG A 354 13.60 3.31 -14.34
C ARG A 354 14.66 4.41 -14.41
N GLY A 355 15.21 4.75 -13.26
CA GLY A 355 16.32 5.70 -13.19
C GLY A 355 15.91 7.11 -13.53
N ILE A 356 14.61 7.41 -13.51
CA ILE A 356 14.16 8.79 -13.65
C ILE A 356 14.43 9.56 -12.36
N ASN A 357 15.47 10.39 -12.39
CA ASN A 357 15.83 11.24 -11.26
C ASN A 357 14.78 12.33 -11.02
N LEU A 358 14.05 12.25 -9.90
CA LEU A 358 13.00 13.25 -9.61
C LEU A 358 13.51 14.71 -9.59
N SER A 359 14.73 14.93 -9.08
CA SER A 359 15.32 16.27 -9.17
C SER A 359 15.46 16.74 -10.60
N ILE A 360 16.30 16.04 -11.36
CA ILE A 360 16.54 16.44 -12.76
C ILE A 360 15.26 16.40 -13.63
N TYR A 361 14.26 15.59 -13.21
CA TYR A 361 12.95 15.55 -13.88
C TYR A 361 12.16 16.85 -13.73
N GLU A 362 12.06 17.34 -12.50
CA GLU A 362 11.36 18.59 -12.21
C GLU A 362 11.89 19.73 -13.10
N LYS A 363 13.20 19.70 -13.34
CA LYS A 363 13.86 20.69 -14.19
C LYS A 363 13.41 20.54 -15.63
N VAL A 364 13.49 19.31 -16.16
CA VAL A 364 13.12 19.02 -17.57
C VAL A 364 11.65 19.39 -17.93
N ARG A 365 10.72 19.15 -17.02
CA ARG A 365 9.32 19.49 -17.25
C ARG A 365 9.01 20.98 -17.12
N LYS A 366 9.86 21.73 -16.43
CA LYS A 366 9.62 23.17 -16.17
C LYS A 366 10.09 24.17 -17.27
N ASP B 3 1.60 -48.29 0.93
CA ASP B 3 0.82 -47.02 0.99
C ASP B 3 1.67 -45.74 1.26
N ILE B 4 2.97 -45.87 1.00
CA ILE B 4 3.76 -44.69 0.61
C ILE B 4 3.29 -44.37 -0.82
N VAL B 5 2.76 -45.39 -1.52
CA VAL B 5 2.06 -45.22 -2.82
C VAL B 5 0.65 -44.62 -2.65
N ASN B 6 0.06 -44.78 -1.47
CA ASN B 6 -1.20 -44.10 -1.15
C ASN B 6 -1.02 -42.56 -1.01
N ARG B 7 0.05 -42.14 -0.33
CA ARG B 7 0.44 -40.74 -0.28
C ARG B 7 0.64 -40.21 -1.69
N LYS B 8 1.29 -40.98 -2.56
CA LYS B 8 1.45 -40.61 -3.96
C LYS B 8 0.12 -40.31 -4.67
N VAL B 9 -0.90 -41.17 -4.51
CA VAL B 9 -2.18 -40.85 -5.16
C VAL B 9 -2.88 -39.67 -4.47
N GLU B 10 -2.81 -39.62 -3.13
CA GLU B 10 -3.39 -38.50 -2.39
C GLU B 10 -2.80 -37.16 -2.81
N HIS B 11 -1.49 -37.10 -3.00
CA HIS B 11 -0.85 -35.90 -3.47
C HIS B 11 -1.48 -35.46 -4.78
N VAL B 12 -1.50 -36.34 -5.77
CA VAL B 12 -2.07 -35.98 -7.06
C VAL B 12 -3.55 -35.56 -6.93
N GLU B 13 -4.30 -36.33 -6.15
CA GLU B 13 -5.72 -36.16 -6.00
C GLU B 13 -6.09 -34.81 -5.37
N ILE B 14 -5.33 -34.40 -4.34
CA ILE B 14 -5.51 -33.11 -3.68
C ILE B 14 -5.03 -31.99 -4.56
N ALA B 15 -3.78 -32.07 -5.02
CA ALA B 15 -3.20 -31.05 -5.88
C ALA B 15 -4.16 -30.71 -7.04
N ALA B 16 -4.65 -31.76 -7.70
CA ALA B 16 -5.43 -31.64 -8.93
C ALA B 16 -6.83 -31.12 -8.70
N PHE B 17 -7.47 -31.59 -7.62
CA PHE B 17 -8.91 -31.36 -7.43
C PHE B 17 -9.27 -30.50 -6.23
N GLU B 18 -8.30 -30.14 -5.40
CA GLU B 18 -8.58 -29.31 -4.22
C GLU B 18 -7.95 -27.92 -4.26
N ASN B 19 -8.34 -27.08 -3.32
CA ASN B 19 -7.96 -25.70 -3.41
C ASN B 19 -6.62 -25.41 -2.76
N VAL B 20 -5.54 -25.68 -3.49
CA VAL B 20 -4.18 -25.51 -2.96
C VAL B 20 -3.25 -24.65 -3.81
N ASP B 21 -3.69 -24.25 -4.99
CA ASP B 21 -2.85 -23.43 -5.89
C ASP B 21 -2.77 -21.98 -5.45
N GLY B 22 -1.65 -21.59 -4.86
CA GLY B 22 -1.46 -20.23 -4.37
C GLY B 22 -2.27 -19.85 -3.13
N LEU B 23 -2.78 -20.85 -2.40
CA LEU B 23 -3.56 -20.65 -1.17
C LEU B 23 -2.81 -19.85 -0.12
N SER B 24 -3.23 -18.60 0.11
CA SER B 24 -2.61 -17.68 1.07
C SER B 24 -1.16 -17.43 0.78
N SER B 25 -0.72 -17.73 -0.43
CA SER B 25 0.66 -17.54 -0.80
C SER B 25 0.73 -16.60 -1.99
N SER B 26 1.93 -16.17 -2.32
CA SER B 26 2.13 -15.25 -3.42
C SER B 26 3.48 -15.41 -4.09
N THR B 27 3.49 -15.34 -5.42
CA THR B 27 4.71 -15.45 -6.18
C THR B 27 5.53 -14.16 -6.14
N PHE B 28 4.84 -13.03 -5.88
CA PHE B 28 5.44 -11.68 -5.96
C PHE B 28 5.69 -11.27 -7.41
N LEU B 29 5.27 -12.13 -8.36
CA LEU B 29 5.46 -11.86 -9.78
C LEU B 29 4.64 -10.67 -10.25
N ASN B 30 3.48 -10.50 -9.62
CA ASN B 30 2.82 -9.20 -9.55
C ASN B 30 3.67 -7.94 -9.53
N ASP B 31 4.78 -7.96 -8.79
CA ASP B 31 5.65 -6.81 -8.61
C ASP B 31 6.70 -6.69 -9.71
N VAL B 32 6.64 -7.57 -10.69
CA VAL B 32 7.54 -7.53 -11.81
C VAL B 32 6.76 -7.09 -13.04
N ILE B 33 7.26 -6.03 -13.67
CA ILE B 33 6.66 -5.56 -14.89
C ILE B 33 7.69 -5.50 -16.04
N LEU B 34 7.35 -6.21 -17.14
CA LEU B 34 8.11 -6.15 -18.37
C LEU B 34 7.74 -4.87 -19.12
N VAL B 35 8.74 -4.06 -19.44
CA VAL B 35 8.51 -2.78 -20.07
C VAL B 35 8.11 -2.99 -21.53
N HIS B 36 6.91 -2.53 -21.88
CA HIS B 36 6.40 -2.62 -23.26
C HIS B 36 7.23 -1.82 -24.27
N GLN B 37 7.50 -2.40 -25.44
CA GLN B 37 8.20 -1.64 -26.48
C GLN B 37 7.33 -1.47 -27.70
N GLY B 38 6.80 -0.26 -27.88
CA GLY B 38 5.83 0.02 -28.95
C GLY B 38 6.43 -0.18 -30.34
N PHE B 39 7.73 -0.02 -30.44
CA PHE B 39 8.42 -0.46 -31.63
C PHE B 39 9.38 -1.59 -31.27
N PRO B 40 8.92 -2.83 -31.39
CA PRO B 40 9.75 -4.01 -31.04
C PRO B 40 11.07 -4.17 -31.80
N GLY B 41 11.07 -3.88 -33.09
CA GLY B 41 12.29 -4.00 -33.90
C GLY B 41 12.47 -5.39 -34.47
N ILE B 42 11.45 -6.23 -34.29
CA ILE B 42 11.44 -7.60 -34.80
C ILE B 42 10.06 -7.96 -35.33
N SER B 43 9.98 -9.06 -36.06
CA SER B 43 8.71 -9.61 -36.52
C SER B 43 8.39 -10.81 -35.63
N PHE B 44 7.10 -11.11 -35.41
CA PHE B 44 6.71 -12.21 -34.51
C PHE B 44 7.25 -13.56 -34.99
N SER B 45 7.24 -13.77 -36.30
CA SER B 45 7.66 -15.02 -36.91
C SER B 45 9.15 -15.29 -36.82
N GLU B 46 9.97 -14.26 -36.65
CA GLU B 46 11.41 -14.49 -36.51
C GLU B 46 11.86 -14.63 -35.05
N ILE B 47 10.93 -14.66 -34.11
CA ILE B 47 11.25 -14.91 -32.69
C ILE B 47 11.72 -16.36 -32.47
N ASN B 48 12.90 -16.52 -31.89
CA ASN B 48 13.51 -17.82 -31.66
C ASN B 48 13.55 -18.23 -30.16
N THR B 49 12.73 -19.24 -29.83
CA THR B 49 12.55 -19.64 -28.43
C THR B 49 13.50 -20.74 -27.95
N LYS B 50 14.43 -21.12 -28.82
CA LYS B 50 15.34 -22.20 -28.53
C LYS B 50 16.34 -21.80 -27.45
N THR B 51 16.73 -22.77 -26.63
CA THR B 51 17.74 -22.56 -25.59
C THR B 51 18.43 -23.90 -25.20
N LYS B 52 19.58 -23.82 -24.53
CA LYS B 52 20.26 -25.06 -24.12
C LYS B 52 19.83 -25.55 -22.72
N PHE B 53 19.81 -26.87 -22.56
CA PHE B 53 19.48 -27.51 -21.29
C PHE B 53 20.52 -28.59 -21.04
N PHE B 54 21.58 -28.19 -20.34
CA PHE B 54 22.80 -29.01 -20.22
C PHE B 54 23.35 -29.37 -21.60
N ARG B 55 23.41 -30.66 -21.91
CA ARG B 55 24.04 -31.08 -23.16
C ARG B 55 23.10 -31.01 -24.39
N LYS B 56 21.78 -30.98 -24.15
CA LYS B 56 20.79 -30.96 -25.22
C LYS B 56 20.33 -29.55 -25.56
N GLU B 57 19.54 -29.43 -26.62
CA GLU B 57 18.89 -28.17 -26.95
C GLU B 57 17.39 -28.38 -26.86
N ILE B 58 16.68 -27.38 -26.34
CA ILE B 58 15.24 -27.50 -26.13
C ILE B 58 14.52 -26.42 -26.93
N SER B 59 13.27 -26.68 -27.30
CA SER B 59 12.50 -25.80 -28.17
C SER B 59 12.11 -24.52 -27.48
N VAL B 60 11.83 -24.61 -26.18
CA VAL B 60 11.24 -23.51 -25.41
C VAL B 60 11.97 -23.42 -24.07
N PRO B 61 12.17 -22.20 -23.51
CA PRO B 61 12.83 -22.13 -22.21
C PRO B 61 11.90 -22.46 -21.03
N VAL B 62 11.23 -23.61 -21.13
CA VAL B 62 10.22 -24.04 -20.16
C VAL B 62 10.47 -25.52 -19.85
N MET B 63 10.37 -25.93 -18.59
CA MET B 63 10.36 -27.36 -18.30
C MET B 63 9.15 -27.77 -17.49
N VAL B 64 8.69 -28.99 -17.66
CA VAL B 64 7.78 -29.58 -16.71
C VAL B 64 8.64 -30.10 -15.55
N THR B 65 8.35 -29.64 -14.32
CA THR B 65 9.08 -30.15 -13.14
C THR B 65 8.43 -31.41 -12.59
N GLY B 66 9.16 -32.10 -11.72
CA GLY B 66 8.78 -33.41 -11.21
C GLY B 66 7.44 -33.45 -10.50
N MET B 67 6.69 -34.52 -10.72
CA MET B 67 5.38 -34.63 -10.10
C MET B 67 4.99 -36.00 -9.55
N THR B 68 4.98 -37.03 -10.38
CA THR B 68 4.41 -38.27 -9.88
C THR B 68 4.97 -39.57 -10.50
N GLY B 69 4.37 -40.68 -10.10
CA GLY B 69 4.78 -42.04 -10.47
C GLY B 69 4.61 -42.90 -9.24
N GLY B 70 4.69 -44.22 -9.43
CA GLY B 70 4.54 -45.19 -8.32
C GLY B 70 3.32 -46.11 -8.41
N ARG B 71 2.54 -45.94 -9.48
CA ARG B 71 1.34 -46.72 -9.72
C ARG B 71 0.83 -46.55 -11.16
N ASN B 72 -0.19 -47.32 -11.53
CA ASN B 72 -0.73 -47.34 -12.91
C ASN B 72 -1.27 -46.00 -13.39
N GLU B 73 -2.33 -45.51 -12.75
CA GLU B 73 -2.96 -44.28 -13.19
C GLU B 73 -1.97 -43.13 -13.07
N LEU B 74 -0.97 -43.31 -12.20
CA LEU B 74 0.12 -42.35 -12.06
C LEU B 74 1.08 -42.40 -13.25
N GLY B 75 1.42 -43.61 -13.68
CA GLY B 75 2.26 -43.83 -14.85
C GLY B 75 1.62 -43.38 -16.15
N ARG B 76 0.32 -43.60 -16.31
CA ARG B 76 -0.34 -43.21 -17.55
C ARG B 76 -0.49 -41.69 -17.67
N ILE B 77 -0.45 -40.99 -16.53
CA ILE B 77 -0.26 -39.52 -16.51
C ILE B 77 1.15 -39.18 -17.01
N ASN B 78 2.16 -39.80 -16.40
CA ASN B 78 3.56 -39.59 -16.83
C ASN B 78 3.76 -39.87 -18.31
N LYS B 79 2.96 -40.80 -18.84
CA LYS B 79 3.00 -41.15 -20.25
C LYS B 79 2.46 -39.97 -21.07
N ILE B 80 1.27 -39.48 -20.71
CA ILE B 80 0.65 -38.34 -21.42
C ILE B 80 1.57 -37.13 -21.42
N ILE B 81 2.12 -36.80 -20.25
CA ILE B 81 3.04 -35.67 -20.10
C ILE B 81 4.27 -35.85 -20.98
N ALA B 82 4.96 -36.96 -20.80
CA ALA B 82 6.17 -37.25 -21.57
C ALA B 82 5.97 -37.25 -23.08
N GLU B 83 4.89 -37.86 -23.57
CA GLU B 83 4.72 -37.90 -25.04
C GLU B 83 4.47 -36.50 -25.64
N VAL B 84 3.71 -35.69 -24.90
CA VAL B 84 3.50 -34.31 -25.29
C VAL B 84 4.77 -33.48 -25.12
N ALA B 85 5.49 -33.67 -24.00
CA ALA B 85 6.75 -32.94 -23.76
C ALA B 85 7.71 -33.20 -24.90
N GLU B 86 7.75 -34.46 -25.34
CA GLU B 86 8.57 -34.92 -26.47
C GLU B 86 8.18 -34.13 -27.74
N LYS B 87 6.89 -34.18 -28.08
CA LYS B 87 6.37 -33.48 -29.23
C LYS B 87 6.80 -32.01 -29.27
N PHE B 88 6.86 -31.35 -28.11
CA PHE B 88 7.12 -29.90 -28.07
C PHE B 88 8.57 -29.56 -27.83
N GLY B 89 9.38 -30.59 -27.63
CA GLY B 89 10.81 -30.42 -27.35
C GLY B 89 11.07 -29.70 -26.04
N ILE B 90 10.26 -29.98 -25.00
CA ILE B 90 10.50 -29.40 -23.68
C ILE B 90 10.85 -30.47 -22.63
N PRO B 91 11.86 -30.16 -21.76
CA PRO B 91 12.32 -31.14 -20.79
C PRO B 91 11.30 -31.46 -19.70
N MET B 92 11.39 -32.69 -19.17
CA MET B 92 10.45 -33.20 -18.17
C MET B 92 11.20 -33.88 -17.02
N GLY B 93 10.86 -33.46 -15.79
CA GLY B 93 11.29 -34.14 -14.57
C GLY B 93 10.23 -35.16 -14.23
N VAL B 94 10.61 -36.18 -13.47
CA VAL B 94 9.62 -37.14 -12.98
C VAL B 94 9.49 -36.93 -11.50
N GLY B 95 8.42 -37.50 -10.93
CA GLY B 95 8.18 -37.47 -9.49
C GLY B 95 9.26 -38.21 -8.73
N SER B 96 9.22 -38.15 -7.39
CA SER B 96 10.20 -38.86 -6.57
C SER B 96 10.24 -40.34 -6.90
N GLN B 97 11.45 -40.84 -7.13
CA GLN B 97 11.64 -42.23 -7.50
C GLN B 97 11.84 -43.16 -6.32
N ARG B 98 11.72 -42.62 -5.09
CA ARG B 98 11.83 -43.40 -3.86
C ARG B 98 10.98 -44.65 -3.97
N VAL B 99 9.69 -44.44 -4.22
CA VAL B 99 8.70 -45.52 -4.34
C VAL B 99 9.12 -46.63 -5.31
N ALA B 100 9.89 -46.27 -6.34
CA ALA B 100 10.39 -47.22 -7.33
C ALA B 100 11.64 -47.94 -6.86
N ILE B 101 12.37 -47.32 -5.96
CA ILE B 101 13.51 -47.97 -5.31
C ILE B 101 13.01 -49.02 -4.28
N GLU B 102 11.97 -48.65 -3.53
CA GLU B 102 11.36 -49.52 -2.52
C GLU B 102 10.51 -50.68 -3.09
N LYS B 103 9.83 -50.47 -4.22
CA LYS B 103 8.91 -51.49 -4.78
C LYS B 103 9.11 -51.60 -6.28
N ALA B 104 9.50 -52.79 -6.75
CA ALA B 104 9.76 -53.01 -8.16
C ALA B 104 8.53 -52.86 -9.11
N GLU B 105 7.30 -53.01 -8.59
CA GLU B 105 6.07 -52.79 -9.41
C GLU B 105 5.90 -51.34 -9.89
N ALA B 106 6.40 -50.39 -9.09
CA ALA B 106 6.34 -48.96 -9.41
C ALA B 106 7.38 -48.52 -10.45
N ARG B 107 8.38 -49.36 -10.70
CA ARG B 107 9.44 -49.03 -11.66
C ARG B 107 8.91 -48.74 -13.08
N GLU B 108 7.80 -49.39 -13.44
CA GLU B 108 7.24 -49.24 -14.78
C GLU B 108 6.71 -47.82 -15.00
N SER B 109 5.97 -47.30 -14.03
CA SER B 109 5.38 -45.95 -14.12
C SER B 109 6.39 -44.80 -14.31
N PHE B 110 7.68 -45.10 -14.13
CA PHE B 110 8.76 -44.15 -14.43
C PHE B 110 9.46 -44.51 -15.74
N ALA B 111 9.69 -45.79 -15.97
CA ALA B 111 10.41 -46.26 -17.16
C ALA B 111 9.69 -45.91 -18.47
N ILE B 112 8.35 -45.77 -18.39
CA ILE B 112 7.49 -45.42 -19.55
C ILE B 112 7.90 -44.12 -20.22
N VAL B 113 8.31 -43.17 -19.38
CA VAL B 113 8.72 -41.84 -19.81
C VAL B 113 9.78 -41.88 -20.93
N ARG B 114 10.87 -42.62 -20.72
CA ARG B 114 11.89 -42.68 -21.75
C ARG B 114 11.45 -43.48 -22.99
N LYS B 115 10.54 -44.42 -22.79
CA LYS B 115 9.98 -45.19 -23.90
C LYS B 115 9.37 -44.22 -24.90
N VAL B 116 8.50 -43.35 -24.38
CA VAL B 116 7.66 -42.49 -25.19
C VAL B 116 8.28 -41.11 -25.50
N ALA B 117 9.37 -40.79 -24.83
CA ALA B 117 10.07 -39.52 -25.03
C ALA B 117 11.55 -39.80 -25.14
N PRO B 118 11.99 -40.33 -26.30
CA PRO B 118 13.39 -40.72 -26.47
C PRO B 118 14.41 -39.58 -26.58
N THR B 119 13.99 -38.39 -27.01
CA THR B 119 14.99 -37.36 -27.34
C THR B 119 15.17 -36.17 -26.38
N ILE B 120 14.10 -35.76 -25.69
CA ILE B 120 14.14 -34.62 -24.76
C ILE B 120 14.92 -34.92 -23.49
N PRO B 121 15.41 -33.87 -22.80
CA PRO B 121 16.01 -34.10 -21.48
C PRO B 121 14.98 -34.62 -20.47
N ILE B 122 15.28 -35.74 -19.82
CA ILE B 122 14.46 -36.28 -18.74
C ILE B 122 15.25 -36.17 -17.46
N ILE B 123 14.57 -35.78 -16.38
CA ILE B 123 15.25 -35.45 -15.14
C ILE B 123 14.77 -36.34 -14.00
N ALA B 124 15.69 -37.14 -13.43
CA ALA B 124 15.41 -37.97 -12.25
C ALA B 124 15.09 -37.14 -10.99
N ASN B 125 14.59 -37.83 -9.98
CA ASN B 125 14.14 -37.16 -8.76
C ASN B 125 14.24 -38.08 -7.54
N LEU B 126 14.99 -37.60 -6.54
CA LEU B 126 15.06 -38.25 -5.25
C LEU B 126 15.00 -37.20 -4.16
N GLY B 127 14.52 -37.60 -2.98
CA GLY B 127 14.42 -36.69 -1.85
C GLY B 127 15.69 -36.56 -1.02
N MET B 128 16.04 -35.33 -0.67
CA MET B 128 17.14 -35.02 0.25
C MET B 128 17.10 -35.84 1.53
N PRO B 129 15.88 -36.08 2.12
CA PRO B 129 15.85 -36.82 3.38
C PRO B 129 16.47 -38.20 3.23
N GLN B 130 16.23 -38.83 2.08
CA GLN B 130 16.77 -40.15 1.76
C GLN B 130 18.30 -40.23 1.76
N LEU B 131 18.96 -39.10 1.53
CA LEU B 131 20.43 -39.02 1.70
C LEU B 131 20.92 -39.18 3.15
N VAL B 132 20.08 -38.80 4.10
CA VAL B 132 20.35 -38.98 5.52
C VAL B 132 20.01 -40.43 5.94
N LYS B 133 19.07 -41.03 5.22
CA LYS B 133 18.53 -42.34 5.55
C LYS B 133 19.13 -43.46 4.66
N GLY B 134 20.43 -43.33 4.38
CA GLY B 134 21.22 -44.35 3.68
C GLY B 134 20.98 -44.59 2.20
N TYR B 135 20.70 -43.52 1.45
CA TYR B 135 20.78 -43.62 -0.01
C TYR B 135 22.19 -43.19 -0.39
N GLY B 136 22.71 -43.70 -1.49
CA GLY B 136 24.02 -43.31 -1.95
C GLY B 136 24.16 -43.46 -3.44
N LEU B 137 25.41 -43.49 -3.87
CA LEU B 137 25.74 -43.61 -5.28
C LEU B 137 24.85 -44.58 -6.07
N LYS B 138 24.56 -45.75 -5.52
CA LYS B 138 23.86 -46.72 -6.34
C LYS B 138 22.38 -46.46 -6.54
N GLU B 139 21.71 -45.96 -5.51
CA GLU B 139 20.32 -45.55 -5.64
C GLU B 139 20.19 -44.37 -6.63
N PHE B 140 21.14 -43.45 -6.62
CA PHE B 140 21.16 -42.36 -7.58
C PHE B 140 21.27 -42.88 -9.02
N GLN B 141 22.28 -43.71 -9.27
CA GLN B 141 22.47 -44.34 -10.58
C GLN B 141 21.27 -45.16 -10.99
N ASP B 142 20.60 -45.76 -10.02
CA ASP B 142 19.35 -46.48 -10.25
C ASP B 142 18.27 -45.61 -10.85
N ALA B 143 17.96 -44.53 -10.12
CA ALA B 143 17.01 -43.52 -10.54
C ALA B 143 17.43 -43.02 -11.90
N ILE B 144 18.71 -42.68 -12.07
CA ILE B 144 19.17 -42.19 -13.36
C ILE B 144 18.93 -43.19 -14.49
N GLN B 145 19.54 -44.37 -14.40
CA GLN B 145 19.49 -45.29 -15.56
C GLN B 145 18.08 -45.86 -15.82
N MET B 146 17.25 -45.84 -14.79
CA MET B 146 15.89 -46.34 -14.88
C MET B 146 15.04 -45.61 -15.94
N ILE B 147 15.40 -44.36 -16.24
CA ILE B 147 14.69 -43.52 -17.24
C ILE B 147 15.72 -42.85 -18.17
N GLU B 148 16.97 -43.30 -18.09
CA GLU B 148 18.06 -42.73 -18.89
C GLU B 148 18.07 -41.23 -18.76
N ALA B 149 18.08 -40.78 -17.53
CA ALA B 149 18.01 -39.37 -17.20
C ALA B 149 19.24 -38.58 -17.69
N ASP B 150 19.01 -37.32 -18.06
CA ASP B 150 20.08 -36.40 -18.47
C ASP B 150 20.59 -35.57 -17.29
N ALA B 151 19.86 -35.66 -16.18
CA ALA B 151 20.24 -35.03 -14.91
C ALA B 151 19.36 -35.61 -13.82
N ILE B 152 19.75 -35.41 -12.57
CA ILE B 152 18.90 -35.78 -11.42
C ILE B 152 18.62 -34.56 -10.54
N ALA B 153 17.35 -34.44 -10.11
CA ALA B 153 16.93 -33.40 -9.21
C ALA B 153 16.80 -33.98 -7.83
N VAL B 154 17.53 -33.42 -6.88
CA VAL B 154 17.36 -33.77 -5.47
C VAL B 154 16.48 -32.70 -4.86
N HIS B 155 15.36 -33.09 -4.25
CA HIS B 155 14.41 -32.09 -3.76
C HIS B 155 14.55 -31.67 -2.29
N LEU B 156 14.41 -30.38 -2.03
CA LEU B 156 14.33 -29.85 -0.67
C LEU B 156 12.84 -29.71 -0.29
N ASN B 157 12.41 -30.39 0.77
CA ASN B 157 11.05 -30.23 1.25
C ASN B 157 10.94 -30.28 2.79
N PRO B 158 11.72 -29.43 3.51
CA PRO B 158 11.65 -29.57 4.96
C PRO B 158 10.30 -29.09 5.50
N ALA B 159 9.78 -27.98 4.95
CA ALA B 159 8.42 -27.51 5.22
C ALA B 159 7.41 -28.64 5.15
N GLN B 160 7.34 -29.29 4.00
CA GLN B 160 6.41 -30.37 3.78
C GLN B 160 6.60 -31.51 4.78
N GLU B 161 7.83 -32.00 4.89
CA GLU B 161 8.14 -33.08 5.83
C GLU B 161 7.66 -32.74 7.24
N VAL B 162 7.85 -31.49 7.66
CA VAL B 162 7.41 -31.05 8.98
C VAL B 162 5.92 -31.28 9.21
N PHE B 163 5.09 -30.94 8.23
CA PHE B 163 3.63 -31.03 8.41
C PHE B 163 3.01 -32.32 7.90
N GLN B 164 3.71 -32.99 6.97
CA GLN B 164 3.34 -34.33 6.56
C GLN B 164 3.00 -35.18 7.83
N PRO B 165 1.90 -35.95 7.78
CA PRO B 165 1.65 -36.86 8.92
C PRO B 165 2.76 -37.93 9.11
N GLU B 166 3.19 -38.59 8.02
CA GLU B 166 4.34 -39.54 8.07
C GLU B 166 5.70 -38.92 7.67
N GLY B 167 5.81 -37.59 7.80
CA GLY B 167 6.97 -36.83 7.35
C GLY B 167 8.28 -37.14 8.05
N GLU B 168 9.35 -36.96 7.31
CA GLU B 168 10.72 -37.16 7.80
C GLU B 168 11.55 -35.87 7.71
N PRO B 169 11.49 -35.01 8.77
CA PRO B 169 12.13 -33.71 8.75
C PRO B 169 13.59 -33.80 9.25
N GLU B 170 14.43 -34.50 8.50
CA GLU B 170 15.83 -34.65 8.86
C GLU B 170 16.71 -34.15 7.73
N TYR B 171 17.44 -33.08 8.02
CA TYR B 171 18.29 -32.39 7.05
C TYR B 171 19.65 -32.06 7.63
N GLN B 172 20.32 -33.06 8.19
CA GLN B 172 21.67 -32.88 8.75
C GLN B 172 22.65 -32.51 7.67
N ILE B 173 23.65 -31.73 8.05
CA ILE B 173 24.69 -31.27 7.13
C ILE B 173 25.47 -32.42 6.44
N TYR B 174 25.63 -33.52 7.17
CA TYR B 174 26.15 -34.77 6.63
C TYR B 174 25.62 -35.11 5.21
N ALA B 175 24.33 -34.84 4.97
CA ALA B 175 23.71 -35.19 3.71
C ALA B 175 24.37 -34.45 2.55
N LEU B 176 24.88 -33.25 2.80
CA LEU B 176 25.54 -32.48 1.75
C LEU B 176 26.93 -33.03 1.40
N GLU B 177 27.73 -33.38 2.41
CA GLU B 177 28.99 -34.12 2.18
C GLU B 177 28.75 -35.35 1.29
N LYS B 178 27.66 -36.07 1.54
CA LYS B 178 27.28 -37.25 0.79
C LYS B 178 26.93 -36.88 -0.63
N LEU B 179 26.06 -35.88 -0.78
CA LEU B 179 25.61 -35.42 -2.09
C LEU B 179 26.81 -35.04 -2.94
N ARG B 180 27.74 -34.31 -2.34
CA ARG B 180 28.93 -33.82 -3.05
C ARG B 180 29.81 -34.96 -3.54
N ASP B 181 29.96 -36.01 -2.71
CA ASP B 181 30.66 -37.23 -3.13
C ASP B 181 29.91 -37.96 -4.23
N ILE B 182 28.60 -38.06 -4.11
CA ILE B 182 27.81 -38.71 -5.13
C ILE B 182 27.92 -38.00 -6.49
N SER B 183 28.09 -36.67 -6.48
CA SER B 183 28.31 -35.91 -7.70
C SER B 183 29.63 -36.27 -8.39
N LYS B 184 30.65 -36.61 -7.60
CA LYS B 184 31.93 -37.11 -8.11
C LYS B 184 31.71 -38.22 -9.11
N GLU B 185 30.86 -39.16 -8.75
CA GLU B 185 30.78 -40.42 -9.44
C GLU B 185 29.66 -40.47 -10.46
N LEU B 186 28.83 -39.43 -10.48
CA LEU B 186 27.62 -39.46 -11.29
C LEU B 186 27.90 -39.02 -12.74
N SER B 187 27.24 -39.67 -13.68
CA SER B 187 27.43 -39.36 -15.10
C SER B 187 26.74 -38.06 -15.54
N VAL B 188 25.72 -37.64 -14.79
CA VAL B 188 24.86 -36.52 -15.16
C VAL B 188 24.89 -35.44 -14.06
N PRO B 189 24.50 -34.19 -14.38
CA PRO B 189 24.53 -33.17 -13.32
C PRO B 189 23.34 -33.25 -12.34
N ILE B 190 23.52 -32.66 -11.16
CA ILE B 190 22.49 -32.60 -10.12
C ILE B 190 21.85 -31.20 -10.11
N ILE B 191 20.51 -31.18 -10.07
CA ILE B 191 19.77 -29.94 -9.74
C ILE B 191 19.20 -30.08 -8.34
N VAL B 192 19.35 -29.04 -7.52
CA VAL B 192 18.66 -28.99 -6.23
C VAL B 192 17.45 -28.06 -6.36
N LYS B 193 16.28 -28.60 -6.01
CA LYS B 193 15.00 -27.89 -6.18
C LYS B 193 14.22 -27.88 -4.89
N GLU B 194 13.42 -26.84 -4.69
CA GLU B 194 12.57 -26.77 -3.50
C GLU B 194 11.24 -27.36 -3.92
N SER B 195 10.23 -27.17 -3.10
CA SER B 195 8.92 -27.77 -3.33
C SER B 195 7.79 -26.83 -2.85
N GLY B 196 7.79 -25.62 -3.37
CA GLY B 196 6.75 -24.66 -3.03
C GLY B 196 7.15 -23.65 -1.98
N ASN B 197 8.34 -23.79 -1.42
CA ASN B 197 8.74 -22.85 -0.37
C ASN B 197 10.02 -22.04 -0.64
N GLY B 198 10.66 -22.29 -1.79
CA GLY B 198 11.71 -21.40 -2.29
C GLY B 198 13.11 -21.56 -1.75
N ILE B 199 14.08 -21.11 -2.53
CA ILE B 199 15.50 -21.16 -2.17
C ILE B 199 15.95 -19.77 -1.77
N SER B 200 16.42 -19.64 -0.53
CA SER B 200 16.99 -18.40 -0.03
C SER B 200 18.41 -18.26 -0.52
N MET B 201 19.00 -17.07 -0.38
CA MET B 201 20.42 -16.90 -0.71
C MET B 201 21.38 -17.60 0.26
N GLU B 202 20.99 -17.76 1.52
CA GLU B 202 21.75 -18.59 2.48
C GLU B 202 21.82 -20.06 2.00
N THR B 203 20.67 -20.66 1.71
CA THR B 203 20.61 -22.05 1.25
C THR B 203 21.32 -22.23 -0.09
N ALA B 204 21.13 -21.31 -1.03
CA ALA B 204 21.86 -21.35 -2.30
C ALA B 204 23.37 -21.36 -2.07
N LYS B 205 23.89 -20.34 -1.38
CA LYS B 205 25.32 -20.25 -1.07
C LYS B 205 25.85 -21.53 -0.40
N LEU B 206 25.11 -22.08 0.56
CA LEU B 206 25.54 -23.29 1.21
C LEU B 206 25.65 -24.39 0.17
N LEU B 207 24.59 -24.59 -0.60
CA LEU B 207 24.58 -25.68 -1.60
C LEU B 207 25.73 -25.51 -2.58
N TYR B 208 25.97 -24.27 -2.97
CA TYR B 208 27.00 -23.93 -3.90
C TYR B 208 28.38 -24.28 -3.35
N SER B 209 28.58 -23.99 -2.06
CA SER B 209 29.82 -24.33 -1.39
C SER B 209 30.08 -25.84 -1.43
N TYR B 210 29.05 -26.65 -1.66
CA TYR B 210 29.24 -28.10 -1.78
C TYR B 210 29.29 -28.54 -3.24
N GLY B 211 29.47 -27.57 -4.14
CA GLY B 211 29.57 -27.79 -5.59
C GLY B 211 28.28 -27.84 -6.38
N ILE B 212 27.16 -27.44 -5.78
CA ILE B 212 25.90 -27.43 -6.52
C ILE B 212 25.81 -26.16 -7.37
N LYS B 213 25.55 -26.35 -8.66
CA LYS B 213 25.53 -25.23 -9.63
C LYS B 213 24.16 -25.01 -10.29
N ASN B 214 23.25 -25.98 -10.13
CA ASN B 214 21.95 -25.92 -10.77
C ASN B 214 20.82 -25.89 -9.74
N PHE B 215 20.01 -24.83 -9.82
CA PHE B 215 18.95 -24.64 -8.85
C PHE B 215 17.59 -24.47 -9.52
N ASP B 216 16.58 -24.94 -8.81
CA ASP B 216 15.20 -24.76 -9.22
C ASP B 216 14.44 -24.13 -8.04
N THR B 217 14.04 -22.85 -8.18
CA THR B 217 13.56 -22.04 -7.05
C THR B 217 12.39 -22.65 -6.34
N SER B 218 11.37 -23.04 -7.10
CA SER B 218 10.13 -23.58 -6.51
C SER B 218 9.70 -22.76 -5.31
N GLY B 219 9.35 -21.50 -5.54
CA GLY B 219 8.96 -20.62 -4.45
C GLY B 219 7.50 -20.77 -4.06
N GLN B 220 7.05 -20.01 -3.06
CA GLN B 220 5.65 -19.99 -2.72
C GLN B 220 4.86 -19.25 -3.77
N GLY B 221 3.54 -19.48 -3.83
CA GLY B 221 2.67 -18.73 -4.72
C GLY B 221 2.06 -19.64 -5.73
N GLY B 222 2.61 -20.84 -5.82
CA GLY B 222 2.06 -21.87 -6.66
C GLY B 222 1.52 -22.90 -5.72
N THR B 223 1.67 -24.17 -6.11
CA THR B 223 1.23 -25.30 -5.32
C THR B 223 1.72 -25.14 -3.90
N ASN B 224 0.79 -25.15 -2.96
CA ASN B 224 1.11 -24.94 -1.56
C ASN B 224 1.22 -26.28 -0.84
N TRP B 225 2.45 -26.73 -0.68
CA TRP B 225 2.70 -28.04 -0.16
C TRP B 225 2.41 -28.17 1.34
N ILE B 226 2.56 -27.07 2.06
CA ILE B 226 2.13 -27.03 3.43
C ILE B 226 0.62 -27.23 3.43
N ALA B 227 -0.07 -26.60 2.47
CA ALA B 227 -1.54 -26.74 2.39
C ALA B 227 -1.96 -28.18 2.08
N ILE B 228 -1.19 -28.86 1.24
CA ILE B 228 -1.57 -30.22 0.82
C ILE B 228 -1.45 -31.16 2.00
N GLU B 229 -0.37 -31.00 2.77
CA GLU B 229 -0.22 -31.84 3.95
C GLU B 229 -1.24 -31.44 5.03
N MET B 230 -1.57 -30.17 5.13
CA MET B 230 -2.64 -29.75 6.02
C MET B 230 -3.92 -30.50 5.69
N ILE B 231 -4.30 -30.57 4.42
CA ILE B 231 -5.48 -31.31 4.01
C ILE B 231 -5.39 -32.79 4.39
N ARG B 232 -4.21 -33.38 4.23
CA ARG B 232 -4.03 -34.79 4.59
C ARG B 232 -4.15 -34.94 6.08
N ASP B 233 -3.64 -33.94 6.81
CA ASP B 233 -3.79 -33.89 8.28
C ASP B 233 -5.23 -33.74 8.76
N ILE B 234 -5.99 -32.82 8.17
CA ILE B 234 -7.42 -32.66 8.45
C ILE B 234 -8.10 -34.01 8.30
N ARG B 235 -7.79 -34.68 7.19
CA ARG B 235 -8.40 -35.93 6.79
C ARG B 235 -8.17 -37.08 7.77
N ARG B 236 -6.99 -37.09 8.41
CA ARG B 236 -6.66 -38.08 9.44
C ARG B 236 -6.99 -37.62 10.84
N GLY B 237 -7.74 -36.52 10.95
CA GLY B 237 -7.92 -35.81 12.21
C GLY B 237 -6.62 -35.61 12.99
N ASN B 238 -5.49 -35.49 12.30
CA ASN B 238 -4.21 -35.16 12.90
C ASN B 238 -4.24 -33.71 13.38
N TRP B 239 -3.82 -33.47 14.61
CA TRP B 239 -3.85 -32.14 15.25
C TRP B 239 -2.91 -31.09 14.54
N LYS B 240 -1.88 -31.58 13.87
CA LYS B 240 -0.95 -30.74 13.11
C LYS B 240 -1.67 -29.84 12.09
N ALA B 241 -2.88 -30.22 11.69
CA ALA B 241 -3.66 -29.46 10.71
C ALA B 241 -3.72 -27.97 10.99
N GLU B 242 -3.98 -27.59 12.25
CA GLU B 242 -4.14 -26.18 12.58
C GLU B 242 -2.83 -25.44 12.60
N SER B 243 -1.78 -26.11 13.08
CA SER B 243 -0.45 -25.55 13.03
C SER B 243 -0.06 -25.23 11.59
N ALA B 244 -0.26 -26.20 10.69
CA ALA B 244 -0.04 -26.01 9.26
C ALA B 244 -0.72 -24.74 8.75
N LYS B 245 -2.00 -24.57 9.11
CA LYS B 245 -2.76 -23.39 8.73
C LYS B 245 -2.02 -22.08 9.01
N ASN B 246 -1.25 -22.02 10.08
CA ASN B 246 -0.44 -20.84 10.43
C ASN B 246 0.78 -20.63 9.54
N PHE B 247 1.14 -21.66 8.79
CA PHE B 247 2.32 -21.63 7.93
C PHE B 247 1.98 -21.58 6.45
N LEU B 248 0.71 -21.37 6.12
CA LEU B 248 0.27 -21.39 4.72
C LEU B 248 1.02 -20.42 3.80
N ASP B 249 1.55 -19.35 4.40
CA ASP B 249 2.30 -18.36 3.63
C ASP B 249 3.78 -18.35 3.99
N TRP B 250 4.23 -19.44 4.61
CA TRP B 250 5.65 -19.59 4.84
C TRP B 250 6.38 -19.79 3.52
N GLY B 251 7.57 -19.19 3.43
CA GLY B 251 8.47 -19.39 2.29
C GLY B 251 8.96 -18.17 1.55
N VAL B 252 9.85 -18.38 0.59
CA VAL B 252 10.30 -17.32 -0.25
C VAL B 252 9.34 -17.30 -1.45
N PRO B 253 8.73 -16.14 -1.74
CA PRO B 253 7.97 -16.05 -2.98
C PRO B 253 8.90 -16.29 -4.17
N THR B 254 8.37 -16.94 -5.21
CA THR B 254 9.16 -17.34 -6.38
C THR B 254 10.05 -16.22 -6.93
N ALA B 255 9.42 -15.08 -7.22
CA ALA B 255 10.13 -13.94 -7.75
C ALA B 255 11.34 -13.59 -6.85
N ALA B 256 11.10 -13.51 -5.55
CA ALA B 256 12.16 -13.18 -4.60
C ALA B 256 13.25 -14.24 -4.65
N SER B 257 12.85 -15.50 -4.77
CA SER B 257 13.83 -16.57 -4.80
C SER B 257 14.74 -16.45 -6.03
N ILE B 258 14.12 -16.24 -7.18
CA ILE B 258 14.87 -16.03 -8.42
C ILE B 258 15.94 -14.97 -8.22
N MET B 259 15.55 -13.83 -7.67
CA MET B 259 16.52 -12.77 -7.42
C MET B 259 17.59 -13.27 -6.46
N GLU B 260 17.15 -13.84 -5.35
CA GLU B 260 18.09 -14.28 -4.33
C GLU B 260 19.15 -15.22 -4.89
N VAL B 261 18.73 -16.23 -5.66
CA VAL B 261 19.65 -17.22 -6.21
C VAL B 261 20.55 -16.58 -7.24
N ARG B 262 19.96 -15.91 -8.23
CA ARG B 262 20.74 -15.28 -9.28
C ARG B 262 21.78 -14.35 -8.69
N TYR B 263 21.40 -13.63 -7.63
CA TYR B 263 22.30 -12.67 -7.03
C TYR B 263 23.41 -13.33 -6.24
N SER B 264 23.06 -14.32 -5.43
CA SER B 264 24.04 -14.93 -4.53
C SER B 264 24.97 -15.89 -5.27
N VAL B 265 24.50 -16.46 -6.38
CA VAL B 265 25.35 -17.32 -7.20
C VAL B 265 25.13 -17.02 -8.66
N PRO B 266 25.82 -15.97 -9.15
CA PRO B 266 25.57 -15.40 -10.49
C PRO B 266 25.67 -16.46 -11.59
N ASP B 267 26.76 -17.22 -11.59
CA ASP B 267 27.03 -18.23 -12.64
C ASP B 267 26.15 -19.50 -12.58
N SER B 268 25.08 -19.51 -11.78
CA SER B 268 24.25 -20.72 -11.64
C SER B 268 23.37 -21.00 -12.86
N PHE B 269 23.05 -22.24 -13.09
CA PHE B 269 21.98 -22.55 -14.03
C PHE B 269 20.72 -22.60 -13.16
N LEU B 270 19.72 -21.80 -13.53
CA LEU B 270 18.59 -21.53 -12.65
C LEU B 270 17.23 -21.73 -13.30
N VAL B 271 16.47 -22.70 -12.82
CA VAL B 271 15.04 -22.83 -13.15
C VAL B 271 14.17 -21.94 -12.22
N GLY B 272 13.27 -21.15 -12.80
CA GLY B 272 12.39 -20.30 -12.01
C GLY B 272 11.01 -20.96 -12.01
N SER B 273 10.66 -21.56 -10.88
CA SER B 273 9.40 -22.32 -10.76
C SER B 273 8.68 -22.04 -9.46
N GLY B 274 7.38 -22.34 -9.45
CA GLY B 274 6.56 -22.11 -8.29
C GLY B 274 5.49 -21.13 -8.68
N GLY B 275 4.38 -21.67 -9.17
CA GLY B 275 3.23 -20.85 -9.52
C GLY B 275 3.37 -20.16 -10.86
N ILE B 276 4.20 -20.72 -11.74
CA ILE B 276 4.25 -20.22 -13.12
C ILE B 276 2.97 -20.71 -13.81
N ARG B 277 2.08 -19.79 -14.18
CA ARG B 277 0.77 -20.22 -14.72
C ARG B 277 0.50 -19.79 -16.16
N SER B 278 1.25 -18.84 -16.68
CA SER B 278 1.09 -18.41 -18.06
C SER B 278 2.46 -18.20 -18.68
N GLY B 279 2.51 -18.04 -19.99
CA GLY B 279 3.77 -17.71 -20.64
C GLY B 279 4.28 -16.37 -20.19
N LEU B 280 3.39 -15.52 -19.70
CA LEU B 280 3.79 -14.22 -19.21
C LEU B 280 4.60 -14.43 -17.95
N ASP B 281 4.11 -15.33 -17.10
CA ASP B 281 4.80 -15.68 -15.86
C ASP B 281 6.16 -16.28 -16.18
N ALA B 282 6.21 -17.12 -17.21
CA ALA B 282 7.46 -17.71 -17.68
C ALA B 282 8.41 -16.60 -18.12
N ALA B 283 7.87 -15.66 -18.91
CA ALA B 283 8.65 -14.55 -19.42
C ALA B 283 9.24 -13.72 -18.26
N LYS B 284 8.38 -13.33 -17.31
CA LYS B 284 8.82 -12.57 -16.15
C LYS B 284 9.92 -13.29 -15.41
N ALA B 285 9.74 -14.59 -15.17
CA ALA B 285 10.74 -15.35 -14.41
C ALA B 285 12.11 -15.36 -15.11
N ILE B 286 12.10 -15.54 -16.43
CA ILE B 286 13.33 -15.58 -17.21
C ILE B 286 13.97 -14.21 -17.21
N ALA B 287 13.18 -13.18 -17.54
CA ALA B 287 13.63 -11.80 -17.57
C ALA B 287 14.26 -11.41 -16.25
N LEU B 288 13.62 -11.84 -15.17
CA LEU B 288 14.02 -11.55 -13.78
C LEU B 288 15.35 -12.16 -13.40
N GLY B 289 15.73 -13.28 -14.03
CA GLY B 289 17.00 -13.89 -13.76
C GLY B 289 17.09 -15.39 -13.99
N ALA B 290 15.97 -16.05 -14.21
CA ALA B 290 15.96 -17.50 -14.44
C ALA B 290 16.51 -17.81 -15.81
N ASP B 291 17.07 -18.99 -15.97
CA ASP B 291 17.53 -19.46 -17.28
C ASP B 291 16.36 -20.12 -18.01
N ILE B 292 15.58 -20.88 -17.26
CA ILE B 292 14.39 -21.49 -17.82
C ILE B 292 13.26 -21.46 -16.78
N ALA B 293 12.02 -21.49 -17.23
CA ALA B 293 10.86 -21.44 -16.33
C ALA B 293 10.33 -22.84 -16.09
N GLY B 294 9.91 -23.12 -14.87
CA GLY B 294 9.40 -24.46 -14.53
C GLY B 294 7.95 -24.48 -14.09
N MET B 295 7.24 -25.55 -14.50
CA MET B 295 5.81 -25.70 -14.24
C MET B 295 5.50 -27.11 -13.78
N ALA B 296 4.59 -27.24 -12.81
CA ALA B 296 4.09 -28.54 -12.41
C ALA B 296 2.58 -28.61 -12.47
N LEU B 297 1.90 -28.07 -11.45
CA LEU B 297 0.45 -28.22 -11.30
C LEU B 297 -0.38 -28.04 -12.58
N PRO B 298 -0.22 -26.92 -13.33
CA PRO B 298 -1.13 -26.78 -14.49
C PRO B 298 -0.92 -27.87 -15.53
N VAL B 299 0.28 -28.44 -15.58
CA VAL B 299 0.56 -29.54 -16.48
C VAL B 299 -0.23 -30.78 -16.04
N LEU B 300 -0.23 -31.04 -14.74
CA LEU B 300 -0.96 -32.15 -14.13
C LEU B 300 -2.43 -32.04 -14.49
N LYS B 301 -2.99 -30.87 -14.23
CA LYS B 301 -4.43 -30.66 -14.42
C LYS B 301 -4.86 -30.89 -15.86
N SER B 302 -4.02 -30.47 -16.82
CA SER B 302 -4.27 -30.72 -18.25
C SER B 302 -4.12 -32.19 -18.65
N ALA B 303 -3.00 -32.80 -18.27
CA ALA B 303 -2.79 -34.23 -18.53
C ALA B 303 -3.94 -35.10 -17.98
N ILE B 304 -4.48 -34.73 -16.83
CA ILE B 304 -5.60 -35.47 -16.30
C ILE B 304 -6.79 -35.40 -17.27
N GLU B 305 -6.95 -34.27 -17.94
CA GLU B 305 -8.03 -34.12 -18.91
C GLU B 305 -7.74 -34.81 -20.23
N GLY B 306 -6.50 -35.24 -20.46
CA GLY B 306 -6.19 -35.92 -21.70
C GLY B 306 -5.10 -35.25 -22.53
N LYS B 307 -4.54 -36.02 -23.46
CA LYS B 307 -3.43 -35.58 -24.30
C LYS B 307 -3.66 -34.21 -24.94
N GLU B 308 -4.67 -34.07 -25.79
CA GLU B 308 -4.86 -32.84 -26.58
C GLU B 308 -5.17 -31.61 -25.72
N SER B 309 -5.86 -31.82 -24.62
CA SER B 309 -6.04 -30.77 -23.61
C SER B 309 -4.69 -30.20 -23.20
N LEU B 310 -3.70 -31.07 -22.99
CA LEU B 310 -2.35 -30.66 -22.64
C LEU B 310 -1.57 -30.06 -23.82
N GLU B 311 -1.88 -30.51 -25.03
CA GLU B 311 -1.19 -29.99 -26.21
C GLU B 311 -1.63 -28.57 -26.44
N GLN B 312 -2.92 -28.33 -26.19
CA GLN B 312 -3.49 -26.98 -26.25
C GLN B 312 -2.86 -26.10 -25.17
N PHE B 313 -2.65 -26.67 -23.99
CA PHE B 313 -2.02 -25.93 -22.92
C PHE B 313 -0.63 -25.45 -23.32
N PHE B 314 0.20 -26.34 -23.85
CA PHE B 314 1.55 -25.93 -24.23
C PHE B 314 1.56 -24.88 -25.33
N ARG B 315 0.60 -24.99 -26.26
CA ARG B 315 0.47 -23.98 -27.30
C ARG B 315 0.21 -22.60 -26.71
N LYS B 316 -0.77 -22.54 -25.81
CA LYS B 316 -1.15 -21.33 -25.07
C LYS B 316 0.05 -20.75 -24.31
N ILE B 317 0.81 -21.60 -23.64
CA ILE B 317 1.99 -21.14 -22.90
C ILE B 317 3.04 -20.61 -23.86
N ILE B 318 3.31 -21.35 -24.91
CA ILE B 318 4.32 -20.94 -25.89
C ILE B 318 3.96 -19.60 -26.56
N PHE B 319 2.72 -19.49 -27.02
CA PHE B 319 2.24 -18.26 -27.64
C PHE B 319 2.40 -17.06 -26.70
N GLU B 320 1.88 -17.22 -25.49
CA GLU B 320 2.01 -16.22 -24.43
C GLU B 320 3.46 -15.77 -24.25
N LEU B 321 4.37 -16.73 -24.10
CA LEU B 321 5.78 -16.41 -24.01
C LEU B 321 6.29 -15.59 -25.20
N LYS B 322 5.91 -16.01 -26.40
CA LYS B 322 6.36 -15.35 -27.62
C LYS B 322 5.80 -13.95 -27.72
N ALA B 323 4.57 -13.79 -27.19
CA ALA B 323 3.92 -12.50 -27.13
C ALA B 323 4.70 -11.55 -26.21
N ALA B 324 5.06 -12.04 -25.03
CA ALA B 324 5.88 -11.23 -24.13
C ALA B 324 7.23 -10.89 -24.78
N MET B 325 7.83 -11.85 -25.47
CA MET B 325 9.07 -11.57 -26.15
C MET B 325 8.90 -10.51 -27.23
N MET B 326 7.94 -10.75 -28.13
CA MET B 326 7.58 -9.78 -29.14
C MET B 326 7.46 -8.38 -28.56
N LEU B 327 6.64 -8.26 -27.52
CA LEU B 327 6.25 -6.97 -26.95
C LEU B 327 7.34 -6.32 -26.10
N THR B 328 8.46 -7.00 -25.93
CA THR B 328 9.63 -6.41 -25.31
C THR B 328 10.77 -6.28 -26.32
N GLY B 329 10.51 -6.61 -27.58
CA GLY B 329 11.55 -6.64 -28.60
C GLY B 329 12.66 -7.65 -28.30
N SER B 330 12.28 -8.85 -27.92
CA SER B 330 13.25 -9.86 -27.54
C SER B 330 13.26 -10.92 -28.62
N LYS B 331 14.31 -10.93 -29.46
CA LYS B 331 14.34 -11.83 -30.61
C LYS B 331 14.55 -13.28 -30.22
N ASP B 332 15.28 -13.49 -29.13
CA ASP B 332 15.59 -14.83 -28.63
C ASP B 332 15.64 -14.81 -27.10
N VAL B 333 15.81 -15.99 -26.50
CA VAL B 333 15.86 -16.13 -25.04
C VAL B 333 16.90 -15.22 -24.39
N ASP B 334 18.08 -15.06 -25.00
CA ASP B 334 19.10 -14.16 -24.45
C ASP B 334 18.67 -12.73 -24.33
N ALA B 335 17.97 -12.22 -25.35
CA ALA B 335 17.50 -10.83 -25.36
C ALA B 335 16.45 -10.60 -24.27
N LEU B 336 15.61 -11.62 -24.05
CA LEU B 336 14.60 -11.60 -23.01
C LEU B 336 15.27 -11.50 -21.64
N LYS B 337 16.28 -12.33 -21.42
CA LYS B 337 17.07 -12.31 -20.18
C LYS B 337 17.65 -10.92 -19.83
N LYS B 338 17.81 -10.05 -20.83
CA LYS B 338 18.31 -8.69 -20.56
C LYS B 338 17.37 -7.55 -20.96
N THR B 339 16.10 -7.87 -21.18
CA THR B 339 15.08 -6.86 -21.48
C THR B 339 14.76 -5.97 -20.27
N SER B 340 14.08 -4.85 -20.49
CA SER B 340 13.81 -3.87 -19.43
C SER B 340 12.63 -4.24 -18.53
N ILE B 341 12.85 -4.14 -17.23
CA ILE B 341 11.81 -4.50 -16.24
C ILE B 341 11.61 -3.39 -15.21
N VAL B 342 10.47 -3.45 -14.52
CA VAL B 342 10.22 -2.62 -13.37
C VAL B 342 9.97 -3.54 -12.20
N ILE B 343 10.61 -3.25 -11.06
CA ILE B 343 10.39 -3.98 -9.79
C ILE B 343 9.74 -3.06 -8.77
N LEU B 344 8.54 -3.42 -8.35
CA LEU B 344 7.68 -2.58 -7.52
C LEU B 344 7.48 -3.17 -6.15
N GLY B 345 6.68 -2.45 -5.35
CA GLY B 345 6.08 -2.94 -4.11
C GLY B 345 6.91 -3.78 -3.17
N LYS B 346 6.36 -4.93 -2.84
CA LYS B 346 6.90 -5.78 -1.78
C LYS B 346 8.16 -6.49 -2.21
N LEU B 347 8.23 -6.86 -3.48
CA LEU B 347 9.41 -7.48 -4.02
C LEU B 347 10.59 -6.52 -3.89
N LYS B 348 10.35 -5.25 -4.15
CA LYS B 348 11.39 -4.23 -4.01
C LYS B 348 11.86 -4.15 -2.56
N GLU B 349 10.89 -4.07 -1.64
CA GLU B 349 11.19 -3.93 -0.22
C GLU B 349 11.97 -5.14 0.25
N TRP B 350 11.56 -6.31 -0.24
CA TRP B 350 12.25 -7.56 0.02
C TRP B 350 13.71 -7.46 -0.41
N ALA B 351 13.93 -7.16 -1.69
CA ALA B 351 15.26 -7.11 -2.21
C ALA B 351 16.16 -6.12 -1.44
N GLU B 352 15.63 -4.94 -1.17
CA GLU B 352 16.37 -3.90 -0.45
C GLU B 352 16.79 -4.36 0.93
N TYR B 353 15.84 -4.88 1.70
CA TYR B 353 16.14 -5.42 3.03
C TYR B 353 17.19 -6.54 3.00
N ARG B 354 17.13 -7.38 1.98
CA ARG B 354 18.03 -8.51 1.92
C ARG B 354 19.36 -8.09 1.33
N GLY B 355 19.55 -6.77 1.21
CA GLY B 355 20.79 -6.19 0.72
C GLY B 355 21.08 -6.49 -0.74
N ILE B 356 20.05 -6.83 -1.50
CA ILE B 356 20.18 -6.99 -2.95
C ILE B 356 20.25 -5.61 -3.58
N ASN B 357 21.46 -5.23 -3.98
CA ASN B 357 21.68 -3.93 -4.63
C ASN B 357 21.05 -3.86 -6.03
N LEU B 358 20.04 -3.01 -6.23
CA LEU B 358 19.34 -2.96 -7.53
C LEU B 358 20.26 -2.61 -8.69
N SER B 359 21.21 -1.70 -8.47
CA SER B 359 22.24 -1.43 -9.46
C SER B 359 23.03 -2.67 -9.80
N ILE B 360 23.73 -3.23 -8.83
CA ILE B 360 24.58 -4.40 -9.11
C ILE B 360 23.76 -5.65 -9.54
N TYR B 361 22.46 -5.66 -9.20
CA TYR B 361 21.55 -6.72 -9.66
C TYR B 361 21.25 -6.70 -11.17
N GLU B 362 20.88 -5.52 -11.69
CA GLU B 362 20.66 -5.30 -13.12
C GLU B 362 21.85 -5.79 -13.97
N LYS B 363 23.05 -5.62 -13.43
CA LYS B 363 24.26 -6.07 -14.07
C LYS B 363 24.36 -7.59 -14.09
N VAL B 364 24.16 -8.21 -12.93
CA VAL B 364 24.23 -9.69 -12.79
C VAL B 364 23.23 -10.48 -13.67
N ARG B 365 21.99 -10.00 -13.79
CA ARG B 365 20.96 -10.63 -14.66
C ARG B 365 21.21 -10.34 -16.15
N LYS B 366 21.90 -9.20 -16.38
CA LYS B 366 22.12 -8.55 -17.69
C LYS B 366 20.94 -7.70 -18.15
N ASP C 3 -15.79 -4.88 45.42
CA ASP C 3 -16.06 -4.91 43.94
C ASP C 3 -14.95 -4.22 43.07
N ILE C 4 -13.78 -4.04 43.66
CA ILE C 4 -12.55 -4.00 42.87
C ILE C 4 -12.34 -5.46 42.39
N VAL C 5 -12.90 -6.42 43.16
CA VAL C 5 -12.98 -7.84 42.74
C VAL C 5 -14.05 -8.07 41.64
N ASN C 6 -15.04 -7.17 41.57
CA ASN C 6 -16.01 -7.21 40.49
C ASN C 6 -15.36 -6.83 39.17
N ARG C 7 -14.52 -5.79 39.20
CA ARG C 7 -13.70 -5.44 38.03
C ARG C 7 -12.84 -6.63 37.58
N LYS C 8 -12.26 -7.34 38.54
CA LYS C 8 -11.50 -8.57 38.24
C LYS C 8 -12.32 -9.61 37.46
N VAL C 9 -13.55 -9.89 37.89
CA VAL C 9 -14.42 -10.84 37.20
C VAL C 9 -14.81 -10.29 35.83
N GLU C 10 -15.19 -9.01 35.78
CA GLU C 10 -15.53 -8.38 34.50
C GLU C 10 -14.40 -8.38 33.47
N HIS C 11 -13.17 -8.13 33.92
CA HIS C 11 -12.03 -8.21 33.03
C HIS C 11 -11.97 -9.57 32.36
N VAL C 12 -11.96 -10.64 33.16
CA VAL C 12 -11.87 -12.00 32.62
C VAL C 12 -13.06 -12.29 31.69
N GLU C 13 -14.24 -11.90 32.12
CA GLU C 13 -15.47 -12.21 31.43
C GLU C 13 -15.58 -11.50 30.07
N ILE C 14 -15.09 -10.26 29.98
CA ILE C 14 -15.01 -9.53 28.69
C ILE C 14 -13.88 -10.05 27.79
N ALA C 15 -12.68 -10.11 28.36
CA ALA C 15 -11.51 -10.61 27.64
C ALA C 15 -11.80 -11.95 27.01
N ALA C 16 -12.34 -12.86 27.81
CA ALA C 16 -12.59 -14.24 27.38
C ALA C 16 -13.72 -14.40 26.37
N PHE C 17 -14.84 -13.68 26.59
CA PHE C 17 -16.05 -13.96 25.83
C PHE C 17 -16.50 -12.84 24.92
N GLU C 18 -15.82 -11.69 24.95
CA GLU C 18 -16.18 -10.60 24.06
C GLU C 18 -15.13 -10.25 22.98
N ASN C 19 -15.51 -9.40 22.04
CA ASN C 19 -14.66 -9.16 20.90
C ASN C 19 -13.61 -8.06 21.13
N VAL C 20 -12.51 -8.46 21.75
CA VAL C 20 -11.49 -7.48 22.10
C VAL C 20 -10.07 -7.88 21.72
N ASP C 21 -9.89 -9.09 21.18
CA ASP C 21 -8.56 -9.54 20.72
C ASP C 21 -8.13 -8.90 19.40
N GLY C 22 -7.23 -7.93 19.47
CA GLY C 22 -6.77 -7.25 18.27
C GLY C 22 -7.76 -6.33 17.60
N LEU C 23 -8.81 -5.93 18.32
CA LEU C 23 -9.85 -4.98 17.87
C LEU C 23 -9.29 -3.62 17.41
N SER C 24 -9.37 -3.37 16.10
CA SER C 24 -8.82 -2.16 15.48
C SER C 24 -7.35 -1.91 15.80
N SER C 25 -6.65 -2.95 16.24
CA SER C 25 -5.25 -2.83 16.55
C SER C 25 -4.45 -3.81 15.72
N SER C 26 -3.14 -3.69 15.77
CA SER C 26 -2.29 -4.52 14.95
C SER C 26 -0.92 -4.71 15.57
N THR C 27 -0.41 -5.95 15.52
CA THR C 27 0.90 -6.26 16.09
C THR C 27 2.05 -5.81 15.19
N PHE C 28 1.75 -5.58 13.91
CA PHE C 28 2.78 -5.31 12.89
C PHE C 28 3.65 -6.55 12.62
N LEU C 29 3.30 -7.68 13.24
CA LEU C 29 4.07 -8.93 13.06
C LEU C 29 3.95 -9.45 11.62
N ASN C 30 2.81 -9.17 11.02
CA ASN C 30 2.64 -9.22 9.59
C ASN C 30 3.81 -8.79 8.75
N ASP C 31 4.47 -7.71 9.18
CA ASP C 31 5.57 -7.10 8.43
C ASP C 31 6.91 -7.78 8.72
N VAL C 32 6.88 -8.82 9.55
CA VAL C 32 8.10 -9.56 9.86
C VAL C 32 8.05 -10.93 9.19
N ILE C 33 9.05 -11.20 8.37
CA ILE C 33 9.12 -12.50 7.68
C ILE C 33 10.39 -13.25 7.99
N LEU C 34 10.23 -14.49 8.45
CA LEU C 34 11.37 -15.34 8.74
C LEU C 34 11.79 -16.00 7.43
N VAL C 35 13.07 -15.88 7.10
CA VAL C 35 13.53 -16.37 5.81
C VAL C 35 13.65 -17.89 5.84
N HIS C 36 12.89 -18.55 4.95
CA HIS C 36 12.86 -20.01 4.86
C HIS C 36 14.18 -20.59 4.36
N GLN C 37 14.65 -21.67 4.99
CA GLN C 37 15.89 -22.31 4.61
C GLN C 37 15.59 -23.71 4.11
N GLY C 38 15.59 -23.88 2.79
CA GLY C 38 15.26 -25.16 2.16
C GLY C 38 16.20 -26.28 2.60
N PHE C 39 17.44 -25.92 2.92
CA PHE C 39 18.30 -26.86 3.60
C PHE C 39 18.60 -26.34 5.01
N PRO C 40 17.80 -26.75 6.01
CA PRO C 40 17.99 -26.34 7.40
C PRO C 40 19.36 -26.68 8.01
N GLY C 41 19.88 -27.87 7.76
CA GLY C 41 21.18 -28.27 8.33
C GLY C 41 21.09 -28.90 9.71
N ILE C 42 19.86 -29.18 10.14
CA ILE C 42 19.58 -29.82 11.42
C ILE C 42 18.42 -30.80 11.26
N SER C 43 18.24 -31.67 12.24
CA SER C 43 17.09 -32.56 12.28
C SER C 43 16.06 -31.95 13.25
N PHE C 44 14.79 -32.21 13.05
CA PHE C 44 13.74 -31.64 13.92
C PHE C 44 13.92 -32.08 15.39
N SER C 45 14.31 -33.34 15.55
CA SER C 45 14.41 -33.96 16.86
C SER C 45 15.58 -33.41 17.65
N GLU C 46 16.59 -32.87 16.99
CA GLU C 46 17.71 -32.29 17.71
C GLU C 46 17.56 -30.80 18.03
N ILE C 47 16.41 -30.22 17.69
CA ILE C 47 16.12 -28.83 18.08
C ILE C 47 15.93 -28.69 19.59
N ASN C 48 16.70 -27.79 20.20
CA ASN C 48 16.68 -27.54 21.64
C ASN C 48 16.02 -26.20 21.99
N THR C 49 14.87 -26.26 22.67
CA THR C 49 14.08 -25.05 22.96
C THR C 49 14.36 -24.45 24.33
N LYS C 50 15.33 -25.00 25.03
CA LYS C 50 15.64 -24.55 26.36
C LYS C 50 16.24 -23.14 26.37
N THR C 51 15.98 -22.40 27.44
CA THR C 51 16.55 -21.07 27.61
C THR C 51 16.53 -20.67 29.09
N LYS C 52 17.33 -19.67 29.45
CA LYS C 52 17.36 -19.19 30.84
C LYS C 52 16.34 -18.06 31.13
N PHE C 53 15.78 -18.10 32.34
CA PHE C 53 14.82 -17.11 32.85
C PHE C 53 15.29 -16.71 34.23
N PHE C 54 16.06 -15.63 34.28
CA PHE C 54 16.81 -15.23 35.47
C PHE C 54 17.60 -16.41 35.98
N ARG C 55 17.36 -16.81 37.22
CA ARG C 55 18.21 -17.85 37.82
C ARG C 55 17.83 -19.28 37.42
N LYS C 56 16.62 -19.46 36.88
CA LYS C 56 16.11 -20.79 36.51
C LYS C 56 16.31 -21.05 35.03
N GLU C 57 16.08 -22.30 34.62
CA GLU C 57 16.06 -22.67 33.21
C GLU C 57 14.64 -23.09 32.86
N ILE C 58 14.20 -22.71 31.67
CA ILE C 58 12.83 -23.04 31.24
C ILE C 58 12.88 -23.93 29.99
N SER C 59 11.82 -24.71 29.77
CA SER C 59 11.77 -25.64 28.67
C SER C 59 11.62 -24.95 27.33
N VAL C 60 10.90 -23.85 27.30
CA VAL C 60 10.49 -23.19 26.06
C VAL C 60 10.70 -21.67 26.24
N PRO C 61 11.09 -20.92 25.18
CA PRO C 61 11.24 -19.47 25.36
C PRO C 61 9.91 -18.72 25.33
N VAL C 62 8.97 -19.17 26.14
CA VAL C 62 7.59 -18.65 26.16
C VAL C 62 7.15 -18.46 27.62
N MET C 63 6.45 -17.38 27.92
CA MET C 63 5.85 -17.27 29.24
C MET C 63 4.37 -16.98 29.15
N VAL C 64 3.61 -17.42 30.14
CA VAL C 64 2.27 -16.93 30.36
C VAL C 64 2.42 -15.66 31.19
N THR C 65 1.93 -14.52 30.67
CA THR C 65 2.01 -13.25 31.42
C THR C 65 0.80 -13.09 32.31
N GLY C 66 0.89 -12.15 33.23
CA GLY C 66 -0.08 -12.01 34.32
C GLY C 66 -1.50 -11.74 33.85
N MET C 67 -2.46 -12.32 34.57
CA MET C 67 -3.86 -12.18 34.17
C MET C 67 -4.85 -11.97 35.29
N THR C 68 -4.92 -12.87 36.26
CA THR C 68 -6.02 -12.76 37.20
C THR C 68 -5.78 -13.31 38.62
N GLY C 69 -6.84 -13.28 39.42
CA GLY C 69 -6.82 -13.69 40.82
C GLY C 69 -7.68 -12.71 41.58
N GLY C 70 -8.05 -13.06 42.82
CA GLY C 70 -8.89 -12.19 43.65
C GLY C 70 -10.22 -12.78 44.06
N ARG C 71 -10.47 -14.02 43.60
CA ARG C 71 -11.71 -14.75 43.87
C ARG C 71 -11.58 -16.25 43.54
N ASN C 72 -12.61 -17.02 43.88
CA ASN C 72 -12.59 -18.48 43.70
C ASN C 72 -12.44 -18.94 42.26
N GLU C 73 -13.42 -18.62 41.41
CA GLU C 73 -13.37 -19.06 40.01
C GLU C 73 -12.15 -18.46 39.31
N LEU C 74 -11.64 -17.36 39.85
CA LEU C 74 -10.41 -16.75 39.35
C LEU C 74 -9.18 -17.54 39.77
N GLY C 75 -9.17 -17.99 41.02
CA GLY C 75 -8.11 -18.84 41.53
C GLY C 75 -8.06 -20.22 40.88
N ARG C 76 -9.23 -20.82 40.61
CA ARG C 76 -9.21 -22.15 40.01
C ARG C 76 -8.76 -22.12 38.54
N ILE C 77 -8.89 -20.96 37.89
CA ILE C 77 -8.22 -20.70 36.60
C ILE C 77 -6.70 -20.67 36.82
N ASN C 78 -6.25 -19.82 37.75
CA ASN C 78 -4.82 -19.75 38.07
C ASN C 78 -4.23 -21.11 38.41
N LYS C 79 -5.04 -21.97 39.02
CA LYS C 79 -4.62 -23.33 39.36
C LYS C 79 -4.37 -24.14 38.08
N ILE C 80 -5.35 -24.11 37.16
CA ILE C 80 -5.24 -24.85 35.90
C ILE C 80 -4.03 -24.36 35.11
N ILE C 81 -3.85 -23.04 34.98
CA ILE C 81 -2.72 -22.47 34.25
C ILE C 81 -1.40 -22.92 34.87
N ALA C 82 -1.24 -22.63 36.16
CA ALA C 82 -0.05 -23.00 36.89
C ALA C 82 0.30 -24.49 36.82
N GLU C 83 -0.66 -25.39 36.99
CA GLU C 83 -0.28 -26.81 36.99
C GLU C 83 0.17 -27.28 35.62
N VAL C 84 -0.45 -26.74 34.58
CA VAL C 84 -0.01 -26.99 33.20
C VAL C 84 1.32 -26.30 32.92
N ALA C 85 1.48 -25.04 33.35
CA ALA C 85 2.74 -24.32 33.15
C ALA C 85 3.88 -25.11 33.76
N GLU C 86 3.64 -25.66 34.95
CA GLU C 86 4.58 -26.51 35.66
C GLU C 86 4.98 -27.70 34.80
N LYS C 87 3.97 -28.45 34.36
CA LYS C 87 4.17 -29.63 33.52
C LYS C 87 5.02 -29.32 32.29
N PHE C 88 4.86 -28.14 31.70
CA PHE C 88 5.61 -27.79 30.48
C PHE C 88 6.92 -27.03 30.71
N GLY C 89 7.21 -26.76 31.97
CA GLY C 89 8.40 -26.02 32.34
C GLY C 89 8.42 -24.61 31.79
N ILE C 90 7.25 -23.96 31.73
CA ILE C 90 7.18 -22.56 31.27
C ILE C 90 6.75 -21.57 32.38
N PRO C 91 7.41 -20.39 32.46
CA PRO C 91 7.14 -19.46 33.54
C PRO C 91 5.78 -18.83 33.46
N MET C 92 5.21 -18.50 34.61
CA MET C 92 3.89 -17.91 34.74
C MET C 92 3.89 -16.67 35.64
N GLY C 93 3.29 -15.59 35.13
CA GLY C 93 3.01 -14.41 35.93
C GLY C 93 1.60 -14.55 36.42
N VAL C 94 1.31 -13.87 37.52
CA VAL C 94 -0.05 -13.84 38.05
C VAL C 94 -0.62 -12.46 37.80
N GLY C 95 -1.95 -12.36 37.94
CA GLY C 95 -2.64 -11.06 37.82
C GLY C 95 -2.25 -10.12 38.92
N SER C 96 -2.74 -8.88 38.87
CA SER C 96 -2.41 -7.88 39.89
C SER C 96 -2.76 -8.37 41.29
N GLN C 97 -1.81 -8.25 42.19
CA GLN C 97 -1.99 -8.69 43.56
C GLN C 97 -2.55 -7.60 44.49
N ARG C 98 -2.86 -6.45 43.92
CA ARG C 98 -3.51 -5.37 44.67
C ARG C 98 -4.65 -5.93 45.52
N VAL C 99 -5.60 -6.57 44.84
CA VAL C 99 -6.79 -7.12 45.48
C VAL C 99 -6.48 -8.03 46.68
N ALA C 100 -5.32 -8.69 46.67
CA ALA C 100 -4.91 -9.59 47.74
C ALA C 100 -4.25 -8.84 48.89
N ILE C 101 -3.70 -7.67 48.58
CA ILE C 101 -3.14 -6.79 49.59
C ILE C 101 -4.31 -6.13 50.36
N GLU C 102 -5.35 -5.72 49.61
CA GLU C 102 -6.54 -5.10 50.17
C GLU C 102 -7.49 -6.05 50.92
N LYS C 103 -7.60 -7.30 50.49
CA LYS C 103 -8.54 -8.25 51.11
C LYS C 103 -7.87 -9.60 51.30
N ALA C 104 -7.76 -10.07 52.54
CA ALA C 104 -7.10 -11.36 52.83
C ALA C 104 -7.77 -12.63 52.25
N GLU C 105 -9.08 -12.56 51.92
CA GLU C 105 -9.81 -13.69 51.27
C GLU C 105 -9.28 -14.01 49.88
N ALA C 106 -8.83 -12.96 49.17
CA ALA C 106 -8.25 -13.08 47.83
C ALA C 106 -6.82 -13.66 47.80
N ARG C 107 -6.16 -13.70 48.96
CA ARG C 107 -4.79 -14.22 49.05
C ARG C 107 -4.67 -15.69 48.60
N GLU C 108 -5.72 -16.47 48.80
CA GLU C 108 -5.70 -17.89 48.43
C GLU C 108 -5.61 -18.10 46.91
N SER C 109 -6.40 -17.36 46.15
CA SER C 109 -6.41 -17.45 44.69
C SER C 109 -5.04 -17.15 44.02
N PHE C 110 -4.09 -16.59 44.78
CA PHE C 110 -2.72 -16.39 44.30
C PHE C 110 -1.79 -17.44 44.85
N ALA C 111 -1.90 -17.73 46.15
CA ALA C 111 -1.04 -18.69 46.84
C ALA C 111 -1.11 -20.12 46.26
N ILE C 112 -2.25 -20.47 45.66
CA ILE C 112 -2.47 -21.78 45.01
C ILE C 112 -1.42 -22.08 43.95
N VAL C 113 -1.04 -21.03 43.21
CA VAL C 113 -0.05 -21.12 42.15
C VAL C 113 1.27 -21.82 42.57
N ARG C 114 1.88 -21.38 43.67
CA ARG C 114 3.12 -22.02 44.12
C ARG C 114 2.90 -23.41 44.72
N LYS C 115 1.70 -23.66 45.24
CA LYS C 115 1.33 -24.98 45.72
C LYS C 115 1.43 -26.01 44.60
N VAL C 116 0.82 -25.70 43.46
CA VAL C 116 0.68 -26.63 42.34
C VAL C 116 1.80 -26.52 41.30
N ALA C 117 2.59 -25.45 41.40
CA ALA C 117 3.73 -25.23 40.51
C ALA C 117 4.99 -24.91 41.32
N PRO C 118 5.59 -25.92 41.95
CA PRO C 118 6.75 -25.70 42.83
C PRO C 118 8.07 -25.32 42.16
N THR C 119 8.28 -25.68 40.89
CA THR C 119 9.63 -25.52 40.31
C THR C 119 9.83 -24.41 39.29
N ILE C 120 8.79 -24.08 38.52
CA ILE C 120 8.88 -23.05 37.47
C ILE C 120 9.03 -21.63 38.02
N PRO C 121 9.59 -20.70 37.23
CA PRO C 121 9.57 -19.30 37.67
C PRO C 121 8.16 -18.76 37.77
N ILE C 122 7.81 -18.18 38.94
CA ILE C 122 6.53 -17.51 39.14
C ILE C 122 6.80 -16.02 39.31
N ILE C 123 5.99 -15.18 38.67
CA ILE C 123 6.26 -13.75 38.64
C ILE C 123 5.11 -12.97 39.24
N ALA C 124 5.40 -12.27 40.33
CA ALA C 124 4.41 -11.38 40.98
C ALA C 124 3.98 -10.19 40.10
N ASN C 125 2.94 -9.50 40.56
CA ASN C 125 2.34 -8.44 39.78
C ASN C 125 1.69 -7.37 40.66
N LEU C 126 2.17 -6.14 40.50
CA LEU C 126 1.59 -4.93 41.11
C LEU C 126 1.53 -3.80 40.10
N GLY C 127 0.58 -2.89 40.28
CA GLY C 127 0.42 -1.78 39.38
C GLY C 127 1.24 -0.56 39.74
N MET C 128 1.85 0.04 38.73
CA MET C 128 2.55 1.31 38.85
C MET C 128 1.80 2.41 39.59
N PRO C 129 0.45 2.51 39.41
CA PRO C 129 -0.29 3.58 40.11
C PRO C 129 -0.22 3.47 41.62
N GLN C 130 -0.19 2.21 42.10
CA GLN C 130 -0.08 1.91 43.52
C GLN C 130 1.21 2.43 44.15
N LEU C 131 2.26 2.60 43.35
CA LEU C 131 3.48 3.22 43.83
C LEU C 131 3.36 4.70 44.14
N VAL C 132 2.44 5.39 43.48
CA VAL C 132 2.18 6.79 43.83
C VAL C 132 1.16 6.86 45.00
N LYS C 133 0.38 5.80 45.16
CA LYS C 133 -0.65 5.75 46.19
C LYS C 133 -0.21 4.96 47.45
N GLY C 134 1.07 5.12 47.78
CA GLY C 134 1.65 4.58 49.03
C GLY C 134 1.87 3.09 49.16
N TYR C 135 2.27 2.43 48.08
CA TYR C 135 2.83 1.09 48.23
C TYR C 135 4.32 1.27 48.35
N GLY C 136 4.99 0.31 48.98
CA GLY C 136 6.43 0.39 49.19
C GLY C 136 7.03 -0.97 49.39
N LEU C 137 8.27 -0.98 49.85
CA LEU C 137 9.01 -2.21 50.08
C LEU C 137 8.19 -3.37 50.63
N LYS C 138 7.32 -3.10 51.60
CA LYS C 138 6.65 -4.22 52.27
C LYS C 138 5.53 -4.85 51.47
N GLU C 139 4.75 -4.04 50.76
CA GLU C 139 3.74 -4.54 49.85
C GLU C 139 4.37 -5.35 48.74
N PHE C 140 5.51 -4.90 48.23
CA PHE C 140 6.26 -5.66 47.24
C PHE C 140 6.68 -7.02 47.79
N GLN C 141 7.37 -7.03 48.94
CA GLN C 141 7.75 -8.27 49.61
C GLN C 141 6.58 -9.19 49.93
N ASP C 142 5.43 -8.59 50.22
CA ASP C 142 4.17 -9.31 50.40
C ASP C 142 3.78 -10.08 49.20
N ALA C 143 3.55 -9.36 48.09
CA ALA C 143 3.30 -9.93 46.79
C ALA C 143 4.32 -11.02 46.46
N ILE C 144 5.60 -10.71 46.63
CA ILE C 144 6.63 -11.69 46.34
C ILE C 144 6.46 -12.97 47.18
N GLN C 145 6.56 -12.86 48.50
CA GLN C 145 6.63 -14.07 49.33
C GLN C 145 5.29 -14.83 49.38
N MET C 146 4.20 -14.16 48.99
CA MET C 146 2.88 -14.75 48.95
C MET C 146 2.75 -15.91 47.96
N ILE C 147 3.61 -15.90 46.92
CA ILE C 147 3.67 -16.95 45.91
C ILE C 147 5.10 -17.43 45.69
N GLU C 148 6.00 -17.02 46.59
CA GLU C 148 7.43 -17.33 46.46
C GLU C 148 7.91 -17.02 45.06
N ALA C 149 7.68 -15.78 44.64
CA ALA C 149 7.97 -15.32 43.30
C ALA C 149 9.47 -15.28 43.02
N ASP C 150 9.85 -15.52 41.77
CA ASP C 150 11.24 -15.45 41.34
C ASP C 150 11.57 -14.06 40.75
N ALA C 151 10.52 -13.26 40.54
CA ALA C 151 10.63 -11.89 40.06
C ALA C 151 9.29 -11.23 40.29
N ILE C 152 9.25 -9.89 40.26
CA ILE C 152 7.99 -9.13 40.29
C ILE C 152 7.84 -8.23 39.04
N ALA C 153 6.65 -8.30 38.43
CA ALA C 153 6.31 -7.45 37.31
C ALA C 153 5.54 -6.25 37.84
N VAL C 154 6.04 -5.04 37.59
CA VAL C 154 5.16 -3.91 37.79
C VAL C 154 4.64 -3.41 36.48
N HIS C 155 3.31 -3.24 36.41
CA HIS C 155 2.64 -2.95 35.15
C HIS C 155 2.41 -1.46 34.84
N LEU C 156 2.65 -1.08 33.59
CA LEU C 156 2.27 0.23 33.09
C LEU C 156 0.91 0.08 32.40
N ASN C 157 -0.08 0.84 32.87
CA ASN C 157 -1.38 0.85 32.18
C ASN C 157 -2.04 2.23 32.17
N PRO C 158 -1.32 3.27 31.71
CA PRO C 158 -1.94 4.59 31.79
C PRO C 158 -3.15 4.69 30.87
N ALA C 159 -3.00 4.16 29.65
CA ALA C 159 -4.10 4.04 28.68
C ALA C 159 -5.35 3.50 29.35
N GLN C 160 -5.24 2.29 29.90
CA GLN C 160 -6.34 1.65 30.58
C GLN C 160 -6.93 2.53 31.68
N GLU C 161 -6.09 2.96 32.62
CA GLU C 161 -6.53 3.80 33.75
C GLU C 161 -7.34 5.02 33.28
N VAL C 162 -6.92 5.64 32.18
CA VAL C 162 -7.60 6.81 31.62
C VAL C 162 -9.04 6.51 31.27
N PHE C 163 -9.30 5.36 30.66
CA PHE C 163 -10.64 5.06 30.15
C PHE C 163 -11.45 4.21 31.12
N GLN C 164 -10.74 3.53 32.03
CA GLN C 164 -11.38 2.82 33.14
C GLN C 164 -12.41 3.74 33.81
N PRO C 165 -13.62 3.23 34.10
CA PRO C 165 -14.57 4.08 34.84
C PRO C 165 -14.05 4.50 36.23
N GLU C 166 -13.51 3.54 37.00
CA GLU C 166 -12.86 3.82 38.29
C GLU C 166 -11.33 3.96 38.21
N GLY C 167 -10.82 4.29 37.01
CA GLY C 167 -9.38 4.36 36.75
C GLY C 167 -8.60 5.42 37.49
N GLU C 168 -7.34 5.11 37.76
CA GLU C 168 -6.42 6.00 38.46
C GLU C 168 -5.22 6.34 37.57
N PRO C 169 -5.33 7.43 36.79
CA PRO C 169 -4.31 7.78 35.82
C PRO C 169 -3.29 8.72 36.44
N GLU C 170 -2.54 8.22 37.41
CA GLU C 170 -1.48 9.00 38.07
C GLU C 170 -0.16 8.29 37.92
N TYR C 171 0.74 8.94 37.18
CA TYR C 171 2.05 8.40 36.86
C TYR C 171 3.14 9.45 37.07
N GLN C 172 3.17 10.05 38.27
CA GLN C 172 4.23 11.00 38.60
C GLN C 172 5.61 10.34 38.62
N ILE C 173 6.62 11.14 38.29
CA ILE C 173 8.00 10.67 38.23
C ILE C 173 8.48 10.14 39.59
N TYR C 174 7.99 10.74 40.66
CA TYR C 174 8.20 10.24 42.02
C TYR C 174 8.17 8.71 42.13
N ALA C 175 7.24 8.08 41.40
CA ALA C 175 7.01 6.65 41.51
C ALA C 175 8.21 5.87 41.05
N LEU C 176 8.98 6.43 40.13
CA LEU C 176 10.19 5.77 39.67
C LEU C 176 11.34 5.80 40.71
N GLU C 177 11.53 6.95 41.34
CA GLU C 177 12.46 7.07 42.48
C GLU C 177 12.14 5.99 43.51
N LYS C 178 10.85 5.80 43.77
CA LYS C 178 10.39 4.81 44.74
C LYS C 178 10.69 3.40 44.26
N LEU C 179 10.36 3.10 43.00
CA LEU C 179 10.60 1.79 42.40
C LEU C 179 12.07 1.45 42.50
N ARG C 180 12.92 2.42 42.20
CA ARG C 180 14.36 2.23 42.19
C ARG C 180 14.89 1.90 43.58
N ASP C 181 14.40 2.61 44.59
CA ASP C 181 14.71 2.28 45.97
C ASP C 181 14.24 0.91 46.35
N ILE C 182 13.01 0.57 45.98
CA ILE C 182 12.45 -0.74 46.29
C ILE C 182 13.29 -1.88 45.68
N SER C 183 13.88 -1.63 44.50
CA SER C 183 14.77 -2.61 43.86
C SER C 183 16.05 -2.85 44.68
N LYS C 184 16.47 -1.84 45.43
CA LYS C 184 17.60 -1.96 46.35
C LYS C 184 17.43 -3.11 47.33
N GLU C 185 16.23 -3.18 47.90
CA GLU C 185 15.92 -4.02 49.03
C GLU C 185 15.28 -5.35 48.66
N LEU C 186 14.93 -5.52 47.39
CA LEU C 186 14.14 -6.66 46.97
C LEU C 186 15.06 -7.82 46.65
N SER C 187 14.62 -9.03 46.99
CA SER C 187 15.43 -10.24 46.79
C SER C 187 15.42 -10.73 45.33
N VAL C 188 14.43 -10.27 44.55
CA VAL C 188 14.18 -10.75 43.19
C VAL C 188 14.21 -9.60 42.17
N PRO C 189 14.39 -9.89 40.86
CA PRO C 189 14.42 -8.76 39.93
C PRO C 189 13.04 -8.25 39.57
N ILE C 190 12.99 -7.00 39.09
CA ILE C 190 11.75 -6.35 38.66
C ILE C 190 11.65 -6.37 37.13
N ILE C 191 10.48 -6.75 36.60
CA ILE C 191 10.16 -6.54 35.20
C ILE C 191 9.14 -5.41 35.13
N VAL C 192 9.35 -4.47 34.21
CA VAL C 192 8.30 -3.50 33.85
C VAL C 192 7.62 -3.92 32.52
N LYS C 193 6.30 -4.04 32.57
CA LYS C 193 5.48 -4.50 31.45
C LYS C 193 4.34 -3.53 31.18
N GLU C 194 3.94 -3.45 29.91
CA GLU C 194 2.80 -2.63 29.54
C GLU C 194 1.58 -3.56 29.56
N SER C 195 0.47 -3.12 28.98
CA SER C 195 -0.78 -3.86 29.08
C SER C 195 -1.63 -3.64 27.84
N GLY C 196 -1.03 -3.99 26.69
CA GLY C 196 -1.67 -3.88 25.38
C GLY C 196 -1.35 -2.62 24.61
N ASN C 197 -0.55 -1.73 25.18
CA ASN C 197 -0.24 -0.47 24.50
C ASN C 197 1.25 -0.20 24.20
N GLY C 198 2.12 -1.08 24.68
CA GLY C 198 3.52 -1.10 24.26
C GLY C 198 4.50 -0.15 24.93
N ILE C 199 5.76 -0.56 24.91
CA ILE C 199 6.84 0.25 25.44
C ILE C 199 7.58 0.95 24.32
N SER C 200 7.62 2.29 24.38
CA SER C 200 8.35 3.13 23.43
C SER C 200 9.79 3.19 23.87
N MET C 201 10.67 3.60 22.96
CA MET C 201 12.06 3.79 23.33
C MET C 201 12.30 4.93 24.33
N GLU C 202 11.44 5.96 24.33
CA GLU C 202 11.54 7.00 25.36
C GLU C 202 11.25 6.39 26.72
N THR C 203 10.16 5.61 26.82
CA THR C 203 9.75 5.00 28.10
C THR C 203 10.80 4.00 28.57
N ALA C 204 11.33 3.22 27.64
CA ALA C 204 12.36 2.24 27.97
C ALA C 204 13.59 2.92 28.55
N LYS C 205 14.09 3.94 27.84
CA LYS C 205 15.29 4.65 28.27
C LYS C 205 15.10 5.27 29.66
N LEU C 206 13.92 5.81 29.90
CA LEU C 206 13.62 6.44 31.16
C LEU C 206 13.66 5.38 32.24
N LEU C 207 12.96 4.28 32.03
CA LEU C 207 12.93 3.20 33.00
C LEU C 207 14.34 2.67 33.26
N TYR C 208 15.12 2.59 32.20
CA TYR C 208 16.49 2.09 32.28
C TYR C 208 17.36 3.02 33.12
N SER C 209 17.19 4.33 32.94
CA SER C 209 17.90 5.31 33.73
C SER C 209 17.55 5.20 35.22
N TYR C 210 16.50 4.48 35.57
CA TYR C 210 16.20 4.26 36.98
C TYR C 210 16.57 2.84 37.41
N GLY C 211 17.41 2.18 36.61
CA GLY C 211 17.88 0.83 36.93
C GLY C 211 17.04 -0.35 36.44
N ILE C 212 16.02 -0.09 35.63
CA ILE C 212 15.18 -1.19 35.13
C ILE C 212 15.83 -1.84 33.92
N LYS C 213 15.99 -3.17 34.00
CA LYS C 213 16.74 -3.96 32.99
C LYS C 213 15.88 -5.01 32.28
N ASN C 214 14.67 -5.24 32.79
CA ASN C 214 13.79 -6.27 32.27
C ASN C 214 12.46 -5.69 31.84
N PHE C 215 12.14 -5.88 30.56
CA PHE C 215 10.96 -5.28 29.98
C PHE C 215 10.08 -6.31 29.31
N ASP C 216 8.78 -6.04 29.35
CA ASP C 216 7.79 -6.87 28.67
C ASP C 216 6.96 -5.93 27.78
N THR C 217 7.10 -6.07 26.47
CA THR C 217 6.59 -5.07 25.53
C THR C 217 5.11 -4.85 25.66
N SER C 218 4.34 -5.94 25.68
CA SER C 218 2.89 -5.86 25.68
C SER C 218 2.38 -4.75 24.76
N GLY C 219 2.61 -4.93 23.45
CA GLY C 219 2.20 -3.94 22.47
C GLY C 219 0.74 -4.07 22.06
N GLN C 220 0.29 -3.19 21.18
CA GLN C 220 -1.06 -3.29 20.65
C GLN C 220 -1.16 -4.45 19.66
N GLY C 221 -2.39 -4.92 19.39
CA GLY C 221 -2.63 -5.96 18.39
C GLY C 221 -3.06 -7.26 19.03
N GLY C 222 -2.91 -7.33 20.34
CA GLY C 222 -3.48 -8.40 21.11
C GLY C 222 -4.68 -7.87 21.84
N THR C 223 -4.85 -8.34 23.08
CA THR C 223 -5.88 -7.87 23.98
C THR C 223 -5.91 -6.35 24.05
N ASN C 224 -7.05 -5.79 23.67
CA ASN C 224 -7.19 -4.37 23.57
C ASN C 224 -7.80 -3.86 24.88
N TRP C 225 -6.95 -3.32 25.74
CA TRP C 225 -7.38 -2.91 27.07
C TRP C 225 -8.20 -1.64 27.06
N ILE C 226 -7.93 -0.79 26.08
CA ILE C 226 -8.79 0.36 25.88
C ILE C 226 -10.18 -0.18 25.49
N ALA C 227 -10.23 -1.20 24.65
CA ALA C 227 -11.51 -1.76 24.25
C ALA C 227 -12.28 -2.34 25.44
N ILE C 228 -11.58 -3.05 26.32
CA ILE C 228 -12.20 -3.70 27.47
C ILE C 228 -12.86 -2.65 28.35
N GLU C 229 -12.13 -1.58 28.64
CA GLU C 229 -12.69 -0.51 29.47
C GLU C 229 -13.80 0.21 28.73
N MET C 230 -13.68 0.32 27.41
CA MET C 230 -14.77 0.88 26.62
C MET C 230 -16.06 0.08 26.86
N ILE C 231 -15.93 -1.24 26.85
CA ILE C 231 -17.08 -2.12 27.04
C ILE C 231 -17.64 -1.92 28.44
N ARG C 232 -16.76 -1.78 29.43
CA ARG C 232 -17.21 -1.53 30.81
C ARG C 232 -17.92 -0.21 30.89
N ASP C 233 -17.41 0.78 30.15
CA ASP C 233 -18.04 2.08 30.04
C ASP C 233 -19.40 2.05 29.38
N ILE C 234 -19.51 1.38 28.23
CA ILE C 234 -20.79 1.22 27.54
C ILE C 234 -21.80 0.69 28.55
N ARG C 235 -21.35 -0.29 29.31
CA ARG C 235 -22.21 -1.05 30.23
C ARG C 235 -22.72 -0.25 31.40
N ARG C 236 -21.95 0.75 31.79
CA ARG C 236 -22.35 1.65 32.87
C ARG C 236 -22.97 2.92 32.30
N GLY C 237 -23.27 2.92 31.00
CA GLY C 237 -23.66 4.15 30.29
C GLY C 237 -22.76 5.34 30.57
N ASN C 238 -21.49 5.07 30.92
CA ASN C 238 -20.46 6.11 31.06
C ASN C 238 -20.13 6.71 29.67
N TRP C 239 -20.11 8.04 29.61
CA TRP C 239 -19.90 8.82 28.37
C TRP C 239 -18.49 8.63 27.74
N LYS C 240 -17.52 8.23 28.57
CA LYS C 240 -16.15 7.94 28.15
C LYS C 240 -16.06 6.86 27.07
N ALA C 241 -17.09 6.02 26.99
CA ALA C 241 -17.20 4.95 25.98
C ALA C 241 -16.84 5.41 24.56
N GLU C 242 -17.40 6.53 24.12
CA GLU C 242 -17.17 7.01 22.76
C GLU C 242 -15.78 7.56 22.58
N SER C 243 -15.28 8.25 23.60
CA SER C 243 -13.91 8.71 23.58
C SER C 243 -12.95 7.55 23.42
N ALA C 244 -13.18 6.50 24.23
CA ALA C 244 -12.42 5.25 24.15
C ALA C 244 -12.37 4.72 22.72
N LYS C 245 -13.54 4.62 22.09
CA LYS C 245 -13.64 4.20 20.69
C LYS C 245 -12.59 4.87 19.75
N ASN C 246 -12.29 6.15 19.98
CA ASN C 246 -11.31 6.88 19.18
C ASN C 246 -9.88 6.48 19.45
N PHE C 247 -9.67 5.75 20.53
CA PHE C 247 -8.33 5.37 20.90
C PHE C 247 -8.06 3.87 20.73
N LEU C 248 -8.94 3.17 20.03
CA LEU C 248 -8.86 1.72 19.95
C LEU C 248 -7.58 1.23 19.31
N ASP C 249 -6.94 2.07 18.52
CA ASP C 249 -5.66 1.74 17.89
C ASP C 249 -4.50 2.58 18.40
N TRP C 250 -4.69 3.16 19.58
CA TRP C 250 -3.60 3.81 20.28
C TRP C 250 -2.60 2.78 20.78
N GLY C 251 -1.32 3.14 20.70
CA GLY C 251 -0.24 2.31 21.24
C GLY C 251 0.89 1.99 20.28
N VAL C 252 1.92 1.34 20.78
CA VAL C 252 3.00 0.87 19.93
C VAL C 252 2.67 -0.56 19.55
N PRO C 253 2.64 -0.88 18.24
CA PRO C 253 2.46 -2.28 17.87
C PRO C 253 3.59 -3.16 18.43
N THR C 254 3.23 -4.36 18.86
CA THR C 254 4.17 -5.24 19.51
C THR C 254 5.51 -5.29 18.82
N ALA C 255 5.50 -5.58 17.52
CA ALA C 255 6.71 -5.74 16.75
C ALA C 255 7.56 -4.48 16.86
N ALA C 256 6.90 -3.33 16.72
CA ALA C 256 7.58 -2.05 16.80
C ALA C 256 8.20 -1.86 18.16
N SER C 257 7.46 -2.23 19.20
CA SER C 257 7.92 -2.12 20.58
C SER C 257 9.16 -2.97 20.84
N ILE C 258 9.11 -4.22 20.40
CA ILE C 258 10.27 -5.12 20.46
C ILE C 258 11.50 -4.44 19.87
N MET C 259 11.40 -3.97 18.64
CA MET C 259 12.51 -3.24 18.04
C MET C 259 12.91 -2.07 18.91
N GLU C 260 11.93 -1.28 19.32
CA GLU C 260 12.24 -0.03 20.02
C GLU C 260 13.01 -0.30 21.30
N VAL C 261 12.56 -1.30 22.06
CA VAL C 261 13.21 -1.61 23.33
C VAL C 261 14.61 -2.18 23.09
N ARG C 262 14.71 -3.24 22.27
CA ARG C 262 15.99 -3.88 21.96
C ARG C 262 17.00 -2.84 21.49
N TYR C 263 16.54 -1.88 20.68
CA TYR C 263 17.43 -0.91 20.10
C TYR C 263 17.88 0.11 21.13
N SER C 264 16.94 0.62 21.92
CA SER C 264 17.27 1.68 22.87
C SER C 264 18.02 1.16 24.10
N VAL C 265 17.86 -0.13 24.42
CA VAL C 265 18.48 -0.73 25.59
C VAL C 265 18.94 -2.12 25.18
N PRO C 266 20.08 -2.20 24.48
CA PRO C 266 20.53 -3.45 23.86
C PRO C 266 20.62 -4.61 24.87
N ASP C 267 21.32 -4.37 25.98
CA ASP C 267 21.58 -5.38 27.01
C ASP C 267 20.34 -5.76 27.87
N SER C 268 19.13 -5.35 27.47
CA SER C 268 17.93 -5.65 28.27
C SER C 268 17.55 -7.13 28.22
N PHE C 269 16.84 -7.59 29.25
CA PHE C 269 16.13 -8.85 29.12
C PHE C 269 14.70 -8.50 28.71
N LEU C 270 14.24 -9.06 27.59
CA LEU C 270 13.05 -8.56 26.94
C LEU C 270 12.04 -9.66 26.63
N VAL C 271 10.87 -9.55 27.24
CA VAL C 271 9.72 -10.34 26.84
C VAL C 271 8.95 -9.63 25.72
N GLY C 272 8.66 -10.35 24.62
CA GLY C 272 7.90 -9.81 23.51
C GLY C 272 6.51 -10.36 23.58
N SER C 273 5.56 -9.51 23.99
CA SER C 273 4.17 -9.92 24.20
C SER C 273 3.18 -8.90 23.66
N GLY C 274 1.94 -9.33 23.49
CA GLY C 274 0.90 -8.47 22.96
C GLY C 274 0.45 -9.05 21.65
N GLY C 275 -0.56 -9.90 21.71
CA GLY C 275 -1.12 -10.53 20.53
C GLY C 275 -0.26 -11.63 19.96
N ILE C 276 0.56 -12.28 20.78
CA ILE C 276 1.26 -13.52 20.37
C ILE C 276 0.26 -14.68 20.37
N ARG C 277 -0.08 -15.21 19.19
CA ARG C 277 -1.19 -16.16 19.10
C ARG C 277 -0.78 -17.53 18.61
N SER C 278 0.39 -17.62 17.98
CA SER C 278 0.91 -18.90 17.51
C SER C 278 2.39 -19.03 17.88
N GLY C 279 2.94 -20.23 17.76
CA GLY C 279 4.38 -20.39 17.92
C GLY C 279 5.15 -19.68 16.83
N LEU C 280 4.48 -19.40 15.71
CA LEU C 280 5.08 -18.61 14.65
C LEU C 280 5.26 -17.18 15.14
N ASP C 281 4.23 -16.65 15.79
CA ASP C 281 4.31 -15.32 16.38
C ASP C 281 5.41 -15.28 17.40
N ALA C 282 5.49 -16.31 18.24
CA ALA C 282 6.52 -16.41 19.24
C ALA C 282 7.89 -16.38 18.56
N ALA C 283 8.01 -17.16 17.50
CA ALA C 283 9.26 -17.23 16.76
C ALA C 283 9.65 -15.88 16.22
N LYS C 284 8.68 -15.17 15.62
CA LYS C 284 8.96 -13.88 15.01
C LYS C 284 9.42 -12.91 16.08
N ALA C 285 8.76 -12.93 17.22
CA ALA C 285 9.07 -11.98 18.30
C ALA C 285 10.52 -12.16 18.83
N ILE C 286 10.91 -13.41 19.04
CA ILE C 286 12.25 -13.74 19.50
C ILE C 286 13.27 -13.33 18.44
N ALA C 287 13.08 -13.82 17.21
CA ALA C 287 13.90 -13.49 16.04
C ALA C 287 14.11 -12.00 15.95
N LEU C 288 13.01 -11.26 16.08
CA LEU C 288 13.01 -9.81 15.95
C LEU C 288 13.85 -9.12 17.02
N GLY C 289 13.94 -9.69 18.22
CA GLY C 289 14.73 -9.07 19.29
C GLY C 289 14.40 -9.50 20.69
N ALA C 290 13.26 -10.18 20.86
CA ALA C 290 12.84 -10.59 22.20
C ALA C 290 13.69 -11.74 22.67
N ASP C 291 13.85 -11.83 24.00
CA ASP C 291 14.54 -12.96 24.61
C ASP C 291 13.55 -14.09 24.81
N ILE C 292 12.34 -13.75 25.24
CA ILE C 292 11.28 -14.73 25.34
C ILE C 292 9.95 -14.11 24.86
N ALA C 293 9.02 -14.97 24.44
CA ALA C 293 7.71 -14.52 23.95
C ALA C 293 6.67 -14.66 25.07
N GLY C 294 5.78 -13.68 25.17
CA GLY C 294 4.75 -13.70 26.22
C GLY C 294 3.34 -13.82 25.69
N MET C 295 2.50 -14.54 26.44
CA MET C 295 1.10 -14.75 26.07
C MET C 295 0.20 -14.59 27.26
N ALA C 296 -0.98 -14.03 27.03
CA ALA C 296 -2.01 -13.99 28.05
C ALA C 296 -3.34 -14.56 27.55
N LEU C 297 -4.09 -13.75 26.80
CA LEU C 297 -5.44 -14.10 26.38
C LEU C 297 -5.69 -15.53 25.90
N PRO C 298 -4.90 -16.04 24.92
CA PRO C 298 -5.21 -17.40 24.45
C PRO C 298 -5.03 -18.47 25.54
N VAL C 299 -4.16 -18.20 26.52
CA VAL C 299 -4.00 -19.11 27.66
C VAL C 299 -5.27 -19.07 28.53
N LEU C 300 -5.79 -17.88 28.81
CA LEU C 300 -7.05 -17.70 29.51
C LEU C 300 -8.14 -18.54 28.84
N LYS C 301 -8.33 -18.31 27.54
CA LYS C 301 -9.41 -18.95 26.79
C LYS C 301 -9.38 -20.47 26.88
N SER C 302 -8.18 -21.04 26.80
CA SER C 302 -8.01 -22.48 26.95
C SER C 302 -8.25 -22.96 28.38
N ALA C 303 -7.62 -22.32 29.36
CA ALA C 303 -7.82 -22.70 30.76
C ALA C 303 -9.31 -22.72 31.11
N ILE C 304 -10.07 -21.80 30.52
CA ILE C 304 -11.50 -21.75 30.81
C ILE C 304 -12.20 -23.01 30.33
N GLU C 305 -11.71 -23.56 29.22
CA GLU C 305 -12.22 -24.82 28.68
C GLU C 305 -11.74 -26.06 29.42
N GLY C 306 -10.74 -25.91 30.28
CA GLY C 306 -10.24 -27.04 31.06
C GLY C 306 -8.78 -27.34 30.85
N LYS C 307 -8.23 -28.14 31.77
CA LYS C 307 -6.82 -28.51 31.80
C LYS C 307 -6.27 -29.02 30.46
N GLU C 308 -6.83 -30.11 29.95
CA GLU C 308 -6.31 -30.75 28.72
C GLU C 308 -6.45 -29.87 27.48
N SER C 309 -7.53 -29.11 27.41
CA SER C 309 -7.67 -28.09 26.38
C SER C 309 -6.43 -27.18 26.32
N LEU C 310 -5.94 -26.77 27.49
CA LEU C 310 -4.74 -25.96 27.62
C LEU C 310 -3.46 -26.71 27.38
N GLU C 311 -3.41 -27.98 27.73
CA GLU C 311 -2.25 -28.80 27.45
C GLU C 311 -2.09 -28.97 25.96
N GLN C 312 -3.21 -29.16 25.26
CA GLN C 312 -3.21 -29.24 23.80
C GLN C 312 -2.71 -27.91 23.20
N PHE C 313 -3.14 -26.79 23.80
CA PHE C 313 -2.72 -25.47 23.34
C PHE C 313 -1.21 -25.31 23.41
N PHE C 314 -0.62 -25.63 24.55
CA PHE C 314 0.83 -25.52 24.67
C PHE C 314 1.58 -26.46 23.71
N ARG C 315 1.02 -27.64 23.43
CA ARG C 315 1.65 -28.54 22.49
C ARG C 315 1.69 -27.88 21.11
N LYS C 316 0.54 -27.36 20.68
CA LYS C 316 0.37 -26.64 19.43
C LYS C 316 1.38 -25.49 19.31
N ILE C 317 1.50 -24.67 20.36
CA ILE C 317 2.44 -23.53 20.39
C ILE C 317 3.86 -24.03 20.27
N ILE C 318 4.20 -25.05 21.07
CA ILE C 318 5.58 -25.54 21.08
C ILE C 318 5.94 -26.10 19.71
N PHE C 319 5.07 -26.93 19.16
CA PHE C 319 5.29 -27.50 17.84
C PHE C 319 5.50 -26.43 16.77
N GLU C 320 4.60 -25.45 16.77
CA GLU C 320 4.68 -24.32 15.86
C GLU C 320 6.03 -23.64 15.96
N LEU C 321 6.44 -23.34 17.19
CA LEU C 321 7.74 -22.73 17.42
C LEU C 321 8.89 -23.57 16.82
N LYS C 322 8.87 -24.86 17.11
CA LYS C 322 9.94 -25.76 16.68
C LYS C 322 9.97 -25.85 15.17
N ALA C 323 8.78 -25.78 14.55
CA ALA C 323 8.63 -25.77 13.09
C ALA C 323 9.30 -24.52 12.51
N ALA C 324 9.02 -23.36 13.08
CA ALA C 324 9.67 -22.14 12.63
C ALA C 324 11.17 -22.25 12.82
N MET C 325 11.60 -22.85 13.92
CA MET C 325 13.04 -23.03 14.16
C MET C 325 13.65 -23.96 13.13
N MET C 326 13.05 -25.14 12.97
CA MET C 326 13.45 -26.08 11.93
C MET C 326 13.61 -25.36 10.59
N LEU C 327 12.58 -24.64 10.18
CA LEU C 327 12.52 -24.11 8.83
C LEU C 327 13.37 -22.87 8.63
N THR C 328 14.09 -22.46 9.68
CA THR C 328 15.09 -21.39 9.59
C THR C 328 16.47 -21.94 9.90
N GLY C 329 16.56 -23.25 10.11
CA GLY C 329 17.79 -23.91 10.53
C GLY C 329 18.31 -23.39 11.84
N SER C 330 17.42 -23.27 12.82
CA SER C 330 17.79 -22.73 14.12
C SER C 330 17.82 -23.86 15.16
N LYS C 331 19.02 -24.32 15.54
CA LYS C 331 19.13 -25.52 16.40
C LYS C 331 18.64 -25.25 17.82
N ASP C 332 18.82 -24.01 18.26
CA ASP C 332 18.46 -23.60 19.61
C ASP C 332 17.99 -22.13 19.62
N VAL C 333 17.51 -21.67 20.77
CA VAL C 333 16.98 -20.32 20.91
C VAL C 333 17.98 -19.25 20.46
N ASP C 334 19.28 -19.46 20.74
CA ASP C 334 20.28 -18.49 20.30
C ASP C 334 20.38 -18.34 18.81
N ALA C 335 20.32 -19.46 18.10
CA ALA C 335 20.35 -19.44 16.64
C ALA C 335 19.14 -18.72 16.05
N LEU C 336 17.96 -18.91 16.66
CA LEU C 336 16.72 -18.25 16.25
C LEU C 336 16.83 -16.74 16.42
N LYS C 337 17.35 -16.30 17.57
CA LYS C 337 17.60 -14.88 17.82
C LYS C 337 18.46 -14.20 16.75
N LYS C 338 19.29 -14.96 16.01
CA LYS C 338 20.11 -14.36 14.94
C LYS C 338 19.84 -14.87 13.50
N THR C 339 18.73 -15.56 13.30
CA THR C 339 18.29 -16.08 12.00
C THR C 339 17.87 -14.94 11.08
N SER C 340 17.74 -15.22 9.79
CA SER C 340 17.51 -14.18 8.79
C SER C 340 16.04 -13.76 8.65
N ILE C 341 15.79 -12.44 8.71
CA ILE C 341 14.43 -11.92 8.61
C ILE C 341 14.29 -10.87 7.50
N VAL C 342 13.04 -10.57 7.17
CA VAL C 342 12.74 -9.47 6.27
C VAL C 342 11.75 -8.63 7.02
N ILE C 343 11.98 -7.32 6.99
CA ILE C 343 11.09 -6.32 7.58
C ILE C 343 10.51 -5.45 6.48
N LEU C 344 9.19 -5.44 6.39
CA LEU C 344 8.46 -4.84 5.29
C LEU C 344 7.59 -3.69 5.74
N GLY C 345 6.88 -3.11 4.78
CA GLY C 345 5.74 -2.24 5.01
C GLY C 345 5.82 -1.21 6.12
N LYS C 346 4.77 -1.18 6.93
CA LYS C 346 4.58 -0.16 7.94
C LYS C 346 5.59 -0.26 9.08
N LEU C 347 5.97 -1.50 9.44
CA LEU C 347 6.99 -1.68 10.45
C LEU C 347 8.29 -1.04 9.98
N LYS C 348 8.63 -1.20 8.71
CA LYS C 348 9.84 -0.59 8.17
C LYS C 348 9.76 0.93 8.25
N GLU C 349 8.63 1.48 7.82
CA GLU C 349 8.41 2.91 7.83
C GLU C 349 8.50 3.46 9.24
N TRP C 350 7.92 2.72 10.19
CA TRP C 350 8.00 3.04 11.60
C TRP C 350 9.45 3.12 12.07
N ALA C 351 10.20 2.05 11.87
CA ALA C 351 11.57 1.99 12.32
C ALA C 351 12.42 3.12 11.72
N GLU C 352 12.22 3.40 10.44
CA GLU C 352 12.98 4.46 9.73
C GLU C 352 12.70 5.81 10.33
N TYR C 353 11.42 6.14 10.46
CA TYR C 353 11.04 7.42 11.03
C TYR C 353 11.57 7.60 12.46
N ARG C 354 11.61 6.52 13.22
CA ARG C 354 12.00 6.58 14.61
C ARG C 354 13.53 6.55 14.72
N GLY C 355 14.20 6.66 13.58
CA GLY C 355 15.65 6.67 13.53
C GLY C 355 16.29 5.35 13.89
N ILE C 356 15.54 4.25 13.79
CA ILE C 356 16.13 2.94 14.00
C ILE C 356 16.89 2.53 12.76
N ASN C 357 18.22 2.62 12.84
CA ASN C 357 19.07 2.27 11.72
C ASN C 357 19.03 0.76 11.46
N LEU C 358 18.51 0.34 10.30
CA LEU C 358 18.41 -1.11 10.02
C LEU C 358 19.74 -1.85 10.04
N SER C 359 20.80 -1.21 9.54
CA SER C 359 22.15 -1.78 9.66
C SER C 359 22.50 -2.03 11.12
N ILE C 360 22.63 -0.95 11.90
CA ILE C 360 23.05 -1.08 13.30
C ILE C 360 22.05 -1.89 14.16
N TYR C 361 20.81 -2.02 13.68
CA TYR C 361 19.82 -2.88 14.35
C TYR C 361 20.12 -4.38 14.19
N GLU C 362 20.40 -4.81 12.96
CA GLU C 362 20.75 -6.20 12.67
C GLU C 362 21.91 -6.66 13.57
N LYS C 363 22.81 -5.74 13.87
CA LYS C 363 23.94 -6.03 14.72
C LYS C 363 23.50 -6.19 16.17
N VAL C 364 22.71 -5.25 16.66
CA VAL C 364 22.22 -5.30 18.05
C VAL C 364 21.39 -6.57 18.37
N ARG C 365 20.58 -7.04 17.42
CA ARG C 365 19.77 -8.24 17.66
C ARG C 365 20.56 -9.57 17.70
N LYS C 366 21.88 -9.52 17.46
CA LYS C 366 22.77 -10.73 17.47
C LYS C 366 24.03 -10.63 18.36
N ASP D 3 -31.32 36.72 -1.23
CA ASP D 3 -31.04 35.26 -1.34
C ASP D 3 -29.54 34.90 -1.59
N ILE D 4 -28.66 35.88 -1.30
CA ILE D 4 -27.31 35.54 -0.89
C ILE D 4 -27.45 34.97 0.55
N VAL D 5 -28.51 35.39 1.22
CA VAL D 5 -29.03 34.84 2.48
C VAL D 5 -29.60 33.42 2.29
N ASN D 6 -30.12 33.13 1.10
CA ASN D 6 -30.60 31.79 0.79
C ASN D 6 -29.45 30.78 0.66
N ARG D 7 -28.34 31.21 0.05
CA ARG D 7 -27.12 30.42 0.00
C ARG D 7 -26.59 30.13 1.41
N LYS D 8 -26.67 31.12 2.28
CA LYS D 8 -26.33 30.93 3.70
C LYS D 8 -27.12 29.80 4.37
N VAL D 9 -28.44 29.79 4.20
CA VAL D 9 -29.30 28.71 4.73
C VAL D 9 -28.95 27.36 4.09
N GLU D 10 -28.84 27.36 2.76
CA GLU D 10 -28.51 26.15 2.04
C GLU D 10 -27.18 25.55 2.45
N HIS D 11 -26.18 26.40 2.72
CA HIS D 11 -24.88 25.91 3.19
C HIS D 11 -25.04 25.14 4.49
N VAL D 12 -25.68 25.75 5.48
CA VAL D 12 -25.90 25.10 6.76
C VAL D 12 -26.69 23.81 6.60
N GLU D 13 -27.76 23.89 5.79
CA GLU D 13 -28.70 22.79 5.58
C GLU D 13 -28.07 21.55 4.94
N ILE D 14 -27.22 21.77 3.95
CA ILE D 14 -26.46 20.70 3.29
C ILE D 14 -25.34 20.17 4.20
N ALA D 15 -24.50 21.08 4.70
CA ALA D 15 -23.40 20.72 5.58
C ALA D 15 -23.88 19.86 6.72
N ALA D 16 -24.97 20.30 7.35
CA ALA D 16 -25.49 19.66 8.56
C ALA D 16 -26.17 18.32 8.29
N PHE D 17 -26.94 18.24 7.20
CA PHE D 17 -27.86 17.10 7.00
C PHE D 17 -27.53 16.24 5.78
N GLU D 18 -26.53 16.64 5.02
CA GLU D 18 -26.18 15.84 3.85
C GLU D 18 -24.77 15.24 3.91
N ASN D 19 -24.49 14.32 3.00
CA ASN D 19 -23.26 13.57 3.07
C ASN D 19 -22.04 14.27 2.44
N VAL D 20 -21.44 15.19 3.20
CA VAL D 20 -20.35 15.98 2.67
C VAL D 20 -19.10 16.00 3.55
N ASP D 21 -19.20 15.42 4.77
CA ASP D 21 -18.05 15.35 5.68
C ASP D 21 -16.98 14.33 5.22
N GLY D 22 -15.89 14.81 4.67
CA GLY D 22 -14.82 13.93 4.20
C GLY D 22 -15.13 13.11 2.96
N LEU D 23 -16.18 13.49 2.23
CA LEU D 23 -16.59 12.84 0.99
C LEU D 23 -15.49 12.77 -0.07
N SER D 24 -15.00 11.56 -0.34
CA SER D 24 -13.87 11.31 -1.26
C SER D 24 -12.61 12.08 -0.92
N SER D 25 -12.55 12.60 0.29
CA SER D 25 -11.40 13.37 0.71
C SER D 25 -10.70 12.71 1.91
N SER D 26 -9.51 13.17 2.26
CA SER D 26 -8.78 12.57 3.33
C SER D 26 -7.92 13.60 4.03
N THR D 27 -7.88 13.52 5.36
CA THR D 27 -7.05 14.45 6.15
C THR D 27 -5.57 14.06 6.11
N PHE D 28 -5.29 12.79 5.84
CA PHE D 28 -3.96 12.20 5.96
C PHE D 28 -3.54 12.05 7.41
N LEU D 29 -4.45 12.37 8.35
CA LEU D 29 -4.14 12.31 9.79
C LEU D 29 -3.93 10.88 10.24
N ASN D 30 -4.60 9.98 9.53
CA ASN D 30 -4.28 8.59 9.51
C ASN D 30 -2.83 8.26 9.54
N ASP D 31 -2.02 9.03 8.83
CA ASP D 31 -0.61 8.73 8.65
C ASP D 31 0.24 9.33 9.75
N VAL D 32 -0.42 9.94 10.74
CA VAL D 32 0.27 10.54 11.86
C VAL D 32 -0.04 9.71 13.08
N ILE D 33 1.03 9.27 13.75
CA ILE D 33 0.89 8.49 14.98
C ILE D 33 1.65 9.13 16.15
N LEU D 34 0.91 9.38 17.23
CA LEU D 34 1.48 9.86 18.47
C LEU D 34 2.04 8.66 19.25
N VAL D 35 3.35 8.69 19.55
CA VAL D 35 4.01 7.59 20.21
C VAL D 35 3.55 7.46 21.65
N HIS D 36 2.96 6.32 21.97
CA HIS D 36 2.51 6.03 23.33
C HIS D 36 3.64 5.97 24.38
N GLN D 37 3.44 6.59 25.53
CA GLN D 37 4.41 6.51 26.62
C GLN D 37 3.84 5.77 27.83
N GLY D 38 4.24 4.50 27.97
CA GLY D 38 3.72 3.65 29.03
C GLY D 38 3.97 4.24 30.41
N PHE D 39 5.07 4.97 30.55
CA PHE D 39 5.27 5.78 31.74
C PHE D 39 5.23 7.26 31.38
N PRO D 40 4.04 7.87 31.47
CA PRO D 40 3.85 9.29 31.13
C PRO D 40 4.72 10.28 31.94
N GLY D 41 4.86 10.08 33.24
CA GLY D 41 5.68 10.97 34.07
C GLY D 41 4.88 12.10 34.68
N ILE D 42 3.57 12.06 34.48
CA ILE D 42 2.62 13.07 34.96
C ILE D 42 1.32 12.41 35.43
N SER D 43 0.53 13.18 36.15
CA SER D 43 -0.80 12.73 36.55
C SER D 43 -1.81 13.38 35.61
N PHE D 44 -2.95 12.74 35.39
CA PHE D 44 -3.96 13.30 34.49
C PHE D 44 -4.49 14.67 34.95
N SER D 45 -4.65 14.79 36.28
CA SER D 45 -5.22 15.98 36.88
C SER D 45 -4.31 17.20 36.79
N GLU D 46 -3.01 16.99 36.70
CA GLU D 46 -2.08 18.12 36.59
C GLU D 46 -1.84 18.55 35.14
N ILE D 47 -2.54 17.93 34.18
CA ILE D 47 -2.40 18.35 32.77
C ILE D 47 -3.02 19.72 32.54
N ASN D 48 -2.24 20.63 31.96
CA ASN D 48 -2.64 22.03 31.73
C ASN D 48 -2.87 22.36 30.24
N THR D 49 -4.13 22.54 29.87
CA THR D 49 -4.47 22.72 28.47
C THR D 49 -4.48 24.19 28.04
N LYS D 50 -4.09 25.07 28.93
CA LYS D 50 -4.14 26.49 28.65
C LYS D 50 -3.13 26.89 27.56
N THR D 51 -3.48 27.89 26.76
CA THR D 51 -2.59 28.42 25.72
C THR D 51 -2.97 29.85 25.33
N LYS D 52 -2.05 30.59 24.71
CA LYS D 52 -2.37 31.96 24.31
C LYS D 52 -2.94 32.04 22.90
N PHE D 53 -3.83 33.02 22.69
CA PHE D 53 -4.52 33.30 21.43
C PHE D 53 -4.47 34.80 21.22
N PHE D 54 -3.43 35.22 20.51
CA PHE D 54 -3.05 36.63 20.40
C PHE D 54 -2.92 37.23 21.79
N ARG D 55 -3.73 38.24 22.10
CA ARG D 55 -3.58 38.94 23.38
C ARG D 55 -4.29 38.25 24.54
N LYS D 56 -5.23 37.37 24.24
CA LYS D 56 -5.99 36.67 25.30
C LYS D 56 -5.39 35.31 25.65
N GLU D 57 -5.91 34.69 26.70
CA GLU D 57 -5.54 33.32 27.04
C GLU D 57 -6.79 32.45 26.88
N ILE D 58 -6.64 31.25 26.34
CA ILE D 58 -7.81 30.39 26.16
C ILE D 58 -7.63 29.11 26.96
N SER D 59 -8.75 28.46 27.29
CA SER D 59 -8.71 27.28 28.16
C SER D 59 -8.12 26.05 27.48
N VAL D 60 -8.39 25.91 26.18
CA VAL D 60 -8.07 24.71 25.43
C VAL D 60 -7.43 25.16 24.11
N PRO D 61 -6.45 24.40 23.56
CA PRO D 61 -5.88 24.80 22.27
C PRO D 61 -6.76 24.43 21.07
N VAL D 62 -8.02 24.82 21.15
CA VAL D 62 -9.03 24.48 20.16
C VAL D 62 -9.81 25.73 19.85
N MET D 63 -10.15 25.96 18.58
CA MET D 63 -11.13 27.01 18.26
C MET D 63 -12.26 26.46 17.38
N VAL D 64 -13.43 27.08 17.53
CA VAL D 64 -14.53 26.93 16.57
C VAL D 64 -14.23 27.91 15.44
N THR D 65 -14.07 27.41 14.20
CA THR D 65 -13.84 28.32 13.06
C THR D 65 -15.16 28.80 12.47
N GLY D 66 -15.08 29.84 11.64
CA GLY D 66 -16.25 30.55 11.14
C GLY D 66 -17.24 29.66 10.40
N MET D 67 -18.54 29.96 10.56
CA MET D 67 -19.56 29.14 9.93
C MET D 67 -20.77 29.87 9.34
N THR D 68 -21.46 30.65 10.15
CA THR D 68 -22.72 31.18 9.66
C THR D 68 -23.20 32.49 10.28
N GLY D 69 -24.39 32.92 9.86
CA GLY D 69 -24.96 34.22 10.20
C GLY D 69 -25.66 34.77 8.96
N GLY D 70 -26.50 35.79 9.14
CA GLY D 70 -27.25 36.38 8.02
C GLY D 70 -28.76 36.24 8.09
N ARG D 71 -29.25 35.60 9.16
CA ARG D 71 -30.68 35.36 9.38
C ARG D 71 -30.97 34.88 10.80
N ASN D 72 -32.25 34.72 11.13
CA ASN D 72 -32.67 34.38 12.50
C ASN D 72 -32.20 33.03 13.00
N GLU D 73 -32.62 31.96 12.32
CA GLU D 73 -32.24 30.62 12.76
C GLU D 73 -30.73 30.44 12.66
N LEU D 74 -30.10 31.25 11.83
CA LEU D 74 -28.66 31.24 11.71
C LEU D 74 -28.02 31.91 12.92
N GLY D 75 -28.57 33.04 13.32
CA GLY D 75 -28.11 33.75 14.52
C GLY D 75 -28.34 33.01 15.83
N ARG D 76 -29.44 32.27 15.93
CA ARG D 76 -29.70 31.56 17.19
C ARG D 76 -28.79 30.32 17.30
N ILE D 77 -28.26 29.85 16.17
CA ILE D 77 -27.15 28.90 16.17
C ILE D 77 -25.88 29.58 16.70
N ASN D 78 -25.50 30.70 16.09
CA ASN D 78 -24.37 31.48 16.57
C ASN D 78 -24.44 31.80 18.06
N LYS D 79 -25.66 31.99 18.57
CA LYS D 79 -25.90 32.25 19.99
C LYS D 79 -25.53 31.03 20.85
N ILE D 80 -26.05 29.85 20.47
CA ILE D 80 -25.76 28.61 21.18
C ILE D 80 -24.26 28.35 21.17
N ILE D 81 -23.63 28.42 19.99
CA ILE D 81 -22.18 28.23 19.88
C ILE D 81 -21.43 29.21 20.79
N ALA D 82 -21.68 30.50 20.60
CA ALA D 82 -20.97 31.50 21.36
C ALA D 82 -21.13 31.33 22.88
N GLU D 83 -22.34 31.09 23.37
CA GLU D 83 -22.51 31.02 24.82
C GLU D 83 -21.81 29.80 25.42
N VAL D 84 -21.79 28.70 24.67
CA VAL D 84 -21.02 27.53 25.06
C VAL D 84 -19.50 27.76 24.92
N ALA D 85 -19.08 28.40 23.83
CA ALA D 85 -17.67 28.70 23.63
C ALA D 85 -17.16 29.54 24.80
N GLU D 86 -17.99 30.51 25.21
CA GLU D 86 -17.71 31.37 26.34
C GLU D 86 -17.48 30.53 27.59
N LYS D 87 -18.44 29.69 27.91
CA LYS D 87 -18.39 28.83 29.09
C LYS D 87 -17.11 28.01 29.13
N PHE D 88 -16.63 27.54 27.96
CA PHE D 88 -15.45 26.69 27.88
C PHE D 88 -14.14 27.43 27.65
N GLY D 89 -14.21 28.75 27.53
CA GLY D 89 -13.04 29.57 27.29
C GLY D 89 -12.33 29.22 25.99
N ILE D 90 -13.11 28.93 24.94
CA ILE D 90 -12.53 28.63 23.63
C ILE D 90 -12.97 29.65 22.55
N PRO D 91 -12.01 30.11 21.72
CA PRO D 91 -12.30 31.15 20.76
C PRO D 91 -13.22 30.69 19.63
N MET D 92 -14.01 31.64 19.12
CA MET D 92 -15.00 31.41 18.08
C MET D 92 -14.89 32.42 16.95
N GLY D 93 -14.84 31.91 15.72
CA GLY D 93 -14.93 32.71 14.50
C GLY D 93 -16.38 32.74 14.13
N VAL D 94 -16.78 33.76 13.38
CA VAL D 94 -18.15 33.81 12.85
C VAL D 94 -18.08 33.51 11.36
N GLY D 95 -19.24 33.21 10.77
CA GLY D 95 -19.39 33.07 9.32
C GLY D 95 -19.07 34.36 8.59
N SER D 96 -19.05 34.32 7.26
CA SER D 96 -18.76 35.51 6.46
C SER D 96 -19.74 36.65 6.75
N GLN D 97 -19.18 37.83 6.99
CA GLN D 97 -19.97 38.99 7.35
C GLN D 97 -20.38 39.83 6.15
N ARG D 98 -20.09 39.33 4.95
CA ARG D 98 -20.52 39.98 3.71
C ARG D 98 -22.00 40.31 3.80
N VAL D 99 -22.81 39.28 4.01
CA VAL D 99 -24.27 39.41 4.14
C VAL D 99 -24.74 40.53 5.10
N ALA D 100 -23.95 40.79 6.15
CA ALA D 100 -24.27 41.82 7.14
C ALA D 100 -23.85 43.20 6.67
N ILE D 101 -22.86 43.24 5.78
CA ILE D 101 -22.43 44.50 5.15
C ILE D 101 -23.49 44.94 4.12
N GLU D 102 -24.00 43.98 3.36
CA GLU D 102 -25.03 44.21 2.32
C GLU D 102 -26.45 44.47 2.83
N LYS D 103 -26.81 43.89 3.97
CA LYS D 103 -28.17 44.03 4.52
C LYS D 103 -28.12 44.23 6.05
N ALA D 104 -28.63 45.35 6.52
CA ALA D 104 -28.60 45.66 7.95
C ALA D 104 -29.42 44.72 8.87
N GLU D 105 -30.43 44.02 8.32
CA GLU D 105 -31.23 43.03 9.11
C GLU D 105 -30.39 41.86 9.59
N ALA D 106 -29.38 41.48 8.79
CA ALA D 106 -28.45 40.38 9.11
C ALA D 106 -27.39 40.74 10.18
N ARG D 107 -27.22 42.03 10.46
CA ARG D 107 -26.26 42.51 11.47
C ARG D 107 -26.48 41.93 12.89
N GLU D 108 -27.74 41.67 13.23
CA GLU D 108 -28.09 41.14 14.55
C GLU D 108 -27.58 39.71 14.78
N SER D 109 -27.74 38.84 13.78
CA SER D 109 -27.27 37.46 13.87
C SER D 109 -25.75 37.31 14.07
N PHE D 110 -25.00 38.40 13.88
CA PHE D 110 -23.57 38.43 14.22
C PHE D 110 -23.31 39.13 15.55
N ALA D 111 -23.97 40.26 15.78
CA ALA D 111 -23.78 41.06 17.00
C ALA D 111 -24.11 40.30 18.29
N ILE D 112 -25.03 39.33 18.19
CA ILE D 112 -25.45 38.48 19.33
C ILE D 112 -24.25 37.80 20.01
N VAL D 113 -23.28 37.38 19.20
CA VAL D 113 -22.11 36.64 19.64
C VAL D 113 -21.36 37.36 20.77
N ARG D 114 -21.09 38.65 20.59
CA ARG D 114 -20.38 39.40 21.63
C ARG D 114 -21.26 39.70 22.87
N LYS D 115 -22.57 39.80 22.66
CA LYS D 115 -23.52 39.97 23.75
C LYS D 115 -23.36 38.81 24.73
N VAL D 116 -23.41 37.59 24.21
CA VAL D 116 -23.47 36.36 25.01
C VAL D 116 -22.08 35.75 25.35
N ALA D 117 -21.04 36.27 24.69
CA ALA D 117 -19.66 35.81 24.88
C ALA D 117 -18.74 37.01 25.02
N PRO D 118 -18.80 37.68 26.18
CA PRO D 118 -18.03 38.91 26.38
C PRO D 118 -16.53 38.75 26.54
N THR D 119 -16.05 37.58 26.97
CA THR D 119 -14.61 37.48 27.30
C THR D 119 -13.66 36.74 26.32
N ILE D 120 -14.17 35.71 25.66
CA ILE D 120 -13.37 34.91 24.71
C ILE D 120 -12.98 35.67 23.46
N PRO D 121 -11.89 35.22 22.77
CA PRO D 121 -11.56 35.81 21.47
C PRO D 121 -12.65 35.52 20.45
N ILE D 122 -13.16 36.58 19.80
CA ILE D 122 -14.09 36.42 18.69
C ILE D 122 -13.39 36.87 17.41
N ILE D 123 -13.59 36.10 16.35
CA ILE D 123 -12.87 36.34 15.11
C ILE D 123 -13.84 36.68 13.97
N ALA D 124 -13.69 37.88 13.42
CA ALA D 124 -14.46 38.31 12.25
C ALA D 124 -14.10 37.51 10.97
N ASN D 125 -14.93 37.66 9.94
CA ASN D 125 -14.79 36.87 8.71
C ASN D 125 -15.29 37.63 7.47
N LEU D 126 -14.40 37.76 6.49
CA LEU D 126 -14.70 38.33 5.19
C LEU D 126 -13.99 37.53 4.13
N GLY D 127 -14.58 37.51 2.93
CA GLY D 127 -14.06 36.73 1.80
C GLY D 127 -13.04 37.49 1.00
N MET D 128 -11.94 36.84 0.66
CA MET D 128 -10.91 37.39 -0.23
C MET D 128 -11.46 37.97 -1.54
N PRO D 129 -12.47 37.32 -2.16
CA PRO D 129 -12.99 37.88 -3.42
C PRO D 129 -13.45 39.32 -3.27
N GLN D 130 -14.07 39.63 -2.14
CA GLN D 130 -14.61 40.97 -1.84
C GLN D 130 -13.53 42.04 -1.85
N LEU D 131 -12.28 41.65 -1.64
CA LEU D 131 -11.14 42.58 -1.71
C LEU D 131 -10.84 43.03 -3.12
N VAL D 132 -11.18 42.21 -4.11
CA VAL D 132 -11.07 42.65 -5.50
C VAL D 132 -12.35 43.41 -5.93
N LYS D 133 -13.44 43.18 -5.21
CA LYS D 133 -14.73 43.77 -5.54
C LYS D 133 -15.08 44.96 -4.65
N GLY D 134 -14.05 45.74 -4.31
CA GLY D 134 -14.23 47.03 -3.64
C GLY D 134 -14.53 47.06 -2.15
N TYR D 135 -14.02 46.09 -1.40
CA TYR D 135 -14.04 46.18 0.06
C TYR D 135 -12.71 46.75 0.50
N GLY D 136 -12.69 47.41 1.66
CA GLY D 136 -11.47 48.02 2.13
C GLY D 136 -11.49 48.28 3.61
N LEU D 137 -10.58 49.13 4.04
CA LEU D 137 -10.43 49.49 5.43
C LEU D 137 -11.74 49.58 6.18
N LYS D 138 -12.76 50.24 5.61
CA LYS D 138 -13.95 50.51 6.38
C LYS D 138 -14.85 49.30 6.57
N GLU D 139 -15.01 48.50 5.52
CA GLU D 139 -15.77 47.25 5.62
C GLU D 139 -15.10 46.29 6.61
N PHE D 140 -13.78 46.30 6.65
CA PHE D 140 -13.03 45.48 7.62
C PHE D 140 -13.32 45.93 9.05
N GLN D 141 -13.12 47.21 9.33
CA GLN D 141 -13.44 47.81 10.63
C GLN D 141 -14.90 47.61 11.01
N ASP D 142 -15.79 47.62 10.03
CA ASP D 142 -17.20 47.29 10.25
C ASP D 142 -17.38 45.91 10.84
N ALA D 143 -16.99 44.91 10.08
CA ALA D 143 -16.97 43.52 10.50
C ALA D 143 -16.34 43.39 11.89
N ILE D 144 -15.17 44.00 12.08
CA ILE D 144 -14.50 43.96 13.39
C ILE D 144 -15.39 44.54 14.50
N GLN D 145 -15.75 45.82 14.39
CA GLN D 145 -16.40 46.45 15.55
C GLN D 145 -17.82 45.93 15.76
N MET D 146 -18.39 45.34 14.73
CA MET D 146 -19.74 44.80 14.80
C MET D 146 -19.90 43.70 15.84
N ILE D 147 -18.80 43.00 16.13
CA ILE D 147 -18.76 41.92 17.13
C ILE D 147 -17.60 42.10 18.11
N GLU D 148 -16.99 43.30 18.07
CA GLU D 148 -15.81 43.61 18.88
C GLU D 148 -14.79 42.48 18.76
N ALA D 149 -14.44 42.17 17.52
CA ALA D 149 -13.56 41.07 17.20
C ALA D 149 -12.14 41.30 17.75
N ASP D 150 -11.47 40.22 18.14
CA ASP D 150 -10.07 40.28 18.55
C ASP D 150 -9.09 40.02 17.39
N ALA D 151 -9.64 39.64 16.24
CA ALA D 151 -8.90 39.41 15.01
C ALA D 151 -9.92 39.21 13.89
N ILE D 152 -9.46 39.35 12.63
CA ILE D 152 -10.32 39.08 11.48
C ILE D 152 -9.71 37.98 10.61
N ALA D 153 -10.55 37.04 10.18
CA ALA D 153 -10.13 35.98 9.27
C ALA D 153 -10.60 36.36 7.87
N VAL D 154 -9.67 36.41 6.93
CA VAL D 154 -10.05 36.57 5.52
C VAL D 154 -9.95 35.19 4.92
N HIS D 155 -11.01 34.73 4.26
CA HIS D 155 -11.03 33.34 3.75
C HIS D 155 -10.64 33.14 2.29
N LEU D 156 -9.85 32.10 2.04
CA LEU D 156 -9.53 31.69 0.67
C LEU D 156 -10.48 30.59 0.27
N ASN D 157 -11.27 30.79 -0.78
CA ASN D 157 -12.18 29.75 -1.29
C ASN D 157 -12.26 29.67 -2.81
N PRO D 158 -11.10 29.61 -3.50
CA PRO D 158 -11.20 29.67 -4.95
C PRO D 158 -11.88 28.42 -5.51
N ALA D 159 -11.53 27.25 -4.97
CA ALA D 159 -12.20 25.99 -5.26
C ALA D 159 -13.74 26.14 -5.20
N GLN D 160 -14.24 26.59 -4.07
CA GLN D 160 -15.67 26.77 -3.88
C GLN D 160 -16.27 27.73 -4.90
N GLU D 161 -15.68 28.92 -5.02
CA GLU D 161 -16.17 29.94 -5.93
C GLU D 161 -16.26 29.42 -7.37
N VAL D 162 -15.27 28.65 -7.80
CA VAL D 162 -15.30 28.01 -9.12
C VAL D 162 -16.57 27.15 -9.37
N PHE D 163 -16.95 26.33 -8.41
CA PHE D 163 -18.05 25.41 -8.64
C PHE D 163 -19.37 25.97 -8.14
N GLN D 164 -19.32 26.94 -7.23
CA GLN D 164 -20.51 27.68 -6.80
C GLN D 164 -21.33 28.10 -8.04
N PRO D 165 -22.66 27.92 -8.01
CA PRO D 165 -23.43 28.38 -9.16
C PRO D 165 -23.34 29.90 -9.35
N GLU D 166 -23.48 30.69 -8.26
CA GLU D 166 -23.29 32.15 -8.31
C GLU D 166 -21.88 32.62 -7.87
N GLY D 167 -20.91 31.71 -7.99
CA GLY D 167 -19.53 31.95 -7.55
C GLY D 167 -18.75 33.07 -8.23
N GLU D 168 -17.85 33.67 -7.45
CA GLU D 168 -16.94 34.73 -7.92
C GLU D 168 -15.47 34.32 -7.78
N PRO D 169 -14.93 33.62 -8.80
CA PRO D 169 -13.57 33.10 -8.74
C PRO D 169 -12.56 34.17 -9.22
N GLU D 170 -12.47 35.25 -8.46
CA GLU D 170 -11.53 36.31 -8.77
C GLU D 170 -10.53 36.51 -7.64
N TYR D 171 -9.27 36.20 -7.93
CA TYR D 171 -8.20 36.28 -6.97
C TYR D 171 -6.96 36.94 -7.55
N GLN D 172 -7.12 38.15 -8.08
CA GLN D 172 -6.00 38.92 -8.59
C GLN D 172 -5.03 39.29 -7.48
N ILE D 173 -3.77 39.39 -7.82
CA ILE D 173 -2.72 39.73 -6.87
C ILE D 173 -2.96 41.08 -6.20
N TYR D 174 -3.62 41.99 -6.91
CA TYR D 174 -4.05 43.27 -6.37
C TYR D 174 -4.67 43.17 -5.00
N ALA D 175 -5.43 42.10 -4.78
CA ALA D 175 -6.14 41.90 -3.52
C ALA D 175 -5.20 41.79 -2.33
N LEU D 176 -4.02 41.21 -2.54
CA LEU D 176 -3.01 41.13 -1.47
C LEU D 176 -2.39 42.48 -1.16
N GLU D 177 -2.06 43.27 -2.18
CA GLU D 177 -1.60 44.65 -1.96
C GLU D 177 -2.58 45.41 -1.07
N LYS D 178 -3.86 45.21 -1.33
CA LYS D 178 -4.91 45.86 -0.59
C LYS D 178 -4.95 45.34 0.84
N LEU D 179 -4.94 44.02 0.98
CA LEU D 179 -4.97 43.36 2.29
C LEU D 179 -3.85 43.86 3.17
N ARG D 180 -2.67 44.02 2.57
CA ARG D 180 -1.47 44.41 3.28
C ARG D 180 -1.58 45.84 3.80
N ASP D 181 -2.12 46.74 2.98
CA ASP D 181 -2.45 48.10 3.41
C ASP D 181 -3.50 48.11 4.50
N ILE D 182 -4.54 47.30 4.36
CA ILE D 182 -5.60 47.27 5.35
C ILE D 182 -5.09 46.79 6.70
N SER D 183 -4.08 45.91 6.68
CA SER D 183 -3.42 45.49 7.93
C SER D 183 -2.71 46.65 8.64
N LYS D 184 -2.19 47.61 7.86
CA LYS D 184 -1.58 48.84 8.40
C LYS D 184 -2.47 49.56 9.41
N GLU D 185 -3.74 49.65 9.04
CA GLU D 185 -4.69 50.52 9.71
C GLU D 185 -5.59 49.78 10.69
N LEU D 186 -5.48 48.45 10.73
CA LEU D 186 -6.40 47.66 11.50
C LEU D 186 -5.89 47.53 12.93
N SER D 187 -6.80 47.57 13.89
CA SER D 187 -6.46 47.45 15.29
C SER D 187 -6.17 46.01 15.75
N VAL D 188 -6.59 45.02 14.96
CA VAL D 188 -6.49 43.60 15.32
C VAL D 188 -5.73 42.81 14.24
N PRO D 189 -5.22 41.61 14.56
CA PRO D 189 -4.49 40.88 13.53
C PRO D 189 -5.39 40.15 12.52
N ILE D 190 -4.83 39.85 11.35
CA ILE D 190 -5.50 39.12 10.29
C ILE D 190 -5.05 37.66 10.25
N ILE D 191 -6.02 36.75 10.19
CA ILE D 191 -5.75 35.34 9.87
C ILE D 191 -6.25 35.07 8.44
N VAL D 192 -5.41 34.43 7.62
CA VAL D 192 -5.86 33.90 6.34
C VAL D 192 -6.13 32.38 6.47
N LYS D 193 -7.35 31.99 6.12
CA LYS D 193 -7.82 30.62 6.26
C LYS D 193 -8.35 30.08 4.94
N GLU D 194 -8.24 28.78 4.73
CA GLU D 194 -8.79 28.19 3.55
C GLU D 194 -10.21 27.72 3.91
N SER D 195 -10.81 26.90 3.06
CA SER D 195 -12.19 26.45 3.27
C SER D 195 -12.43 25.03 2.79
N GLY D 196 -11.62 24.10 3.31
CA GLY D 196 -11.74 22.71 2.93
C GLY D 196 -10.72 22.24 1.90
N ASN D 197 -9.91 23.15 1.37
CA ASN D 197 -8.96 22.75 0.35
C ASN D 197 -7.46 22.96 0.67
N GLY D 198 -7.18 23.57 1.81
CA GLY D 198 -5.81 23.65 2.33
C GLY D 198 -4.86 24.72 1.79
N ILE D 199 -3.87 25.04 2.61
CA ILE D 199 -2.86 26.02 2.27
C ILE D 199 -1.57 25.30 1.93
N SER D 200 -1.09 25.53 0.71
CA SER D 200 0.17 24.96 0.22
C SER D 200 1.30 25.81 0.71
N MET D 201 2.52 25.33 0.59
CA MET D 201 3.66 26.17 0.94
C MET D 201 3.92 27.34 0.01
N GLU D 202 3.54 27.22 -1.27
CA GLU D 202 3.59 28.36 -2.19
C GLU D 202 2.66 29.44 -1.71
N THR D 203 1.40 29.08 -1.44
CA THR D 203 0.39 30.04 -0.98
C THR D 203 0.78 30.67 0.36
N ALA D 204 1.26 29.85 1.29
CA ALA D 204 1.72 30.36 2.56
C ALA D 204 2.83 31.41 2.36
N LYS D 205 3.87 31.05 1.60
CA LYS D 205 5.00 31.94 1.36
C LYS D 205 4.56 33.26 0.72
N LEU D 206 3.67 33.18 -0.26
CA LEU D 206 3.18 34.36 -0.92
C LEU D 206 2.46 35.26 0.06
N LEU D 207 1.54 34.68 0.82
CA LEU D 207 0.82 35.42 1.85
C LEU D 207 1.78 36.06 2.85
N TYR D 208 2.80 35.31 3.24
CA TYR D 208 3.79 35.79 4.19
C TYR D 208 4.55 36.97 3.64
N SER D 209 4.87 36.93 2.35
CA SER D 209 5.59 38.02 1.71
C SER D 209 4.75 39.31 1.70
N TYR D 210 3.47 39.20 2.01
CA TYR D 210 2.59 40.37 2.09
C TYR D 210 2.27 40.71 3.55
N GLY D 211 3.08 40.17 4.47
CA GLY D 211 2.95 40.42 5.90
C GLY D 211 1.97 39.55 6.67
N ILE D 212 1.43 38.51 6.06
CA ILE D 212 0.52 37.62 6.75
C ILE D 212 1.27 36.61 7.61
N LYS D 213 0.93 36.57 8.90
CA LYS D 213 1.65 35.77 9.89
C LYS D 213 0.81 34.66 10.54
N ASN D 214 -0.51 34.73 10.35
CA ASN D 214 -1.44 33.79 10.97
C ASN D 214 -2.23 33.03 9.93
N PHE D 215 -2.16 31.71 10.00
CA PHE D 215 -2.77 30.86 8.99
C PHE D 215 -3.68 29.82 9.63
N ASP D 216 -4.74 29.50 8.93
CA ASP D 216 -5.65 28.43 9.30
C ASP D 216 -5.75 27.47 8.10
N THR D 217 -5.20 26.28 8.27
CA THR D 217 -4.98 25.36 7.15
C THR D 217 -6.24 25.00 6.37
N SER D 218 -7.29 24.62 7.12
CA SER D 218 -8.54 24.15 6.51
C SER D 218 -8.28 23.26 5.30
N GLY D 219 -7.68 22.11 5.53
CA GLY D 219 -7.33 21.18 4.46
C GLY D 219 -8.49 20.28 4.09
N GLN D 220 -8.28 19.44 3.08
CA GLN D 220 -9.31 18.48 2.67
C GLN D 220 -9.40 17.34 3.69
N GLY D 221 -10.52 16.62 3.68
CA GLY D 221 -10.74 15.52 4.62
C GLY D 221 -11.85 15.80 5.62
N GLY D 222 -12.18 17.09 5.73
CA GLY D 222 -13.32 17.52 6.52
C GLY D 222 -14.41 17.92 5.57
N THR D 223 -15.17 18.95 5.98
CA THR D 223 -16.22 19.50 5.14
C THR D 223 -15.72 19.71 3.70
N ASN D 224 -16.41 19.08 2.77
CA ASN D 224 -16.03 19.14 1.38
C ASN D 224 -16.84 20.19 0.69
N TRP D 225 -16.24 21.36 0.53
CA TRP D 225 -16.92 22.52 -0.02
C TRP D 225 -17.18 22.45 -1.52
N ILE D 226 -16.28 21.79 -2.24
CA ILE D 226 -16.58 21.42 -3.60
C ILE D 226 -17.86 20.56 -3.62
N ALA D 227 -17.98 19.59 -2.69
CA ALA D 227 -19.16 18.72 -2.65
C ALA D 227 -20.42 19.51 -2.37
N ILE D 228 -20.34 20.48 -1.47
CA ILE D 228 -21.53 21.25 -1.09
C ILE D 228 -22.07 22.03 -2.28
N GLU D 229 -21.17 22.70 -2.99
CA GLU D 229 -21.57 23.41 -4.17
C GLU D 229 -22.03 22.46 -5.26
N MET D 230 -21.42 21.28 -5.38
CA MET D 230 -21.90 20.27 -6.32
C MET D 230 -23.37 19.94 -6.03
N ILE D 231 -23.70 19.77 -4.76
CA ILE D 231 -25.08 19.47 -4.36
C ILE D 231 -25.99 20.63 -4.76
N ARG D 232 -25.53 21.86 -4.56
CA ARG D 232 -26.32 23.01 -4.95
C ARG D 232 -26.49 23.02 -6.47
N ASP D 233 -25.44 22.62 -7.16
CA ASP D 233 -25.48 22.51 -8.60
C ASP D 233 -26.48 21.47 -9.05
N ILE D 234 -26.38 20.25 -8.50
CA ILE D 234 -27.32 19.17 -8.83
C ILE D 234 -28.75 19.70 -8.72
N ARG D 235 -28.96 20.46 -7.64
CA ARG D 235 -30.27 20.95 -7.26
C ARG D 235 -30.83 21.98 -8.20
N ARG D 236 -29.96 22.75 -8.84
CA ARG D 236 -30.38 23.70 -9.84
C ARG D 236 -30.29 23.14 -11.24
N GLY D 237 -30.11 21.83 -11.36
CA GLY D 237 -29.75 21.19 -12.64
C GLY D 237 -28.63 21.89 -13.40
N ASN D 238 -27.74 22.58 -12.67
CA ASN D 238 -26.55 23.21 -13.26
C ASN D 238 -25.58 22.12 -13.69
N TRP D 239 -25.09 22.24 -14.93
CA TRP D 239 -24.19 21.24 -15.56
C TRP D 239 -22.83 21.07 -14.85
N LYS D 240 -22.40 22.12 -14.13
CA LYS D 240 -21.16 22.13 -13.34
C LYS D 240 -21.10 20.98 -12.34
N ALA D 241 -22.27 20.47 -11.96
CA ALA D 241 -22.37 19.37 -11.02
C ALA D 241 -21.41 18.23 -11.30
N GLU D 242 -21.33 17.80 -12.55
CA GLU D 242 -20.50 16.65 -12.88
C GLU D 242 -19.03 16.98 -12.87
N SER D 243 -18.70 18.18 -13.32
CA SER D 243 -17.32 18.66 -13.23
C SER D 243 -16.82 18.66 -11.79
N ALA D 244 -17.63 19.23 -10.90
CA ALA D 244 -17.38 19.24 -9.48
C ALA D 244 -17.05 17.84 -9.00
N LYS D 245 -17.89 16.87 -9.36
CA LYS D 245 -17.66 15.48 -8.97
C LYS D 245 -16.21 15.04 -9.20
N ASN D 246 -15.58 15.50 -10.28
CA ASN D 246 -14.20 15.16 -10.59
C ASN D 246 -13.17 15.82 -9.68
N PHE D 247 -13.62 16.79 -8.91
CA PHE D 247 -12.72 17.55 -8.05
C PHE D 247 -12.93 17.28 -6.58
N LEU D 248 -13.71 16.24 -6.26
CA LEU D 248 -14.12 15.97 -4.89
C LEU D 248 -12.94 15.75 -3.95
N ASP D 249 -11.81 15.33 -4.50
CA ASP D 249 -10.61 15.09 -3.69
C ASP D 249 -9.48 16.07 -4.04
N TRP D 250 -9.84 17.19 -4.67
CA TRP D 250 -8.92 18.28 -4.91
C TRP D 250 -8.56 18.92 -3.57
N GLY D 251 -7.29 19.27 -3.40
CA GLY D 251 -6.83 20.07 -2.26
C GLY D 251 -5.64 19.49 -1.54
N VAL D 252 -5.12 20.22 -0.56
CA VAL D 252 -4.07 19.69 0.30
C VAL D 252 -4.74 19.06 1.51
N PRO D 253 -4.45 17.77 1.80
CA PRO D 253 -4.97 17.17 3.02
C PRO D 253 -4.46 17.95 4.26
N THR D 254 -5.32 18.08 5.26
CA THR D 254 -5.04 18.90 6.42
C THR D 254 -3.65 18.66 6.96
N ALA D 255 -3.32 17.41 7.24
CA ALA D 255 -2.05 17.04 7.82
C ALA D 255 -0.92 17.57 6.96
N ALA D 256 -1.02 17.38 5.65
CA ALA D 256 0.01 17.83 4.76
C ALA D 256 0.14 19.34 4.84
N SER D 257 -1.01 20.01 4.90
CA SER D 257 -1.06 21.48 4.94
C SER D 257 -0.36 22.00 6.18
N ILE D 258 -0.67 21.42 7.33
CA ILE D 258 -0.01 21.78 8.57
C ILE D 258 1.51 21.70 8.38
N MET D 259 2.01 20.57 7.90
CA MET D 259 3.43 20.46 7.66
C MET D 259 3.90 21.56 6.74
N GLU D 260 3.22 21.72 5.61
CA GLU D 260 3.65 22.64 4.58
C GLU D 260 3.79 24.05 5.12
N VAL D 261 2.77 24.52 5.84
CA VAL D 261 2.80 25.87 6.41
C VAL D 261 3.89 26.02 7.47
N ARG D 262 3.91 25.13 8.46
CA ARG D 262 4.91 25.16 9.54
C ARG D 262 6.32 25.19 8.99
N TYR D 263 6.54 24.42 7.93
CA TYR D 263 7.85 24.29 7.33
C TYR D 263 8.21 25.53 6.55
N SER D 264 7.29 26.04 5.75
CA SER D 264 7.60 27.17 4.88
C SER D 264 7.63 28.51 5.62
N VAL D 265 6.87 28.61 6.69
CA VAL D 265 6.92 29.80 7.52
C VAL D 265 6.90 29.40 8.98
N PRO D 266 8.10 29.12 9.52
CA PRO D 266 8.25 28.50 10.83
C PRO D 266 7.58 29.33 11.94
N ASP D 267 7.90 30.62 11.99
CA ASP D 267 7.43 31.54 13.01
C ASP D 267 5.93 31.88 12.89
N SER D 268 5.17 31.13 12.10
CA SER D 268 3.75 31.47 11.94
C SER D 268 2.89 31.09 13.16
N PHE D 269 1.78 31.79 13.34
CA PHE D 269 0.76 31.30 14.24
C PHE D 269 -0.20 30.50 13.37
N LEU D 270 -0.43 29.23 13.73
CA LEU D 270 -1.04 28.29 12.81
C LEU D 270 -2.18 27.51 13.41
N VAL D 271 -3.40 27.74 12.91
CA VAL D 271 -4.55 26.89 13.23
C VAL D 271 -4.59 25.66 12.30
N GLY D 272 -4.70 24.46 12.86
CA GLY D 272 -4.80 23.23 12.07
C GLY D 272 -6.24 22.78 12.02
N SER D 273 -6.89 22.98 10.88
CA SER D 273 -8.31 22.66 10.78
C SER D 273 -8.59 21.96 9.47
N GLY D 274 -9.78 21.39 9.36
CA GLY D 274 -10.20 20.65 8.16
C GLY D 274 -10.37 19.21 8.53
N GLY D 275 -11.58 18.84 8.96
CA GLY D 275 -11.84 17.47 9.34
C GLY D 275 -11.28 17.05 10.69
N ILE D 276 -11.10 18.01 11.62
CA ILE D 276 -10.77 17.68 13.01
C ILE D 276 -12.05 17.19 13.68
N ARG D 277 -12.08 15.90 14.04
CA ARG D 277 -13.34 15.31 14.54
C ARG D 277 -13.29 14.83 15.98
N SER D 278 -12.09 14.68 16.53
CA SER D 278 -11.93 14.22 17.91
C SER D 278 -10.82 15.01 18.58
N GLY D 279 -10.71 14.87 19.90
CA GLY D 279 -9.58 15.45 20.62
C GLY D 279 -8.28 14.79 20.20
N LEU D 280 -8.33 13.54 19.74
CA LEU D 280 -7.14 12.87 19.20
C LEU D 280 -6.69 13.59 17.93
N ASP D 281 -7.64 13.94 17.07
CA ASP D 281 -7.34 14.69 15.86
C ASP D 281 -6.72 16.01 16.23
N ALA D 282 -7.32 16.69 17.21
CA ALA D 282 -6.80 17.97 17.68
C ALA D 282 -5.36 17.77 18.15
N ALA D 283 -5.14 16.73 18.95
CA ALA D 283 -3.81 16.41 19.45
C ALA D 283 -2.81 16.19 18.34
N LYS D 284 -3.15 15.36 17.36
CA LYS D 284 -2.27 15.08 16.20
C LYS D 284 -1.90 16.37 15.47
N ALA D 285 -2.91 17.22 15.22
CA ALA D 285 -2.71 18.46 14.49
C ALA D 285 -1.71 19.40 15.19
N ILE D 286 -1.88 19.55 16.51
CA ILE D 286 -0.99 20.36 17.33
C ILE D 286 0.41 19.76 17.35
N ALA D 287 0.49 18.48 17.71
CA ALA D 287 1.74 17.71 17.69
C ALA D 287 2.49 17.89 16.37
N LEU D 288 1.75 17.79 15.27
CA LEU D 288 2.31 17.86 13.93
C LEU D 288 2.89 19.22 13.60
N GLY D 289 2.36 20.28 14.18
CA GLY D 289 2.91 21.59 13.89
C GLY D 289 1.97 22.75 14.12
N ALA D 290 0.69 22.46 14.35
CA ALA D 290 -0.31 23.50 14.60
C ALA D 290 -0.16 24.09 16.00
N ASP D 291 -0.53 25.36 16.14
CA ASP D 291 -0.50 26.00 17.43
C ASP D 291 -1.82 25.70 18.12
N ILE D 292 -2.89 25.72 17.35
CA ILE D 292 -4.19 25.38 17.89
C ILE D 292 -4.96 24.61 16.82
N ALA D 293 -5.93 23.79 17.25
CA ALA D 293 -6.74 23.00 16.33
C ALA D 293 -8.05 23.68 16.09
N GLY D 294 -8.53 23.63 14.85
CA GLY D 294 -9.81 24.27 14.46
C GLY D 294 -10.93 23.34 14.03
N MET D 295 -12.15 23.63 14.46
CA MET D 295 -13.29 22.79 14.14
C MET D 295 -14.45 23.63 13.67
N ALA D 296 -15.21 23.09 12.72
CA ALA D 296 -16.44 23.73 12.26
C ALA D 296 -17.64 22.79 12.29
N LEU D 297 -17.75 21.92 11.28
CA LEU D 297 -18.92 21.03 11.07
C LEU D 297 -19.45 20.32 12.31
N PRO D 298 -18.58 19.60 13.08
CA PRO D 298 -19.15 18.89 14.24
C PRO D 298 -19.77 19.81 15.30
N VAL D 299 -19.24 21.03 15.43
CA VAL D 299 -19.83 22.06 16.30
C VAL D 299 -21.23 22.47 15.78
N LEU D 300 -21.35 22.68 14.47
CA LEU D 300 -22.63 23.00 13.85
C LEU D 300 -23.65 21.94 14.18
N LYS D 301 -23.30 20.70 13.90
CA LYS D 301 -24.21 19.56 14.10
C LYS D 301 -24.72 19.44 15.53
N SER D 302 -23.84 19.67 16.51
CA SER D 302 -24.24 19.69 17.92
C SER D 302 -25.10 20.87 18.31
N ALA D 303 -24.69 22.08 17.94
CA ALA D 303 -25.49 23.28 18.20
C ALA D 303 -26.92 23.15 17.65
N ILE D 304 -27.05 22.48 16.52
CA ILE D 304 -28.36 22.31 15.93
C ILE D 304 -29.20 21.47 16.87
N GLU D 305 -28.58 20.52 17.55
CA GLU D 305 -29.28 19.66 18.49
C GLU D 305 -29.56 20.33 19.83
N GLY D 306 -28.95 21.47 20.10
CA GLY D 306 -29.21 22.19 21.33
C GLY D 306 -27.98 22.44 22.17
N LYS D 307 -28.10 23.38 23.11
CA LYS D 307 -27.00 23.82 23.96
C LYS D 307 -26.22 22.68 24.63
N GLU D 308 -26.91 21.85 25.42
CA GLU D 308 -26.24 20.81 26.22
C GLU D 308 -25.63 19.71 25.36
N SER D 309 -26.26 19.43 24.23
CA SER D 309 -25.68 18.54 23.23
C SER D 309 -24.27 19.01 22.80
N LEU D 310 -24.13 20.32 22.61
CA LEU D 310 -22.85 20.94 22.32
C LEU D 310 -21.89 21.02 23.51
N GLU D 311 -22.42 21.18 24.72
CA GLU D 311 -21.59 21.17 25.92
C GLU D 311 -20.97 19.79 26.13
N GLN D 312 -21.78 18.75 25.89
CA GLN D 312 -21.29 17.38 25.97
C GLN D 312 -20.20 17.15 24.93
N PHE D 313 -20.39 17.71 23.74
CA PHE D 313 -19.41 17.62 22.67
C PHE D 313 -18.07 18.20 23.09
N PHE D 314 -18.08 19.42 23.62
CA PHE D 314 -16.82 20.01 24.03
C PHE D 314 -16.15 19.24 25.15
N ARG D 315 -16.94 18.67 26.07
CA ARG D 315 -16.38 17.83 27.12
C ARG D 315 -15.63 16.63 26.53
N LYS D 316 -16.29 15.92 25.60
CA LYS D 316 -15.74 14.78 24.87
C LYS D 316 -14.44 15.15 24.16
N ILE D 317 -14.45 16.27 23.44
CA ILE D 317 -13.26 16.77 22.76
C ILE D 317 -12.15 17.04 23.78
N ILE D 318 -12.46 17.81 24.81
CA ILE D 318 -11.45 18.18 25.81
C ILE D 318 -10.82 16.94 26.45
N PHE D 319 -11.68 16.05 26.94
CA PHE D 319 -11.21 14.80 27.52
C PHE D 319 -10.28 14.02 26.59
N GLU D 320 -10.74 13.81 25.35
CA GLU D 320 -9.95 13.14 24.33
C GLU D 320 -8.58 13.77 24.20
N LEU D 321 -8.55 15.09 24.04
CA LEU D 321 -7.28 15.81 23.98
C LEU D 321 -6.39 15.50 25.18
N LYS D 322 -6.97 15.59 26.37
CA LYS D 322 -6.20 15.42 27.59
C LYS D 322 -5.65 14.00 27.66
N ALA D 323 -6.43 13.05 27.14
CA ALA D 323 -6.02 11.64 27.13
C ALA D 323 -4.81 11.49 26.25
N ALA D 324 -4.85 12.08 25.07
CA ALA D 324 -3.72 12.02 24.16
C ALA D 324 -2.50 12.68 24.81
N MET D 325 -2.74 13.75 25.55
CA MET D 325 -1.66 14.43 26.25
C MET D 325 -1.08 13.55 27.33
N MET D 326 -1.96 13.05 28.19
CA MET D 326 -1.60 12.06 29.19
C MET D 326 -0.74 10.97 28.58
N LEU D 327 -1.25 10.33 27.53
CA LEU D 327 -0.62 9.14 27.02
C LEU D 327 0.62 9.39 26.19
N THR D 328 0.98 10.66 26.04
CA THR D 328 2.27 11.02 25.44
C THR D 328 3.17 11.69 26.48
N GLY D 329 2.71 11.76 27.73
CA GLY D 329 3.43 12.46 28.77
C GLY D 329 3.63 13.93 28.45
N SER D 330 2.55 14.59 28.04
CA SER D 330 2.60 16.00 27.69
C SER D 330 1.87 16.78 28.75
N LYS D 331 2.63 17.45 29.64
CA LYS D 331 2.01 18.14 30.78
C LYS D 331 1.20 19.36 30.38
N ASP D 332 1.63 20.01 29.31
CA ASP D 332 0.98 21.21 28.79
C ASP D 332 1.04 21.25 27.25
N VAL D 333 0.43 22.28 26.66
CA VAL D 333 0.38 22.42 25.20
C VAL D 333 1.79 22.41 24.58
N ASP D 334 2.73 23.09 25.22
CA ASP D 334 4.11 23.11 24.69
C ASP D 334 4.75 21.74 24.56
N ALA D 335 4.53 20.91 25.59
CA ALA D 335 5.09 19.57 25.62
C ALA D 335 4.50 18.69 24.50
N LEU D 336 3.21 18.90 24.23
CA LEU D 336 2.50 18.20 23.14
C LEU D 336 3.08 18.58 21.78
N LYS D 337 3.26 19.90 21.57
CA LYS D 337 3.91 20.42 20.38
C LYS D 337 5.27 19.80 20.05
N LYS D 338 5.94 19.24 21.06
CA LYS D 338 7.24 18.56 20.81
C LYS D 338 7.31 17.08 21.21
N THR D 339 6.15 16.45 21.42
CA THR D 339 6.07 15.02 21.74
C THR D 339 6.45 14.16 20.53
N SER D 340 6.64 12.87 20.73
CA SER D 340 7.19 12.01 19.67
C SER D 340 6.12 11.45 18.72
N ILE D 341 6.36 11.61 17.42
CA ILE D 341 5.39 11.15 16.42
C ILE D 341 6.01 10.18 15.41
N VAL D 342 5.16 9.47 14.68
CA VAL D 342 5.58 8.69 13.53
C VAL D 342 4.77 9.21 12.35
N ILE D 343 5.44 9.45 11.24
CA ILE D 343 4.78 9.82 9.99
C ILE D 343 4.94 8.68 8.98
N LEU D 344 3.82 8.21 8.45
CA LEU D 344 3.77 7.00 7.64
C LEU D 344 3.27 7.30 6.23
N GLY D 345 3.14 6.23 5.45
CA GLY D 345 2.35 6.19 4.23
C GLY D 345 2.43 7.36 3.28
N LYS D 346 1.25 7.83 2.88
CA LYS D 346 1.13 8.84 1.85
C LYS D 346 1.54 10.21 2.32
N LEU D 347 1.34 10.51 3.61
CA LEU D 347 1.81 11.76 4.15
C LEU D 347 3.34 11.85 4.06
N LYS D 348 4.02 10.73 4.29
CA LYS D 348 5.47 10.68 4.19
C LYS D 348 5.92 10.94 2.75
N GLU D 349 5.26 10.25 1.81
CA GLU D 349 5.58 10.37 0.39
C GLU D 349 5.34 11.79 -0.08
N TRP D 350 4.25 12.39 0.39
CA TRP D 350 3.94 13.78 0.13
C TRP D 350 5.07 14.68 0.58
N ALA D 351 5.40 14.60 1.87
CA ALA D 351 6.43 15.45 2.46
C ALA D 351 7.77 15.31 1.73
N GLU D 352 8.15 14.07 1.38
CA GLU D 352 9.42 13.80 0.67
C GLU D 352 9.42 14.42 -0.70
N TYR D 353 8.37 14.20 -1.46
CA TYR D 353 8.30 14.79 -2.78
C TYR D 353 8.31 16.32 -2.75
N ARG D 354 7.68 16.91 -1.76
CA ARG D 354 7.58 18.35 -1.68
C ARG D 354 8.84 18.94 -1.03
N GLY D 355 9.87 18.12 -0.88
CA GLY D 355 11.17 18.55 -0.38
C GLY D 355 11.16 18.90 1.09
N ILE D 356 10.13 18.48 1.81
CA ILE D 356 10.14 18.67 3.27
C ILE D 356 11.11 17.67 3.90
N ASN D 357 12.26 18.20 4.31
CA ASN D 357 13.27 17.39 4.97
C ASN D 357 12.79 16.94 6.36
N LEU D 358 12.60 15.62 6.56
CA LEU D 358 12.10 15.12 7.86
C LEU D 358 13.02 15.45 9.06
N SER D 359 14.33 15.45 8.85
CA SER D 359 15.24 15.90 9.87
C SER D 359 14.99 17.35 10.26
N ILE D 360 15.18 18.28 9.31
CA ILE D 360 15.02 19.71 9.59
C ILE D 360 13.57 20.06 9.97
N TYR D 361 12.61 19.23 9.56
CA TYR D 361 11.20 19.39 10.01
C TYR D 361 10.99 19.15 11.51
N GLU D 362 11.52 18.03 12.03
CA GLU D 362 11.43 17.70 13.45
C GLU D 362 11.95 18.85 14.32
N LYS D 363 12.99 19.53 13.83
CA LYS D 363 13.57 20.68 14.50
C LYS D 363 12.60 21.86 14.51
N VAL D 364 12.06 22.22 13.33
CA VAL D 364 11.12 23.35 13.19
C VAL D 364 9.84 23.23 14.05
N ARG D 365 9.28 22.02 14.16
CA ARG D 365 8.08 21.82 14.97
C ARG D 365 8.32 21.91 16.48
N LYS D 366 9.58 22.00 16.92
CA LYS D 366 9.87 22.14 18.36
C LYS D 366 10.19 23.57 18.88
N1 FMN E . -5.46 5.04 -33.12
C2 FMN E . -4.77 4.93 -34.29
O2 FMN E . -3.64 5.42 -34.39
N3 FMN E . -5.38 4.50 -35.41
C4 FMN E . -6.63 3.98 -35.44
O4 FMN E . -7.23 3.90 -36.54
C4A FMN E . -7.38 3.92 -34.15
N5 FMN E . -8.60 3.39 -34.01
C5A FMN E . -9.37 3.63 -32.92
C6 FMN E . -10.71 3.24 -32.93
C7 FMN E . -11.51 3.42 -31.79
C7M FMN E . -12.96 3.01 -31.86
C8 FMN E . -10.95 3.95 -30.63
C8M FMN E . -11.72 4.08 -29.36
C9 FMN E . -9.60 4.30 -30.62
C9A FMN E . -8.78 4.11 -31.75
N10 FMN E . -7.40 4.52 -31.74
C10 FMN E . -6.68 4.48 -32.96
C1' FMN E . -6.63 4.66 -30.49
C2' FMN E . -6.70 6.09 -29.94
O2' FMN E . -6.20 7.03 -30.91
C3' FMN E . -5.95 6.25 -28.61
O3' FMN E . -4.54 6.28 -28.83
C4' FMN E . -6.29 5.17 -27.59
O4' FMN E . -7.61 4.63 -27.80
C5' FMN E . -6.16 5.71 -26.18
O5' FMN E . -7.01 6.83 -25.96
P FMN E . -8.43 6.76 -25.19
O1P FMN E . -8.71 8.18 -24.82
O2P FMN E . -8.17 5.84 -24.02
O3P FMN E . -9.39 6.19 -26.20
C1 DMA F . -6.41 0.38 -35.87
O1 DMA F . -5.95 -0.96 -36.00
C2 DMA F . -6.57 0.68 -34.41
C3 DMA F . -5.57 1.09 -33.62
C4 DMA F . -5.85 1.34 -32.18
C5 DMA F . -4.17 1.29 -34.13
PA DMA F . -5.97 -1.76 -37.41
O1A DMA F . -7.39 -2.07 -37.77
O2A DMA F . -4.97 -2.89 -37.27
O3A DMA F . -5.41 -0.63 -38.42
PB DMA F . -5.09 -0.86 -39.99
O1B DMA F . -4.75 -2.32 -40.10
O2B DMA F . -3.91 0.08 -40.20
O3B DMA F . -6.35 -0.46 -40.74
MG MG G . -3.21 -3.26 -38.25
N1 FMN H . 8.63 -32.16 -6.78
C2 FMN H . 9.57 -33.05 -6.38
O2 FMN H . 10.76 -32.67 -6.33
N3 FMN H . 9.30 -34.35 -6.19
C4 FMN H . 8.03 -34.82 -6.19
O4 FMN H . 7.83 -36.07 -6.22
C4A FMN H . 6.92 -33.88 -6.49
N5 FMN H . 5.60 -34.18 -6.39
C5A FMN H . 4.64 -33.37 -6.84
C6 FMN H . 3.33 -33.83 -6.90
C7 FMN H . 2.33 -33.03 -7.43
C7M FMN H . 0.94 -33.61 -7.56
C8 FMN H . 2.59 -31.69 -7.73
C8M FMN H . 1.51 -30.75 -8.21
C9 FMN H . 3.88 -31.17 -7.52
C9A FMN H . 4.93 -32.02 -7.13
N10 FMN H . 6.28 -31.56 -7.08
C10 FMN H . 7.31 -32.48 -6.76
C1' FMN H . 6.58 -30.13 -6.88
C2' FMN H . 6.84 -29.47 -8.23
O2' FMN H . 7.95 -30.08 -8.88
C3' FMN H . 7.10 -27.95 -8.11
O3' FMN H . 8.45 -27.71 -7.66
C4' FMN H . 6.07 -27.22 -7.23
O4' FMN H . 4.81 -27.90 -7.23
C5' FMN H . 5.84 -25.77 -7.67
O5' FMN H . 5.41 -25.71 -9.03
P FMN H . 3.90 -25.43 -9.49
O1P FMN H . 4.06 -25.02 -10.94
O2P FMN H . 3.41 -24.35 -8.55
O3P FMN H . 3.23 -26.76 -9.29
C1 DMA I . 6.97 -35.40 -2.82
O1 DMA I . 6.89 -35.53 -1.40
C2 DMA I . 6.46 -34.02 -3.16
C3 DMA I . 7.24 -32.92 -3.18
C4 DMA I . 6.59 -31.62 -3.53
C5 DMA I . 8.70 -32.95 -2.85
PA DMA I . 7.09 -36.94 -0.63
O1A DMA I . 5.84 -37.77 -0.87
O2A DMA I . 7.54 -36.60 0.78
O3A DMA I . 8.34 -37.62 -1.44
PB DMA I . 9.05 -39.04 -1.07
O1B DMA I . 8.86 -39.19 0.44
O2B DMA I . 10.48 -38.73 -1.49
O3B DMA I . 8.35 -40.08 -1.90
MG MG J . 9.22 -37.52 1.87
N1 FMN K . -1.31 -7.59 33.08
C2 FMN K . -0.94 -7.06 34.27
O2 FMN K . 0.21 -6.61 34.41
N3 FMN K . -1.68 -7.21 35.38
C4 FMN K . -2.94 -7.69 35.35
O4 FMN K . -3.52 -8.01 36.41
C4A FMN K . -3.47 -8.20 34.05
N5 FMN K . -4.73 -8.61 33.88
C5A FMN K . -5.11 -9.25 32.75
C6 FMN K . -6.37 -9.84 32.69
C7 FMN K . -6.81 -10.52 31.55
C7M FMN K . -8.13 -11.25 31.63
C8 FMN K . -5.98 -10.53 30.41
C8M FMN K . -6.39 -11.21 29.14
C9 FMN K . -4.77 -9.84 30.43
C9A FMN K . -4.30 -9.21 31.60
N10 FMN K . -3.00 -8.60 31.66
C10 FMN K . -2.56 -8.06 32.88
C1' FMN K . -2.30 -8.13 30.46
C2' FMN K . -1.37 -9.21 29.92
O2' FMN K . -0.42 -9.58 30.92
C3' FMN K . -0.66 -8.80 28.61
O3' FMN K . 0.39 -7.86 28.85
C4' FMN K . -1.61 -8.26 27.54
O4' FMN K . -2.91 -8.84 27.68
C5' FMN K . -1.09 -8.55 26.14
O5' FMN K . -0.99 -9.96 25.93
P FMN K . -2.08 -10.84 25.10
O1P FMN K . -1.24 -12.06 24.78
O2P FMN K . -2.46 -10.06 23.89
O3P FMN K . -3.21 -11.07 26.09
C1 DMA L . -5.25 -4.91 35.56
O1 DMA L . -5.86 -3.63 35.68
C2 DMA L . -5.10 -5.21 34.08
C3 DMA L . -4.06 -4.79 33.32
C4 DMA L . -4.06 -5.16 31.87
C5 DMA L . -2.92 -4.00 33.87
PA DMA L . -6.50 -3.06 37.05
O1A DMA L . -7.78 -3.83 37.35
O2A DMA L . -6.54 -1.55 36.92
O3A DMA L . -5.33 -3.47 38.10
PB DMA L . -5.32 -3.09 39.67
O1B DMA L . -6.07 -1.75 39.71
O2B DMA L . -3.83 -2.96 39.93
O3B DMA L . -6.00 -4.25 40.39
MG MG M . -5.16 -0.43 38.18
N1 FMN N . -15.18 29.51 6.63
C2 FMN N . -15.05 30.85 6.34
O2 FMN N . -13.91 31.35 6.37
N3 FMN N . -16.11 31.67 6.22
C4 FMN N . -17.37 31.19 6.13
O4 FMN N . -18.31 32.00 6.25
C4A FMN N . -17.60 29.72 6.33
N5 FMN N . -18.79 29.10 6.17
C5A FMN N . -19.00 27.85 6.64
C6 FMN N . -20.31 27.37 6.73
C7 FMN N . -20.56 26.09 7.21
C7M FMN N . -21.99 25.62 7.32
C8 FMN N . -19.48 25.23 7.53
C8M FMN N . -19.69 23.78 7.90
C9 FMN N . -18.17 25.69 7.34
C9A FMN N . -17.90 27.01 6.92
N10 FMN N . -16.58 27.52 6.89
C10 FMN N . -16.39 28.89 6.57
C1' FMN N . -15.42 26.64 6.73
C2' FMN N . -14.83 26.24 8.09
O2' FMN N . -14.41 27.39 8.83
C3' FMN N . -13.67 25.27 7.96
O3' FMN N . -12.48 25.94 7.51
C4' FMN N . -13.99 24.09 7.04
O4' FMN N . -15.39 23.77 7.13
C5' FMN N . -13.18 22.86 7.45
O5' FMN N . -13.50 22.51 8.80
P FMN N . -14.46 21.27 9.18
O1P FMN N . -14.10 20.96 10.62
O2P FMN N . -14.09 20.17 8.21
O3P FMN N . -15.82 21.86 8.93
C1 DMA O . -18.81 31.03 2.57
O1 DMA O . -18.83 31.15 1.15
C2 DMA O . -18.29 29.64 2.92
C3 DMA O . -16.98 29.31 3.01
C4 DMA O . -16.63 27.91 3.34
C5 DMA O . -15.88 30.31 2.80
PA DMA O . -19.58 32.34 0.40
O1A DMA O . -21.06 32.14 0.57
O2A DMA O . -18.96 32.44 -0.97
O3A DMA O . -19.14 33.62 1.27
PB DMA O . -19.54 35.14 0.87
O1B DMA O . -19.65 35.15 -0.64
O2B DMA O . -18.32 35.91 1.38
O3B DMA O . -20.82 35.41 1.63
MG MG P . -18.00 34.22 -1.75
#